data_4Y97
#
_entry.id   4Y97
#
_cell.length_a   103.593
_cell.length_b   137.135
_cell.length_c   132.092
_cell.angle_alpha   90.00
_cell.angle_beta   100.97
_cell.angle_gamma   90.00
#
_symmetry.space_group_name_H-M   'P 1 21 1'
#
loop_
_entity.id
_entity.type
_entity.pdbx_description
1 polymer 'DNA polymerase alpha subunit B'
2 polymer 'DNA polymerase alpha catalytic subunit'
3 non-polymer 'ZINC ION'
4 water water
#
loop_
_entity_poly.entity_id
_entity_poly.type
_entity_poly.pdbx_seq_one_letter_code
_entity_poly.pdbx_strand_id
1 'polypeptide(L)'
;MSASAQQLAEELQIFGLDCEEALIEKLVELCVQYGQNEEGMVGELIAFCTSTHKVGLTSEILNSFEHEFLSKRLSKARHS
TCKDSGHAGARDIVSIQELIEVEEEEEILLNSYTTPSKGSQKRAISTPETPLTKRSVSTRSPHQLLSPSSFSPSATPSQK
YNSRSNRGEVVTSFGLAQGVSWSGRGGAGNISLKVLGCPEALTGSYKSMFQKLPDIREVLTCKIEELGSELKEHYKIEAF
TPLLAPAQEPVTLLGQIGCDSNGKLNNKSVILEGDREHSSGAQIPVDLSELKEYSLFPGQVVIMEGINTTGRKLVATKLY
EGVPLPFYQPTEEDADFEQSMVLVACGPYTTSDSITYDPLLDLIAVINHDRPDVCILFGPFLDAKHEQVENCLLTSPFED
IFKQCLRTIIEGTRSSGSHLVFVPSLRDVHHEPVYPQPPFSYSDLSREDKKQVQFVSEPCSLSINGVIFGLTSTDLLFHL
GAEEISSSSGTSDRFSRILKHILTQRSYYPLYPPQEDMAIDYESFYVYAQLPVTPDVLIIPSELRYFVKDVLGCVCVNPG
RLTKGQVGGTFARLYLRRPAADGAERQSPCIAVQVVRI
;
A,C,E,G
2 'polypeptide(L)'
;AQLTDEEKYRDCERFKCPCPTCGTENIYDNVFDGSGTDMEPSLYRCSNIDCKASPLTFTVQLSNKLIMDIRRFIKKYYDG
WLICEEPTCRNRTRHLPLQFSRTGPLCPACMKATLQPEYSDKSLYTQLCFYRYIFDAECALEKLTTDHEKDKLKKQFFTP
KVLQDYRKLKNTAEQFLSRS
;
B,D,F,H
#
loop_
_chem_comp.id
_chem_comp.type
_chem_comp.name
_chem_comp.formula
ZN non-polymer 'ZINC ION' 'Zn 2'
#
# COMPACT_ATOMS: atom_id res chain seq x y z
N PRO A 157 -21.91 -22.49 39.70
CA PRO A 157 -20.55 -23.04 39.83
C PRO A 157 -20.52 -24.53 39.48
N SER A 158 -19.42 -25.21 39.84
CA SER A 158 -19.08 -26.63 39.69
C SER A 158 -20.22 -27.55 39.24
N GLN A 159 -21.24 -26.93 38.67
CA GLN A 159 -22.44 -27.60 38.19
C GLN A 159 -22.11 -28.77 37.28
N LYS A 160 -21.39 -28.50 36.22
CA LYS A 160 -21.00 -29.52 35.24
C LYS A 160 -20.30 -30.69 35.90
N TYR A 161 -19.32 -30.39 36.76
CA TYR A 161 -18.56 -31.43 37.43
C TYR A 161 -19.37 -32.38 38.31
N ASN A 162 -20.28 -31.83 39.10
CA ASN A 162 -21.09 -32.65 40.00
C ASN A 162 -22.15 -33.49 39.30
N SER A 163 -22.49 -33.11 38.06
CA SER A 163 -23.51 -33.85 37.31
C SER A 163 -22.87 -34.88 36.38
N ARG A 164 -21.55 -34.97 36.40
CA ARG A 164 -20.85 -35.94 35.55
C ARG A 164 -21.44 -37.32 35.79
N SER A 165 -21.24 -38.22 34.83
CA SER A 165 -21.75 -39.58 34.96
C SER A 165 -20.68 -40.63 34.70
N ASN A 166 -19.45 -40.18 34.49
CA ASN A 166 -18.31 -41.07 34.23
C ASN A 166 -17.66 -41.59 35.50
N ARG A 167 -17.96 -40.94 36.62
CA ARG A 167 -17.43 -41.29 37.92
C ARG A 167 -16.97 -42.75 38.10
N GLY A 168 -15.70 -42.94 38.48
CA GLY A 168 -15.18 -44.28 38.72
C GLY A 168 -14.69 -45.07 37.53
N GLU A 169 -14.97 -44.56 36.33
CA GLU A 169 -14.57 -45.25 35.12
C GLU A 169 -13.06 -45.45 35.02
N VAL A 170 -12.64 -46.68 34.72
CA VAL A 170 -11.22 -46.96 34.56
C VAL A 170 -10.87 -46.68 33.10
N VAL A 171 -10.11 -45.61 32.86
CA VAL A 171 -9.72 -45.21 31.50
C VAL A 171 -8.42 -45.80 30.97
N THR A 172 -7.62 -46.40 31.84
CA THR A 172 -6.37 -47.01 31.41
C THR A 172 -5.99 -48.09 32.39
N SER A 173 -5.40 -49.17 31.87
CA SER A 173 -5.00 -50.28 32.70
C SER A 173 -3.61 -50.72 32.30
N PHE A 174 -2.81 -51.07 33.28
CA PHE A 174 -1.47 -51.53 33.01
C PHE A 174 -1.26 -52.75 33.89
N GLY A 175 -0.50 -53.71 33.38
CA GLY A 175 -0.22 -54.93 34.10
C GLY A 175 -1.45 -55.76 34.36
N LEU A 176 -1.32 -56.56 35.42
CA LEU A 176 -2.35 -57.45 35.92
C LEU A 176 -3.35 -56.62 36.72
N ALA A 177 -3.90 -55.57 36.10
CA ALA A 177 -4.85 -54.69 36.78
C ALA A 177 -6.01 -55.46 37.39
N GLN A 178 -6.29 -56.64 36.86
CA GLN A 178 -7.35 -57.48 37.40
C GLN A 178 -6.60 -58.60 38.10
N GLY A 179 -6.94 -58.85 39.35
CA GLY A 179 -6.22 -59.87 40.08
C GLY A 179 -5.66 -59.17 41.30
N VAL A 180 -6.13 -57.93 41.46
CA VAL A 180 -5.76 -57.09 42.59
C VAL A 180 -7.01 -56.29 42.94
N SER A 181 -7.43 -56.37 44.19
CA SER A 181 -8.57 -55.58 44.65
C SER A 181 -7.85 -54.30 44.95
N TRP A 182 -8.33 -53.20 44.40
CA TRP A 182 -7.65 -51.97 44.67
C TRP A 182 -7.94 -51.47 46.08
N SER A 183 -7.47 -52.26 47.04
CA SER A 183 -7.58 -51.99 48.47
C SER A 183 -6.19 -52.15 49.06
N GLY A 184 -5.84 -51.23 49.95
CA GLY A 184 -4.54 -51.32 50.59
C GLY A 184 -4.84 -51.84 51.99
N ARG A 185 -3.81 -52.14 52.77
CA ARG A 185 -4.05 -52.62 54.13
C ARG A 185 -4.23 -51.41 55.05
N GLY A 186 -4.31 -50.23 54.47
CA GLY A 186 -4.47 -49.02 55.25
C GLY A 186 -3.15 -48.67 55.91
N GLY A 187 -3.16 -48.48 57.23
CA GLY A 187 -1.93 -48.14 57.93
C GLY A 187 -1.15 -49.40 58.29
N ALA A 188 -1.85 -50.53 58.19
CA ALA A 188 -1.30 -51.83 58.52
C ALA A 188 0.13 -52.15 58.10
N GLY A 189 0.81 -52.83 59.01
CA GLY A 189 2.16 -53.28 58.79
C GLY A 189 3.26 -52.28 58.51
N ASN A 190 4.29 -52.81 57.86
CA ASN A 190 5.48 -52.07 57.50
C ASN A 190 5.35 -51.20 56.25
N ILE A 191 5.39 -49.90 56.45
CA ILE A 191 5.34 -48.95 55.35
C ILE A 191 6.60 -48.14 55.57
N SER A 192 7.52 -48.20 54.61
CA SER A 192 8.77 -47.48 54.72
C SER A 192 8.91 -46.40 53.65
N LEU A 193 8.81 -45.13 54.06
CA LEU A 193 8.94 -44.01 53.14
C LEU A 193 10.24 -43.26 53.38
N LYS A 194 11.16 -43.33 52.43
CA LYS A 194 12.44 -42.64 52.58
C LYS A 194 12.65 -41.71 51.39
N VAL A 195 13.07 -40.48 51.66
CA VAL A 195 13.35 -39.54 50.59
C VAL A 195 14.79 -39.75 50.15
N LEU A 196 15.03 -39.91 48.85
CA LEU A 196 16.37 -40.10 48.27
C LEU A 196 17.08 -38.81 47.88
N GLY A 197 18.35 -38.92 47.51
CA GLY A 197 19.08 -37.74 47.12
C GLY A 197 20.35 -38.06 46.38
N CYS A 198 20.94 -37.05 45.75
CA CYS A 198 22.19 -37.20 45.01
C CYS A 198 23.21 -36.37 45.75
N PRO A 199 24.10 -37.01 46.50
CA PRO A 199 25.10 -36.24 47.24
C PRO A 199 25.89 -35.36 46.28
N GLU A 200 26.58 -34.38 46.83
CA GLU A 200 27.36 -33.45 46.02
C GLU A 200 28.39 -32.77 46.92
N ALA A 201 29.59 -32.55 46.38
CA ALA A 201 30.67 -31.90 47.15
C ALA A 201 31.51 -30.97 46.27
N LEU A 202 30.90 -30.50 45.19
CA LEU A 202 31.55 -29.62 44.22
C LEU A 202 31.23 -28.14 44.44
N THR A 203 30.02 -27.89 44.96
CA THR A 203 29.50 -26.55 45.22
C THR A 203 30.16 -25.84 46.42
N GLY A 204 30.42 -24.53 46.25
CA GLY A 204 31.04 -23.73 47.30
C GLY A 204 30.08 -23.39 48.43
N SER A 205 30.62 -22.93 49.56
CA SER A 205 29.80 -22.59 50.72
C SER A 205 29.24 -21.18 50.85
N TYR A 206 29.56 -20.30 49.90
CA TYR A 206 29.05 -18.92 49.95
C TYR A 206 28.19 -18.66 48.74
N LYS A 207 26.88 -18.65 48.93
CA LYS A 207 25.96 -18.43 47.82
C LYS A 207 25.25 -17.05 47.89
N SER A 208 25.00 -16.45 46.74
CA SER A 208 24.30 -15.16 46.66
C SER A 208 22.81 -15.54 46.55
N MET A 209 21.90 -14.62 46.79
CA MET A 209 20.50 -15.03 46.70
C MET A 209 19.85 -14.85 45.35
N PHE A 210 20.62 -14.30 44.41
CA PHE A 210 20.16 -14.10 43.04
C PHE A 210 21.31 -14.58 42.18
N GLN A 211 21.03 -15.49 41.26
CA GLN A 211 22.07 -16.10 40.45
C GLN A 211 22.97 -15.17 39.67
N LYS A 212 24.25 -15.51 39.65
CA LYS A 212 25.20 -14.74 38.89
C LYS A 212 25.40 -15.56 37.61
N LEU A 213 25.40 -14.91 36.47
CA LEU A 213 25.59 -15.63 35.21
C LEU A 213 26.77 -16.61 35.24
N PRO A 214 27.92 -16.20 35.81
CA PRO A 214 29.06 -17.12 35.83
C PRO A 214 28.70 -18.44 36.54
N ASP A 215 27.77 -18.38 37.49
CA ASP A 215 27.35 -19.58 38.23
C ASP A 215 26.47 -20.48 37.37
N ILE A 216 25.56 -19.88 36.61
CA ILE A 216 24.70 -20.65 35.74
C ILE A 216 25.57 -21.34 34.70
N ARG A 217 26.51 -20.57 34.15
CA ARG A 217 27.46 -21.07 33.14
C ARG A 217 28.15 -22.32 33.68
N GLU A 218 28.56 -22.26 34.94
CA GLU A 218 29.24 -23.36 35.59
C GLU A 218 28.36 -24.60 35.66
N VAL A 219 27.12 -24.43 36.07
CA VAL A 219 26.21 -25.55 36.15
C VAL A 219 25.97 -26.21 34.79
N LEU A 220 25.78 -25.41 33.75
CA LEU A 220 25.56 -25.94 32.41
C LEU A 220 26.80 -26.64 31.86
N THR A 221 27.99 -26.10 32.11
CA THR A 221 29.19 -26.76 31.62
C THR A 221 29.36 -28.13 32.26
N CYS A 222 29.18 -28.19 33.58
CA CYS A 222 29.32 -29.44 34.32
C CYS A 222 28.30 -30.44 33.84
N LYS A 223 27.12 -29.95 33.46
CA LYS A 223 26.11 -30.85 32.98
C LYS A 223 26.66 -31.60 31.78
N ILE A 224 27.24 -30.85 30.85
CA ILE A 224 27.79 -31.41 29.62
C ILE A 224 28.98 -32.30 29.89
N GLU A 225 29.95 -31.75 30.60
CA GLU A 225 31.18 -32.44 30.90
C GLU A 225 30.98 -33.71 31.73
N GLU A 226 30.10 -33.65 32.71
CA GLU A 226 29.87 -34.80 33.57
C GLU A 226 29.20 -35.94 32.81
N LEU A 227 28.12 -35.65 32.09
CA LEU A 227 27.42 -36.69 31.34
C LEU A 227 28.31 -37.18 30.20
N GLY A 228 29.04 -36.26 29.58
CA GLY A 228 29.91 -36.63 28.47
C GLY A 228 31.00 -37.58 28.91
N SER A 229 31.49 -37.40 30.12
CA SER A 229 32.54 -38.26 30.64
C SER A 229 32.03 -39.70 30.78
N GLU A 230 30.76 -39.85 31.16
CA GLU A 230 30.17 -41.17 31.32
C GLU A 230 29.85 -41.81 29.98
N LEU A 231 29.33 -41.02 29.06
CA LEU A 231 29.01 -41.51 27.73
C LEU A 231 30.27 -41.97 27.00
N LYS A 232 31.35 -41.22 27.20
CA LYS A 232 32.64 -41.50 26.59
C LYS A 232 33.21 -42.84 27.06
N GLU A 233 32.96 -43.17 28.32
CA GLU A 233 33.42 -44.41 28.92
C GLU A 233 32.56 -45.57 28.45
N HIS A 234 31.27 -45.32 28.37
CA HIS A 234 30.30 -46.32 27.94
C HIS A 234 30.50 -46.72 26.50
N TYR A 235 30.59 -45.75 25.60
CA TYR A 235 30.78 -46.01 24.18
C TYR A 235 32.25 -46.08 23.80
N LYS A 236 33.12 -46.15 24.81
CA LYS A 236 34.56 -46.23 24.60
C LYS A 236 35.05 -45.29 23.51
N ILE A 237 34.66 -44.02 23.61
CA ILE A 237 35.09 -43.00 22.65
C ILE A 237 36.54 -42.74 23.05
N GLU A 238 37.39 -42.47 22.08
CA GLU A 238 38.79 -42.23 22.40
C GLU A 238 39.07 -40.77 22.72
N ALA A 239 38.49 -39.86 21.96
CA ALA A 239 38.74 -38.45 22.19
C ALA A 239 37.65 -37.55 21.64
N PHE A 240 37.42 -36.44 22.33
CA PHE A 240 36.45 -35.47 21.86
C PHE A 240 37.23 -34.39 21.14
N THR A 241 36.76 -34.00 19.96
CA THR A 241 37.42 -32.98 19.21
C THR A 241 36.75 -31.65 19.48
N PRO A 242 37.53 -30.57 19.51
CA PRO A 242 36.95 -29.23 19.75
C PRO A 242 35.96 -28.94 18.61
N LEU A 243 34.81 -28.34 18.91
CA LEU A 243 33.84 -28.06 17.86
C LEU A 243 34.38 -27.21 16.72
N LEU A 244 35.28 -26.28 17.03
CA LEU A 244 35.84 -25.40 15.99
C LEU A 244 37.07 -25.93 15.25
N ALA A 245 37.54 -27.12 15.59
CA ALA A 245 38.73 -27.68 14.94
C ALA A 245 38.30 -28.37 13.67
N PRO A 246 38.78 -27.89 12.50
CA PRO A 246 38.37 -28.53 11.25
C PRO A 246 39.16 -29.79 11.02
N ALA A 247 38.50 -30.77 10.42
CA ALA A 247 39.14 -32.06 10.12
C ALA A 247 38.54 -32.68 8.88
N GLN A 248 39.33 -33.52 8.22
CA GLN A 248 38.87 -34.18 7.01
C GLN A 248 38.22 -35.49 7.37
N GLU A 249 38.73 -36.11 8.44
CA GLU A 249 38.19 -37.37 8.92
C GLU A 249 37.06 -37.10 9.90
N PRO A 250 36.17 -38.09 10.09
CA PRO A 250 35.05 -37.91 11.01
C PRO A 250 35.52 -37.56 12.41
N VAL A 251 34.74 -36.74 13.11
CA VAL A 251 35.08 -36.34 14.47
C VAL A 251 33.91 -36.67 15.40
N THR A 252 34.21 -36.79 16.69
CA THR A 252 33.19 -37.09 17.69
C THR A 252 33.06 -35.85 18.57
N LEU A 253 31.92 -35.18 18.49
CA LEU A 253 31.71 -33.97 19.26
C LEU A 253 30.75 -34.11 20.43
N LEU A 254 31.09 -33.43 21.53
CA LEU A 254 30.30 -33.43 22.74
C LEU A 254 29.75 -32.05 22.90
N GLY A 255 28.47 -31.94 23.19
CA GLY A 255 27.89 -30.62 23.37
C GLY A 255 26.45 -30.66 23.80
N GLN A 256 25.83 -29.49 23.84
CA GLN A 256 24.45 -29.32 24.25
C GLN A 256 23.66 -28.84 23.05
N ILE A 257 22.56 -29.52 22.72
CA ILE A 257 21.74 -29.09 21.59
C ILE A 257 21.13 -27.72 21.90
N GLY A 258 20.90 -26.93 20.87
CA GLY A 258 20.33 -25.63 21.07
C GLY A 258 19.69 -25.19 19.78
N CYS A 259 18.97 -24.07 19.83
CA CYS A 259 18.33 -23.51 18.65
C CYS A 259 19.04 -22.21 18.34
N ASP A 260 19.19 -21.88 17.06
CA ASP A 260 19.85 -20.63 16.67
C ASP A 260 18.95 -19.38 16.79
N SER A 261 17.71 -19.54 17.27
CA SER A 261 16.81 -18.40 17.41
C SER A 261 15.98 -18.56 18.68
N ASN A 262 15.08 -17.60 18.93
CA ASN A 262 14.23 -17.65 20.10
C ASN A 262 12.97 -18.44 19.82
N GLY A 263 12.90 -19.02 18.63
CA GLY A 263 11.74 -19.79 18.25
C GLY A 263 11.83 -21.29 18.52
N LYS A 264 10.89 -22.01 17.94
CA LYS A 264 10.84 -23.45 18.09
C LYS A 264 11.96 -24.08 17.29
N LEU A 265 12.53 -25.15 17.83
CA LEU A 265 13.61 -25.86 17.18
C LEU A 265 13.06 -26.54 15.93
N ASN A 266 13.84 -26.55 14.84
CA ASN A 266 13.43 -27.22 13.60
C ASN A 266 14.69 -27.85 12.98
N ASN A 267 14.52 -28.76 12.03
CA ASN A 267 15.68 -29.44 11.45
C ASN A 267 16.70 -28.56 10.76
N LYS A 268 16.52 -27.24 10.81
CA LYS A 268 17.47 -26.33 10.16
C LYS A 268 18.10 -25.37 11.15
N SER A 269 17.55 -25.31 12.36
CA SER A 269 18.04 -24.40 13.38
C SER A 269 18.89 -25.02 14.46
N VAL A 270 19.13 -26.32 14.39
CA VAL A 270 19.91 -26.99 15.42
C VAL A 270 21.36 -26.50 15.45
N ILE A 271 21.84 -26.20 16.64
CA ILE A 271 23.23 -25.78 16.82
C ILE A 271 23.75 -26.65 17.95
N LEU A 272 25.05 -26.87 18.01
CA LEU A 272 25.65 -27.67 19.08
C LEU A 272 26.59 -26.76 19.86
N GLU A 273 26.33 -26.61 21.16
CA GLU A 273 27.16 -25.76 21.99
C GLU A 273 28.11 -26.67 22.76
N GLY A 274 29.40 -26.46 22.57
CA GLY A 274 30.37 -27.32 23.23
C GLY A 274 30.63 -27.03 24.67
N ASP A 275 31.19 -28.01 25.37
CA ASP A 275 31.53 -27.85 26.76
C ASP A 275 32.71 -26.87 26.84
N ARG A 276 33.02 -26.38 28.01
CA ARG A 276 34.13 -25.44 28.10
C ARG A 276 35.46 -26.16 28.02
N GLU A 277 35.56 -27.29 28.70
CA GLU A 277 36.77 -28.08 28.75
C GLU A 277 37.40 -28.47 27.41
N HIS A 278 36.59 -28.74 26.40
CA HIS A 278 37.12 -29.13 25.11
C HIS A 278 36.96 -28.10 24.01
N SER A 279 35.87 -27.36 24.03
CA SER A 279 35.60 -26.39 22.98
C SER A 279 35.50 -24.95 23.40
N SER A 280 35.81 -24.67 24.65
CA SER A 280 35.75 -23.30 25.15
C SER A 280 34.33 -22.71 24.96
N GLY A 281 33.33 -23.59 24.95
CA GLY A 281 31.96 -23.17 24.81
C GLY A 281 31.50 -22.69 23.45
N ALA A 282 32.24 -22.98 22.39
CA ALA A 282 31.86 -22.53 21.07
C ALA A 282 30.64 -23.28 20.49
N GLN A 283 29.96 -22.63 19.55
CA GLN A 283 28.77 -23.20 18.89
C GLN A 283 29.04 -23.41 17.40
N ILE A 284 28.41 -24.41 16.82
CA ILE A 284 28.51 -24.67 15.38
C ILE A 284 27.16 -25.21 14.93
N PRO A 285 26.70 -24.80 13.74
CA PRO A 285 25.41 -25.33 13.29
C PRO A 285 25.56 -26.81 12.97
N VAL A 286 24.46 -27.55 13.02
CA VAL A 286 24.51 -28.95 12.70
C VAL A 286 23.57 -29.25 11.55
N ASP A 287 24.11 -29.93 10.54
CA ASP A 287 23.35 -30.32 9.37
C ASP A 287 22.84 -31.73 9.64
N LEU A 288 21.52 -31.92 9.57
CA LEU A 288 20.92 -33.21 9.85
C LEU A 288 20.45 -33.98 8.60
N SER A 289 20.74 -33.46 7.42
CA SER A 289 20.32 -34.09 6.19
C SER A 289 20.79 -35.52 6.00
N GLU A 290 21.96 -35.85 6.54
CA GLU A 290 22.48 -37.20 6.41
C GLU A 290 22.22 -38.06 7.63
N LEU A 291 21.44 -37.54 8.56
CA LEU A 291 21.12 -38.29 9.78
C LEU A 291 19.82 -39.06 9.60
N LYS A 292 19.91 -40.38 9.59
CA LYS A 292 18.74 -41.21 9.41
C LYS A 292 17.77 -41.10 10.58
N GLU A 293 18.27 -41.29 11.79
CA GLU A 293 17.40 -41.18 12.95
C GLU A 293 17.88 -40.19 13.98
N TYR A 294 16.91 -39.48 14.57
CA TYR A 294 17.22 -38.51 15.60
C TYR A 294 15.99 -37.97 16.32
N SER A 295 16.19 -37.64 17.58
CA SER A 295 15.19 -37.04 18.43
C SER A 295 16.04 -36.04 19.19
N LEU A 296 15.77 -34.75 18.99
CA LEU A 296 16.57 -33.74 19.67
C LEU A 296 15.69 -32.68 20.32
N PHE A 297 16.22 -32.04 21.35
CA PHE A 297 15.52 -30.98 22.05
C PHE A 297 16.59 -30.08 22.69
N PRO A 298 16.27 -28.78 22.86
CA PRO A 298 17.21 -27.81 23.45
C PRO A 298 17.63 -28.18 24.86
N GLY A 299 18.92 -28.23 25.11
CA GLY A 299 19.40 -28.56 26.45
C GLY A 299 19.96 -29.96 26.52
N GLN A 300 19.63 -30.76 25.51
CA GLN A 300 20.07 -32.14 25.44
C GLN A 300 21.58 -32.32 25.27
N VAL A 301 22.19 -33.04 26.19
CA VAL A 301 23.62 -33.31 26.06
C VAL A 301 23.73 -34.50 25.11
N VAL A 302 24.55 -34.38 24.10
CA VAL A 302 24.70 -35.46 23.13
C VAL A 302 26.13 -35.61 22.67
N ILE A 303 26.37 -36.74 22.02
CA ILE A 303 27.67 -37.03 21.45
C ILE A 303 27.33 -37.30 19.99
N MET A 304 27.88 -36.51 19.08
CA MET A 304 27.59 -36.70 17.67
C MET A 304 28.85 -36.95 16.90
N GLU A 305 28.70 -37.69 15.81
CA GLU A 305 29.81 -38.02 14.96
C GLU A 305 29.45 -37.49 13.58
N GLY A 306 30.44 -36.95 12.88
CA GLY A 306 30.17 -36.42 11.55
C GLY A 306 31.40 -35.79 10.94
N ILE A 307 31.17 -35.02 9.88
CA ILE A 307 32.25 -34.34 9.18
C ILE A 307 32.14 -32.83 9.37
N ASN A 308 33.24 -32.22 9.78
CA ASN A 308 33.32 -30.79 10.01
C ASN A 308 34.64 -30.41 9.36
N THR A 309 34.63 -30.24 8.03
CA THR A 309 35.85 -29.92 7.29
C THR A 309 36.30 -28.48 7.38
N THR A 310 35.36 -27.56 7.52
CA THR A 310 35.70 -26.14 7.60
C THR A 310 35.74 -25.69 9.05
N GLY A 311 35.08 -26.45 9.91
CA GLY A 311 35.03 -26.11 11.31
C GLY A 311 33.89 -25.17 11.62
N ARG A 312 32.97 -25.01 10.68
CA ARG A 312 31.83 -24.12 10.86
C ARG A 312 30.51 -24.82 10.74
N LYS A 313 30.56 -26.13 10.63
CA LYS A 313 29.36 -26.89 10.48
C LYS A 313 29.66 -28.37 10.61
N LEU A 314 28.76 -29.08 11.28
CA LEU A 314 28.91 -30.50 11.45
C LEU A 314 27.84 -31.20 10.63
N VAL A 315 28.26 -32.05 9.73
CA VAL A 315 27.32 -32.83 8.94
C VAL A 315 27.28 -34.12 9.76
N ALA A 316 26.26 -34.24 10.60
CA ALA A 316 26.10 -35.38 11.47
C ALA A 316 25.80 -36.67 10.72
N THR A 317 26.49 -37.72 11.10
CA THR A 317 26.29 -39.02 10.49
C THR A 317 25.88 -40.03 11.55
N LYS A 318 26.09 -39.67 12.81
CA LYS A 318 25.71 -40.54 13.91
C LYS A 318 25.40 -39.75 15.17
N LEU A 319 24.33 -40.15 15.84
CA LEU A 319 23.92 -39.52 17.07
C LEU A 319 23.85 -40.63 18.12
N TYR A 320 24.86 -40.74 18.97
CA TYR A 320 24.83 -41.80 19.98
C TYR A 320 23.54 -41.72 20.77
N GLU A 321 23.09 -42.88 21.24
CA GLU A 321 21.86 -42.98 21.99
C GLU A 321 22.12 -42.70 23.48
N GLY A 322 21.11 -42.11 24.11
CA GLY A 322 21.23 -41.79 25.53
C GLY A 322 21.43 -43.02 26.39
N VAL A 323 22.22 -42.87 27.45
CA VAL A 323 22.44 -43.98 28.35
C VAL A 323 21.78 -43.66 29.67
N PRO A 324 20.90 -44.55 30.14
CA PRO A 324 20.21 -44.36 31.41
C PRO A 324 21.08 -44.76 32.59
N LEU A 325 20.63 -44.40 33.79
CA LEU A 325 21.34 -44.76 35.01
C LEU A 325 20.85 -46.14 35.42
N PRO A 326 21.65 -46.88 36.19
CA PRO A 326 21.19 -48.20 36.61
C PRO A 326 20.01 -48.05 37.57
N PHE A 327 19.21 -49.10 37.69
CA PHE A 327 18.06 -49.07 38.59
C PHE A 327 18.62 -49.22 40.01
N TYR A 328 17.77 -48.97 40.99
CA TYR A 328 18.17 -49.14 42.38
C TYR A 328 18.32 -50.63 42.61
N GLN A 329 19.40 -51.02 43.29
CA GLN A 329 19.63 -52.45 43.58
C GLN A 329 19.00 -52.67 44.95
N PRO A 330 17.95 -53.50 45.02
CA PRO A 330 17.32 -53.75 46.32
C PRO A 330 18.14 -54.59 47.26
N THR A 331 18.02 -54.31 48.55
CA THR A 331 18.70 -55.07 49.57
C THR A 331 17.75 -56.24 49.82
N GLU A 332 18.13 -57.19 50.67
CA GLU A 332 17.28 -58.34 50.94
C GLU A 332 15.97 -57.99 51.66
N GLU A 333 16.05 -57.03 52.58
CA GLU A 333 14.88 -56.59 53.35
C GLU A 333 13.76 -56.09 52.45
N ASP A 334 14.13 -55.38 51.38
CA ASP A 334 13.18 -54.83 50.44
C ASP A 334 12.29 -55.89 49.79
N ALA A 335 12.81 -57.12 49.71
CA ALA A 335 12.06 -58.22 49.12
C ALA A 335 11.05 -58.76 50.14
N ASP A 336 11.21 -58.32 51.39
CA ASP A 336 10.34 -58.73 52.49
C ASP A 336 9.11 -57.85 52.67
N PHE A 337 8.94 -56.86 51.80
CA PHE A 337 7.78 -55.97 51.88
C PHE A 337 6.55 -56.65 51.29
N GLU A 338 5.40 -56.34 51.86
CA GLU A 338 4.15 -56.93 51.39
C GLU A 338 3.63 -56.01 50.29
N GLN A 339 2.54 -56.40 49.66
CA GLN A 339 1.97 -55.57 48.61
C GLN A 339 1.52 -54.25 49.21
N SER A 340 1.65 -53.19 48.41
CA SER A 340 1.25 -51.85 48.83
C SER A 340 0.45 -51.27 47.68
N MET A 341 -0.50 -50.42 48.00
CA MET A 341 -1.32 -49.79 46.97
C MET A 341 -1.02 -48.31 47.14
N VAL A 342 -0.69 -47.64 46.04
CA VAL A 342 -0.36 -46.22 46.09
C VAL A 342 -1.30 -45.40 45.22
N LEU A 343 -1.91 -44.38 45.80
CA LEU A 343 -2.80 -43.55 45.01
C LEU A 343 -2.04 -42.28 44.65
N VAL A 344 -2.26 -41.80 43.44
CA VAL A 344 -1.59 -40.60 42.94
C VAL A 344 -2.61 -39.61 42.36
N ALA A 345 -2.43 -38.32 42.66
CA ALA A 345 -3.34 -37.31 42.13
C ALA A 345 -2.65 -35.95 42.04
N CYS A 346 -3.07 -35.16 41.05
CA CYS A 346 -2.48 -33.85 40.82
C CYS A 346 -3.54 -32.77 40.65
N GLY A 347 -3.26 -31.57 41.16
CA GLY A 347 -4.22 -30.48 41.05
C GLY A 347 -4.28 -29.89 39.65
N PRO A 348 -5.17 -28.90 39.41
CA PRO A 348 -6.12 -28.28 40.34
C PRO A 348 -7.07 -29.26 40.99
N TYR A 349 -7.63 -28.84 42.13
CA TYR A 349 -8.57 -29.64 42.90
C TYR A 349 -9.94 -28.97 42.99
N THR A 350 -10.13 -27.92 42.22
CA THR A 350 -11.40 -27.22 42.17
C THR A 350 -11.65 -26.85 40.71
N THR A 351 -12.90 -26.83 40.28
CA THR A 351 -13.18 -26.48 38.90
C THR A 351 -12.80 -25.02 38.69
N SER A 352 -12.53 -24.66 37.44
CA SER A 352 -12.12 -23.30 37.06
C SER A 352 -13.11 -22.20 37.37
N ASP A 353 -14.36 -22.56 37.63
CA ASP A 353 -15.38 -21.55 37.90
C ASP A 353 -15.79 -21.46 39.36
N SER A 354 -15.32 -22.38 40.20
CA SER A 354 -15.67 -22.36 41.62
C SER A 354 -14.49 -22.49 42.55
N ILE A 355 -14.77 -22.33 43.83
CA ILE A 355 -13.75 -22.46 44.85
C ILE A 355 -14.35 -23.37 45.90
N THR A 356 -15.15 -24.31 45.43
CA THR A 356 -15.83 -25.25 46.28
C THR A 356 -15.03 -26.54 46.49
N TYR A 357 -13.96 -26.69 45.73
CA TYR A 357 -13.12 -27.88 45.83
C TYR A 357 -13.90 -29.18 45.90
N ASP A 358 -14.98 -29.25 45.13
CA ASP A 358 -15.80 -30.46 45.10
C ASP A 358 -14.97 -31.68 44.67
N PRO A 359 -14.09 -31.52 43.67
CA PRO A 359 -13.29 -32.67 43.24
C PRO A 359 -12.40 -33.18 44.38
N LEU A 360 -11.87 -32.26 45.18
CA LEU A 360 -11.01 -32.62 46.31
C LEU A 360 -11.79 -33.46 47.32
N LEU A 361 -13.01 -33.03 47.61
CA LEU A 361 -13.84 -33.76 48.54
C LEU A 361 -14.13 -35.16 47.99
N ASP A 362 -14.36 -35.27 46.69
CA ASP A 362 -14.61 -36.57 46.10
C ASP A 362 -13.36 -37.45 46.20
N LEU A 363 -12.19 -36.86 45.99
CA LEU A 363 -10.96 -37.64 46.07
C LEU A 363 -10.74 -38.12 47.50
N ILE A 364 -11.17 -37.31 48.46
CA ILE A 364 -11.03 -37.67 49.86
C ILE A 364 -11.90 -38.89 50.16
N ALA A 365 -13.11 -38.90 49.60
CA ALA A 365 -14.03 -40.02 49.79
C ALA A 365 -13.38 -41.28 49.22
N VAL A 366 -12.72 -41.14 48.08
CA VAL A 366 -12.06 -42.27 47.44
C VAL A 366 -10.97 -42.82 48.34
N ILE A 367 -10.15 -41.94 48.89
CA ILE A 367 -9.06 -42.39 49.74
C ILE A 367 -9.58 -43.18 50.95
N ASN A 368 -10.66 -42.69 51.56
CA ASN A 368 -11.24 -43.37 52.71
C ASN A 368 -11.83 -44.72 52.36
N HIS A 369 -12.44 -44.82 51.17
CA HIS A 369 -13.04 -46.07 50.73
C HIS A 369 -12.00 -47.12 50.34
N ASP A 370 -11.08 -46.75 49.47
CA ASP A 370 -10.04 -47.66 49.01
C ASP A 370 -8.92 -47.85 50.02
N ARG A 371 -8.81 -46.92 50.96
CA ARG A 371 -7.80 -46.96 52.02
C ARG A 371 -6.42 -47.38 51.50
N PRO A 372 -5.84 -46.61 50.57
CA PRO A 372 -4.51 -46.93 50.03
C PRO A 372 -3.43 -46.73 51.08
N ASP A 373 -2.30 -47.40 50.93
CA ASP A 373 -1.21 -47.25 51.88
C ASP A 373 -0.59 -45.86 51.83
N VAL A 374 -0.42 -45.35 50.61
CA VAL A 374 0.15 -44.03 50.43
C VAL A 374 -0.59 -43.20 49.39
N CYS A 375 -0.68 -41.90 49.63
CA CYS A 375 -1.29 -40.97 48.71
C CYS A 375 -0.27 -39.91 48.36
N ILE A 376 0.02 -39.77 47.08
CA ILE A 376 0.96 -38.75 46.67
C ILE A 376 0.11 -37.66 46.00
N LEU A 377 -0.01 -36.52 46.66
CA LEU A 377 -0.81 -35.42 46.11
C LEU A 377 0.05 -34.26 45.61
N PHE A 378 -0.01 -34.01 44.30
CA PHE A 378 0.77 -32.93 43.67
C PHE A 378 -0.06 -31.65 43.61
N GLY A 379 0.61 -30.52 43.74
CA GLY A 379 -0.09 -29.24 43.67
C GLY A 379 -0.40 -28.91 42.22
N PRO A 380 -1.00 -27.75 41.94
CA PRO A 380 -1.43 -26.70 42.86
C PRO A 380 -2.62 -27.01 43.75
N PHE A 381 -2.57 -26.51 44.98
CA PHE A 381 -3.67 -26.68 45.91
C PHE A 381 -4.43 -25.35 45.87
N LEU A 382 -3.67 -24.26 45.75
CA LEU A 382 -4.25 -22.94 45.60
C LEU A 382 -3.55 -22.42 44.36
N ASP A 383 -4.15 -22.73 43.21
CA ASP A 383 -3.64 -22.39 41.89
C ASP A 383 -3.53 -20.90 41.57
N ALA A 384 -2.31 -20.48 41.23
CA ALA A 384 -2.04 -19.09 40.88
C ALA A 384 -2.74 -18.65 39.59
N LYS A 385 -3.15 -19.63 38.79
CA LYS A 385 -3.80 -19.33 37.53
C LYS A 385 -5.30 -19.39 37.62
N HIS A 386 -5.83 -19.70 38.79
CA HIS A 386 -7.26 -19.76 38.94
C HIS A 386 -7.78 -18.33 38.82
N GLU A 387 -8.86 -18.15 38.08
CA GLU A 387 -9.42 -16.81 37.87
C GLU A 387 -9.58 -16.01 39.17
N GLN A 388 -10.08 -16.66 40.21
CA GLN A 388 -10.31 -15.97 41.47
C GLN A 388 -9.06 -15.68 42.30
N VAL A 389 -7.97 -16.39 42.01
CA VAL A 389 -6.72 -16.16 42.74
C VAL A 389 -5.97 -15.03 42.06
N GLU A 390 -5.95 -15.06 40.74
CA GLU A 390 -5.25 -14.06 39.95
C GLU A 390 -5.81 -12.66 40.15
N ASN A 391 -7.13 -12.56 40.20
CA ASN A 391 -7.79 -11.26 40.35
C ASN A 391 -7.86 -10.77 41.79
N CYS A 392 -7.25 -11.51 42.70
CA CYS A 392 -7.24 -11.13 44.11
C CYS A 392 -8.64 -10.74 44.58
N LEU A 393 -9.60 -11.60 44.30
CA LEU A 393 -10.99 -11.37 44.68
C LEU A 393 -11.28 -12.11 46.00
N LEU A 394 -10.40 -13.06 46.34
CA LEU A 394 -10.58 -13.82 47.57
C LEU A 394 -10.60 -12.87 48.76
N THR A 395 -11.16 -13.33 49.87
CA THR A 395 -11.25 -12.48 51.05
C THR A 395 -10.47 -13.04 52.23
N SER A 396 -9.50 -13.90 51.94
CA SER A 396 -8.67 -14.50 52.97
C SER A 396 -7.26 -14.57 52.43
N PRO A 397 -6.24 -14.55 53.32
CA PRO A 397 -4.86 -14.61 52.84
C PRO A 397 -4.66 -15.90 52.05
N PHE A 398 -3.71 -15.91 51.12
CA PHE A 398 -3.46 -17.12 50.35
C PHE A 398 -2.99 -18.24 51.27
N GLU A 399 -2.06 -17.90 52.14
CA GLU A 399 -1.49 -18.85 53.11
C GLU A 399 -2.57 -19.55 53.94
N ASP A 400 -3.61 -18.81 54.30
CA ASP A 400 -4.69 -19.38 55.10
C ASP A 400 -5.55 -20.32 54.31
N ILE A 401 -5.88 -19.94 53.09
CA ILE A 401 -6.68 -20.80 52.24
C ILE A 401 -5.90 -22.08 52.01
N PHE A 402 -4.59 -21.94 51.78
CA PHE A 402 -3.77 -23.11 51.57
C PHE A 402 -3.84 -24.07 52.76
N LYS A 403 -3.62 -23.54 53.96
CA LYS A 403 -3.64 -24.37 55.16
C LYS A 403 -4.97 -25.10 55.34
N GLN A 404 -6.07 -24.43 54.97
CA GLN A 404 -7.41 -25.01 55.07
C GLN A 404 -7.52 -26.22 54.17
N CYS A 405 -7.01 -26.06 52.95
CA CYS A 405 -7.04 -27.13 51.96
C CYS A 405 -6.31 -28.33 52.54
N LEU A 406 -5.14 -28.07 53.09
CA LEU A 406 -4.32 -29.11 53.67
C LEU A 406 -5.02 -29.76 54.87
N ARG A 407 -5.66 -28.93 55.68
CA ARG A 407 -6.38 -29.41 56.85
C ARG A 407 -7.50 -30.36 56.45
N THR A 408 -8.30 -29.93 55.47
CA THR A 408 -9.39 -30.74 54.97
C THR A 408 -8.92 -32.13 54.57
N ILE A 409 -7.80 -32.20 53.86
CA ILE A 409 -7.27 -33.47 53.41
C ILE A 409 -6.71 -34.30 54.56
N ILE A 410 -5.91 -33.67 55.41
CA ILE A 410 -5.29 -34.37 56.53
C ILE A 410 -6.32 -34.92 57.49
N GLU A 411 -7.30 -34.07 57.80
CA GLU A 411 -8.36 -34.45 58.73
C GLU A 411 -9.33 -35.40 58.07
N GLY A 412 -9.89 -34.97 56.93
CA GLY A 412 -10.84 -35.79 56.21
C GLY A 412 -10.39 -37.20 55.88
N THR A 413 -9.10 -37.49 56.01
CA THR A 413 -8.60 -38.81 55.66
C THR A 413 -7.90 -39.49 56.84
N ARG A 414 -8.15 -38.99 58.04
CA ARG A 414 -7.52 -39.55 59.24
C ARG A 414 -7.83 -41.02 59.43
N SER A 415 -9.11 -41.36 59.25
CA SER A 415 -9.60 -42.73 59.41
C SER A 415 -9.07 -43.77 58.45
N SER A 416 -8.64 -43.35 57.27
CA SER A 416 -8.13 -44.27 56.25
C SER A 416 -6.79 -44.91 56.59
N GLY A 417 -6.00 -44.23 57.41
CA GLY A 417 -4.71 -44.77 57.78
C GLY A 417 -3.68 -44.63 56.67
N SER A 418 -4.00 -43.86 55.63
CA SER A 418 -3.09 -43.66 54.52
C SER A 418 -2.08 -42.58 54.83
N HIS A 419 -0.84 -42.80 54.39
CA HIS A 419 0.22 -41.82 54.56
C HIS A 419 0.15 -40.83 53.41
N LEU A 420 -0.03 -39.56 53.73
CA LEU A 420 -0.11 -38.52 52.71
C LEU A 420 1.27 -37.92 52.40
N VAL A 421 1.58 -37.79 51.11
CA VAL A 421 2.83 -37.19 50.67
C VAL A 421 2.48 -36.02 49.75
N PHE A 422 2.72 -34.82 50.22
CA PHE A 422 2.41 -33.60 49.49
C PHE A 422 3.60 -33.09 48.67
N VAL A 423 3.38 -32.88 47.38
CA VAL A 423 4.43 -32.38 46.49
C VAL A 423 3.99 -31.00 46.00
N PRO A 424 4.86 -29.97 46.17
CA PRO A 424 4.53 -28.61 45.75
C PRO A 424 4.55 -28.40 44.24
N SER A 425 3.93 -27.32 43.80
CA SER A 425 3.92 -27.00 42.39
C SER A 425 4.34 -25.54 42.24
N LEU A 426 4.86 -25.20 41.07
CA LEU A 426 5.26 -23.83 40.82
C LEU A 426 4.01 -22.95 40.65
N ARG A 427 2.85 -23.57 40.69
CA ARG A 427 1.61 -22.82 40.56
C ARG A 427 0.95 -22.59 41.92
N ASP A 428 1.53 -23.13 42.98
CA ASP A 428 0.98 -22.93 44.32
C ASP A 428 1.32 -21.50 44.70
N VAL A 429 0.37 -20.60 44.49
CA VAL A 429 0.55 -19.18 44.74
C VAL A 429 1.21 -18.73 46.03
N HIS A 430 0.96 -19.41 47.13
CA HIS A 430 1.51 -19.00 48.43
C HIS A 430 2.94 -19.46 48.65
N HIS A 431 3.42 -20.34 47.80
CA HIS A 431 4.73 -20.94 47.96
C HIS A 431 5.81 -20.38 47.04
N GLU A 432 7.06 -20.55 47.46
CA GLU A 432 8.27 -20.17 46.75
C GLU A 432 8.06 -20.44 45.25
N PRO A 433 8.20 -19.43 44.40
CA PRO A 433 7.98 -19.67 42.96
C PRO A 433 9.14 -20.21 42.11
N VAL A 434 10.32 -20.36 42.68
CA VAL A 434 11.46 -20.84 41.92
C VAL A 434 11.71 -22.33 42.09
N TYR A 435 12.11 -22.98 41.01
CA TYR A 435 12.39 -24.41 40.95
C TYR A 435 13.89 -24.66 41.10
N PRO A 436 14.30 -25.71 41.85
CA PRO A 436 13.48 -26.68 42.55
C PRO A 436 12.85 -26.04 43.78
N GLN A 437 11.69 -26.55 44.20
CA GLN A 437 10.99 -25.99 45.36
C GLN A 437 11.18 -26.82 46.60
N PRO A 438 11.27 -26.16 47.75
CA PRO A 438 11.44 -26.86 49.03
C PRO A 438 10.03 -27.29 49.49
N PRO A 439 9.96 -28.15 50.51
CA PRO A 439 8.68 -28.64 51.04
C PRO A 439 7.80 -27.53 51.58
N PHE A 440 6.50 -27.79 51.59
CA PHE A 440 5.52 -26.84 52.12
C PHE A 440 5.80 -26.72 53.61
N SER A 441 5.32 -25.65 54.21
CA SER A 441 5.47 -25.46 55.64
C SER A 441 4.08 -25.55 56.26
N TYR A 442 3.90 -26.55 57.12
CA TYR A 442 2.63 -26.78 57.80
C TYR A 442 2.95 -27.37 59.17
N SER A 443 2.69 -26.62 60.22
CA SER A 443 2.98 -27.09 61.56
C SER A 443 1.75 -27.52 62.34
N ASP A 444 0.57 -27.09 61.88
CA ASP A 444 -0.67 -27.44 62.58
C ASP A 444 -0.98 -28.93 62.47
N LEU A 445 -0.21 -29.73 63.20
CA LEU A 445 -0.37 -31.17 63.17
C LEU A 445 -0.29 -31.79 64.55
N SER A 446 -1.21 -32.73 64.82
CA SER A 446 -1.24 -33.45 66.08
C SER A 446 0.02 -34.31 66.01
N ARG A 447 0.29 -35.11 67.03
CA ARG A 447 1.47 -35.95 66.92
C ARG A 447 1.14 -37.22 66.17
N GLU A 448 -0.16 -37.45 66.01
CA GLU A 448 -0.63 -38.62 65.28
C GLU A 448 -0.49 -38.28 63.81
N ASP A 449 -1.07 -37.14 63.42
CA ASP A 449 -1.03 -36.70 62.03
C ASP A 449 0.41 -36.67 61.52
N LYS A 450 1.34 -36.25 62.38
CA LYS A 450 2.75 -36.18 62.00
C LYS A 450 3.29 -37.52 61.53
N LYS A 451 2.68 -38.62 61.94
CA LYS A 451 3.16 -39.93 61.52
C LYS A 451 2.44 -40.35 60.25
N GLN A 452 1.45 -39.54 59.87
CA GLN A 452 0.64 -39.79 58.69
C GLN A 452 0.87 -38.80 57.55
N VAL A 453 1.57 -37.71 57.83
CA VAL A 453 1.80 -36.69 56.82
C VAL A 453 3.26 -36.40 56.51
N GLN A 454 3.57 -36.24 55.24
CA GLN A 454 4.93 -35.94 54.82
C GLN A 454 4.94 -34.85 53.76
N PHE A 455 5.86 -33.90 53.90
CA PHE A 455 5.99 -32.83 52.96
C PHE A 455 7.33 -32.98 52.30
N VAL A 456 7.32 -33.25 51.00
CA VAL A 456 8.54 -33.42 50.26
C VAL A 456 8.74 -32.23 49.33
N SER A 457 9.89 -32.19 48.67
CA SER A 457 10.21 -31.12 47.74
C SER A 457 9.71 -31.43 46.34
N GLU A 458 10.01 -30.54 45.41
CA GLU A 458 9.63 -30.70 44.01
C GLU A 458 10.86 -30.31 43.22
N PRO A 459 11.50 -31.27 42.51
CA PRO A 459 11.14 -32.69 42.39
C PRO A 459 11.55 -33.48 43.62
N CYS A 460 11.21 -34.76 43.62
CA CYS A 460 11.52 -35.64 44.74
C CYS A 460 11.66 -37.09 44.30
N SER A 461 12.71 -37.75 44.78
CA SER A 461 12.93 -39.17 44.49
C SER A 461 12.56 -39.82 45.81
N LEU A 462 11.48 -40.57 45.82
CA LEU A 462 10.96 -41.19 47.04
C LEU A 462 10.98 -42.71 47.01
N SER A 463 11.42 -43.33 48.10
CA SER A 463 11.43 -44.79 48.19
C SER A 463 10.22 -45.24 49.01
N ILE A 464 9.37 -46.03 48.38
CA ILE A 464 8.17 -46.53 49.03
C ILE A 464 8.29 -48.03 49.10
N ASN A 465 8.52 -48.56 50.29
CA ASN A 465 8.66 -49.99 50.47
C ASN A 465 9.70 -50.55 49.52
N GLY A 466 10.82 -49.85 49.41
CA GLY A 466 11.89 -50.32 48.55
C GLY A 466 11.75 -49.94 47.08
N VAL A 467 10.58 -49.50 46.67
CA VAL A 467 10.36 -49.11 45.29
C VAL A 467 10.69 -47.63 45.13
N ILE A 468 11.53 -47.30 44.15
CA ILE A 468 11.89 -45.90 43.93
C ILE A 468 10.90 -45.16 43.02
N PHE A 469 10.39 -44.05 43.52
CA PHE A 469 9.45 -43.23 42.76
C PHE A 469 10.09 -41.90 42.39
N GLY A 470 9.98 -41.53 41.13
CA GLY A 470 10.48 -40.24 40.67
C GLY A 470 9.23 -39.40 40.68
N LEU A 471 9.25 -38.27 41.35
CA LEU A 471 8.06 -37.42 41.43
C LEU A 471 8.31 -35.98 41.02
N THR A 472 7.48 -35.46 40.13
CA THR A 472 7.58 -34.07 39.70
C THR A 472 6.22 -33.54 39.32
N SER A 473 5.91 -32.34 39.80
CA SER A 473 4.64 -31.74 39.50
C SER A 473 4.71 -30.82 38.31
N THR A 474 5.93 -30.54 37.86
CA THR A 474 6.16 -29.64 36.74
C THR A 474 5.87 -30.36 35.43
N ASP A 475 5.18 -29.67 34.53
CA ASP A 475 4.80 -30.29 33.26
C ASP A 475 5.93 -30.40 32.25
N LEU A 476 6.94 -31.18 32.62
CA LEU A 476 8.10 -31.40 31.78
C LEU A 476 7.74 -32.01 30.42
N LEU A 477 6.79 -32.93 30.39
CA LEU A 477 6.38 -33.57 29.14
C LEU A 477 5.85 -32.55 28.14
N PHE A 478 4.92 -31.73 28.59
CA PHE A 478 4.33 -30.73 27.72
C PHE A 478 5.34 -29.71 27.26
N HIS A 479 6.31 -29.42 28.11
CA HIS A 479 7.34 -28.45 27.79
C HIS A 479 8.34 -29.00 26.81
N LEU A 480 8.78 -30.22 27.09
CA LEU A 480 9.77 -30.86 26.26
C LEU A 480 9.13 -31.29 24.94
N GLY A 481 7.88 -31.72 25.01
CA GLY A 481 7.20 -32.15 23.81
C GLY A 481 7.01 -31.03 22.80
N ALA A 482 6.87 -29.81 23.30
CA ALA A 482 6.67 -28.67 22.43
C ALA A 482 7.95 -28.21 21.74
N GLU A 483 9.08 -28.71 22.21
CA GLU A 483 10.36 -28.29 21.68
C GLU A 483 11.19 -29.38 21.02
N GLU A 484 10.69 -30.61 21.01
CA GLU A 484 11.44 -31.72 20.42
C GLU A 484 11.19 -31.90 18.92
N ILE A 485 12.23 -32.31 18.20
CA ILE A 485 12.12 -32.57 16.76
C ILE A 485 12.60 -33.99 16.55
N SER A 486 11.91 -34.72 15.67
CA SER A 486 12.29 -36.10 15.41
C SER A 486 12.31 -36.44 13.94
N SER A 487 12.67 -37.68 13.62
CA SER A 487 12.70 -38.15 12.24
C SER A 487 13.18 -39.59 12.16
N SER A 488 12.29 -40.45 11.63
CA SER A 488 12.59 -41.87 11.45
C SER A 488 11.70 -42.42 10.34
N SER A 489 10.40 -42.51 10.66
CA SER A 489 9.37 -43.00 9.73
C SER A 489 8.05 -42.43 10.21
N GLY A 490 7.54 -42.96 11.31
CA GLY A 490 6.28 -42.49 11.84
C GLY A 490 5.54 -43.53 12.65
N THR A 491 6.28 -44.55 13.09
CA THR A 491 5.72 -45.63 13.90
C THR A 491 6.11 -45.31 15.34
N SER A 492 6.66 -44.11 15.50
CA SER A 492 7.15 -43.64 16.78
C SER A 492 6.09 -43.01 17.69
N ASP A 493 6.17 -43.38 18.97
CA ASP A 493 5.31 -42.87 20.00
C ASP A 493 6.03 -41.66 20.59
N ARG A 494 5.45 -40.48 20.39
CA ARG A 494 6.03 -39.25 20.86
C ARG A 494 6.42 -39.24 22.34
N PHE A 495 5.47 -39.59 23.20
CA PHE A 495 5.70 -39.61 24.63
C PHE A 495 6.81 -40.56 25.06
N SER A 496 6.91 -41.72 24.41
CA SER A 496 7.96 -42.65 24.76
C SER A 496 9.33 -42.02 24.48
N ARG A 497 9.37 -41.18 23.45
CA ARG A 497 10.61 -40.52 23.09
C ARG A 497 10.99 -39.51 24.14
N ILE A 498 10.01 -38.74 24.58
CA ILE A 498 10.20 -37.72 25.59
C ILE A 498 10.56 -38.33 26.94
N LEU A 499 9.91 -39.44 27.27
CA LEU A 499 10.19 -40.10 28.52
C LEU A 499 11.60 -40.69 28.48
N LYS A 500 11.99 -41.14 27.31
CA LYS A 500 13.33 -41.71 27.14
C LYS A 500 14.39 -40.63 27.38
N HIS A 501 14.07 -39.40 26.96
CA HIS A 501 15.00 -38.30 27.16
C HIS A 501 15.18 -37.96 28.64
N ILE A 502 14.09 -38.06 29.39
CA ILE A 502 14.15 -37.75 30.81
C ILE A 502 15.00 -38.77 31.52
N LEU A 503 14.86 -40.02 31.11
CA LEU A 503 15.61 -41.11 31.73
C LEU A 503 17.06 -41.19 31.27
N THR A 504 17.39 -40.52 30.16
CA THR A 504 18.75 -40.55 29.67
C THR A 504 19.54 -39.27 29.92
N GLN A 505 18.85 -38.21 30.30
CA GLN A 505 19.51 -36.94 30.59
C GLN A 505 19.78 -36.79 32.08
N ARG A 506 19.26 -37.73 32.86
CA ARG A 506 19.48 -37.75 34.31
C ARG A 506 19.04 -36.53 35.11
N SER A 507 18.05 -35.81 34.61
CA SER A 507 17.55 -34.62 35.30
C SER A 507 16.03 -34.63 35.27
N TYR A 508 15.42 -33.95 36.23
CA TYR A 508 13.97 -33.88 36.29
C TYR A 508 13.45 -32.77 35.39
N TYR A 509 14.38 -32.03 34.80
CA TYR A 509 14.04 -30.94 33.90
C TYR A 509 15.24 -30.62 33.02
N PRO A 510 15.47 -31.45 31.98
CA PRO A 510 16.59 -31.27 31.05
C PRO A 510 16.42 -30.16 30.01
N LEU A 511 15.20 -29.71 29.78
CA LEU A 511 14.97 -28.64 28.83
C LEU A 511 15.68 -27.33 29.18
N TYR A 512 16.46 -26.80 28.25
CA TYR A 512 17.19 -25.55 28.47
C TYR A 512 17.35 -24.78 27.17
N PRO A 513 16.92 -23.51 27.14
CA PRO A 513 16.29 -22.82 28.27
C PRO A 513 14.97 -23.49 28.63
N PRO A 514 14.45 -23.24 29.85
CA PRO A 514 13.19 -23.85 30.26
C PRO A 514 12.02 -23.12 29.61
N GLN A 515 10.81 -23.65 29.74
CA GLN A 515 9.64 -22.98 29.18
C GLN A 515 9.66 -21.59 29.75
N GLU A 516 9.21 -20.62 28.97
CA GLU A 516 9.24 -19.25 29.44
C GLU A 516 8.28 -18.85 30.54
N ASP A 517 8.67 -19.02 31.78
CA ASP A 517 7.88 -18.63 32.94
C ASP A 517 8.15 -19.62 34.01
N MET A 518 9.05 -20.54 33.69
CA MET A 518 9.48 -21.52 34.64
C MET A 518 10.75 -20.91 35.18
N ALA A 519 10.75 -20.59 36.46
CA ALA A 519 11.91 -19.99 37.08
C ALA A 519 12.80 -21.09 37.67
N ILE A 520 14.05 -21.16 37.23
CA ILE A 520 14.96 -22.16 37.74
C ILE A 520 16.22 -21.57 38.36
N ASP A 521 16.48 -21.91 39.62
CA ASP A 521 17.69 -21.50 40.29
C ASP A 521 18.62 -22.66 39.93
N TYR A 522 19.51 -22.44 38.96
CA TYR A 522 20.37 -23.50 38.49
C TYR A 522 21.36 -24.07 39.48
N GLU A 523 21.79 -23.31 40.47
CA GLU A 523 22.72 -23.87 41.43
C GLU A 523 21.99 -24.86 42.33
N SER A 524 20.72 -24.58 42.63
CA SER A 524 19.90 -25.48 43.44
C SER A 524 19.53 -26.68 42.59
N PHE A 525 19.24 -26.40 41.33
CA PHE A 525 18.87 -27.41 40.37
C PHE A 525 19.95 -28.47 40.33
N TYR A 526 21.19 -28.02 40.22
CA TYR A 526 22.34 -28.90 40.16
C TYR A 526 22.40 -29.86 41.34
N VAL A 527 22.05 -29.35 42.51
CA VAL A 527 22.10 -30.12 43.74
C VAL A 527 20.87 -30.98 44.03
N TYR A 528 19.70 -30.45 43.73
CA TYR A 528 18.46 -31.13 44.08
C TYR A 528 17.53 -31.65 42.98
N ALA A 529 17.84 -31.42 41.71
CA ALA A 529 16.94 -31.89 40.67
C ALA A 529 17.50 -32.95 39.75
N GLN A 530 18.53 -33.65 40.19
CA GLN A 530 19.13 -34.71 39.39
C GLN A 530 18.47 -36.04 39.76
N LEU A 531 18.51 -37.02 38.86
CA LEU A 531 17.94 -38.34 39.14
C LEU A 531 19.04 -39.17 39.81
N PRO A 532 18.74 -39.78 40.96
CA PRO A 532 19.74 -40.60 41.67
C PRO A 532 19.97 -41.94 40.97
N VAL A 533 18.91 -42.45 40.36
CA VAL A 533 18.94 -43.73 39.65
C VAL A 533 17.76 -43.69 38.69
N THR A 534 17.65 -44.68 37.81
CA THR A 534 16.48 -44.72 36.92
C THR A 534 15.39 -45.24 37.86
N PRO A 535 14.36 -44.44 38.09
CA PRO A 535 13.29 -44.89 38.99
C PRO A 535 12.53 -46.11 38.47
N ASP A 536 11.81 -46.77 39.39
CA ASP A 536 11.01 -47.95 39.06
C ASP A 536 9.69 -47.42 38.55
N VAL A 537 9.29 -46.31 39.13
CA VAL A 537 8.05 -45.65 38.76
C VAL A 537 8.33 -44.18 38.65
N LEU A 538 7.79 -43.55 37.61
CA LEU A 538 7.94 -42.12 37.38
C LEU A 538 6.56 -41.52 37.30
N ILE A 539 6.23 -40.62 38.21
CA ILE A 539 4.93 -39.97 38.17
C ILE A 539 5.12 -38.57 37.60
N ILE A 540 4.72 -38.38 36.35
CA ILE A 540 4.83 -37.09 35.68
C ILE A 540 3.48 -36.58 35.24
N PRO A 541 2.68 -36.05 36.16
CA PRO A 541 1.36 -35.54 35.77
C PRO A 541 1.52 -34.42 34.75
N SER A 542 0.72 -34.45 33.69
CA SER A 542 0.81 -33.44 32.65
C SER A 542 -0.55 -32.96 32.15
N GLU A 543 -0.56 -31.93 31.31
CA GLU A 543 -1.80 -31.41 30.73
C GLU A 543 -2.15 -32.35 29.58
N LEU A 544 -1.15 -33.10 29.13
CA LEU A 544 -1.35 -34.06 28.06
C LEU A 544 -2.22 -35.19 28.55
N ARG A 545 -2.76 -35.98 27.63
CA ARG A 545 -3.63 -37.08 28.01
C ARG A 545 -2.94 -38.06 28.92
N TYR A 546 -3.70 -38.54 29.89
CA TYR A 546 -3.22 -39.53 30.84
C TYR A 546 -2.67 -40.74 30.13
N PHE A 547 -1.79 -41.49 30.78
CA PHE A 547 -1.20 -42.67 30.17
C PHE A 547 -0.31 -43.44 31.15
N VAL A 548 0.08 -44.63 30.75
CA VAL A 548 0.96 -45.46 31.55
C VAL A 548 1.81 -46.19 30.53
N LYS A 549 3.09 -45.85 30.46
CA LYS A 549 3.99 -46.49 29.51
C LYS A 549 5.20 -47.06 30.20
N ASP A 550 5.70 -48.17 29.68
CA ASP A 550 6.90 -48.78 30.23
C ASP A 550 8.00 -48.29 29.31
N VAL A 551 8.94 -47.52 29.84
CA VAL A 551 10.03 -47.00 29.05
C VAL A 551 11.34 -47.35 29.71
N LEU A 552 12.17 -48.11 29.00
CA LEU A 552 13.45 -48.55 29.52
C LEU A 552 13.34 -49.24 30.87
N GLY A 553 12.26 -49.96 31.10
CA GLY A 553 12.10 -50.66 32.37
C GLY A 553 11.50 -49.87 33.50
N CYS A 554 11.03 -48.67 33.18
CA CYS A 554 10.43 -47.81 34.17
C CYS A 554 8.97 -47.57 33.80
N VAL A 555 8.07 -47.77 34.77
CA VAL A 555 6.66 -47.55 34.52
C VAL A 555 6.39 -46.08 34.71
N CYS A 556 6.10 -45.41 33.60
CA CYS A 556 5.85 -43.98 33.62
C CYS A 556 4.38 -43.72 33.63
N VAL A 557 3.91 -43.03 34.67
CA VAL A 557 2.50 -42.75 34.83
C VAL A 557 2.20 -41.25 34.75
N ASN A 558 1.26 -40.89 33.89
CA ASN A 558 0.79 -39.52 33.81
C ASN A 558 -0.66 -39.71 34.19
N PRO A 559 -1.00 -39.51 35.46
CA PRO A 559 -2.37 -39.66 35.94
C PRO A 559 -3.27 -38.52 35.47
N GLY A 560 -2.70 -37.56 34.76
CA GLY A 560 -3.49 -36.43 34.30
C GLY A 560 -3.89 -35.59 35.51
N ARG A 561 -4.67 -34.54 35.28
CA ARG A 561 -5.10 -33.68 36.37
C ARG A 561 -6.43 -34.18 36.92
N LEU A 562 -6.71 -33.84 38.17
CA LEU A 562 -7.96 -34.25 38.80
C LEU A 562 -9.11 -33.42 38.25
N THR A 563 -8.78 -32.23 37.76
CA THR A 563 -9.78 -31.32 37.23
C THR A 563 -9.24 -30.66 35.97
N LYS A 564 -10.06 -30.61 34.93
CA LYS A 564 -9.66 -29.96 33.69
C LYS A 564 -10.76 -28.99 33.31
N GLY A 565 -10.54 -27.71 33.62
CA GLY A 565 -11.52 -26.70 33.30
C GLY A 565 -12.72 -26.76 34.22
N GLN A 566 -13.86 -27.16 33.68
CA GLN A 566 -15.07 -27.28 34.47
C GLN A 566 -15.49 -28.72 34.49
N VAL A 567 -14.66 -29.58 33.92
CA VAL A 567 -14.96 -30.99 33.84
C VAL A 567 -14.11 -31.84 34.79
N GLY A 568 -14.62 -33.02 35.12
CA GLY A 568 -13.90 -33.90 36.01
C GLY A 568 -12.65 -34.44 35.34
N GLY A 569 -11.62 -34.69 36.14
CA GLY A 569 -10.38 -35.21 35.60
C GLY A 569 -10.18 -36.66 35.94
N THR A 570 -8.97 -36.98 36.35
CA THR A 570 -8.60 -38.35 36.68
C THR A 570 -7.52 -38.40 37.76
N PHE A 571 -7.25 -39.60 38.25
CA PHE A 571 -6.21 -39.84 39.23
C PHE A 571 -5.74 -41.24 38.92
N ALA A 572 -4.80 -41.79 39.69
CA ALA A 572 -4.33 -43.12 39.38
C ALA A 572 -3.96 -43.96 40.60
N ARG A 573 -3.96 -45.27 40.43
CA ARG A 573 -3.62 -46.16 41.53
C ARG A 573 -2.63 -47.18 41.01
N LEU A 574 -1.62 -47.47 41.82
CA LEU A 574 -0.62 -48.44 41.44
C LEU A 574 -0.62 -49.56 42.47
N TYR A 575 -0.19 -50.74 42.05
CA TYR A 575 -0.10 -51.88 42.96
C TYR A 575 1.36 -52.29 42.94
N LEU A 576 1.99 -52.40 44.10
CA LEU A 576 3.41 -52.75 44.14
C LEU A 576 3.75 -53.95 44.98
N ARG A 577 4.79 -54.67 44.59
CA ARG A 577 5.30 -55.83 45.31
C ARG A 577 6.55 -56.31 44.59
N ARG A 578 7.70 -56.07 45.19
CA ARG A 578 8.97 -56.47 44.59
C ARG A 578 9.12 -57.99 44.60
N PRO A 579 9.20 -58.61 43.41
CA PRO A 579 9.33 -60.05 43.21
C PRO A 579 10.59 -60.75 43.74
N ALA A 580 10.59 -62.07 43.63
CA ALA A 580 11.69 -62.93 44.09
C ALA A 580 12.98 -62.67 43.33
N ALA A 581 14.03 -62.41 44.11
CA ALA A 581 15.38 -62.11 43.64
C ALA A 581 15.94 -62.56 42.28
N ASP A 582 16.05 -63.87 42.03
CA ASP A 582 16.68 -64.33 40.78
C ASP A 582 15.94 -64.53 39.46
N GLY A 583 16.70 -64.33 38.38
CA GLY A 583 16.20 -64.47 37.03
C GLY A 583 16.69 -63.27 36.23
N ALA A 584 16.24 -63.12 34.99
CA ALA A 584 16.65 -61.99 34.17
C ALA A 584 16.25 -60.74 34.94
N GLU A 585 17.19 -60.26 35.75
CA GLU A 585 17.05 -59.09 36.62
C GLU A 585 15.74 -58.33 36.70
N ARG A 586 15.61 -57.32 35.84
CA ARG A 586 14.42 -56.49 35.88
C ARG A 586 13.08 -57.17 35.90
N GLN A 587 12.47 -57.06 37.07
CA GLN A 587 11.14 -57.57 37.34
C GLN A 587 10.60 -56.32 37.99
N SER A 588 9.87 -55.54 37.22
CA SER A 588 9.30 -54.30 37.73
C SER A 588 8.50 -54.52 39.01
N PRO A 589 8.84 -53.80 40.08
CA PRO A 589 8.08 -53.99 41.32
C PRO A 589 6.65 -53.47 41.15
N CYS A 590 6.42 -52.72 40.06
CA CYS A 590 5.08 -52.21 39.80
C CYS A 590 4.31 -53.27 39.02
N ILE A 591 3.31 -53.84 39.67
CA ILE A 591 2.50 -54.92 39.09
C ILE A 591 1.33 -54.46 38.23
N ALA A 592 0.71 -53.36 38.62
CA ALA A 592 -0.42 -52.89 37.85
C ALA A 592 -0.73 -51.43 38.14
N VAL A 593 -1.30 -50.75 37.15
CA VAL A 593 -1.65 -49.36 37.32
C VAL A 593 -2.99 -49.13 36.66
N GLN A 594 -3.74 -48.16 37.17
CA GLN A 594 -5.02 -47.83 36.59
C GLN A 594 -5.24 -46.32 36.68
N VAL A 595 -5.78 -45.73 35.63
CA VAL A 595 -6.07 -44.31 35.66
C VAL A 595 -7.59 -44.32 35.71
N VAL A 596 -8.12 -43.73 36.77
CA VAL A 596 -9.55 -43.70 37.01
C VAL A 596 -10.08 -42.28 36.90
N ARG A 597 -11.35 -42.17 36.54
CA ARG A 597 -11.98 -40.87 36.44
C ARG A 597 -12.51 -40.52 37.82
N ILE A 598 -12.37 -39.26 38.22
CA ILE A 598 -12.89 -38.83 39.50
C ILE A 598 -14.36 -38.49 39.21
N THR B 4 19.54 9.00 48.98
CA THR B 4 18.22 9.63 48.62
C THR B 4 17.23 8.57 48.20
N ASP B 5 16.13 8.49 48.93
CA ASP B 5 15.08 7.53 48.69
C ASP B 5 14.27 7.75 47.41
N GLU B 6 14.03 9.01 47.03
CA GLU B 6 13.25 9.27 45.84
C GLU B 6 13.91 8.78 44.55
N GLU B 7 15.23 8.96 44.46
CA GLU B 7 15.98 8.55 43.27
C GLU B 7 16.33 7.07 43.28
N LYS B 8 16.52 6.52 44.47
CA LYS B 8 16.87 5.12 44.65
C LYS B 8 15.76 4.22 44.13
N TYR B 9 14.51 4.65 44.34
CA TYR B 9 13.36 3.89 43.90
C TYR B 9 12.67 4.53 42.70
N ARG B 10 13.41 5.39 41.98
CA ARG B 10 12.83 6.08 40.84
C ARG B 10 12.32 5.21 39.70
N ASP B 11 13.05 4.14 39.39
CA ASP B 11 12.65 3.27 38.30
C ASP B 11 11.79 2.09 38.72
N CYS B 12 11.56 1.94 40.02
CA CYS B 12 10.75 0.85 40.54
C CYS B 12 9.28 0.98 40.17
N GLU B 13 8.61 -0.15 40.03
CA GLU B 13 7.21 -0.15 39.70
C GLU B 13 6.44 0.18 40.98
N ARG B 14 5.42 1.01 40.86
CA ARG B 14 4.60 1.39 41.99
C ARG B 14 3.60 0.30 42.32
N PHE B 15 3.29 0.15 43.60
CA PHE B 15 2.33 -0.86 44.01
C PHE B 15 0.92 -0.40 43.67
N LYS B 16 0.22 -1.20 42.90
CA LYS B 16 -1.15 -0.87 42.52
C LYS B 16 -2.09 -1.93 43.06
N CYS B 17 -3.25 -1.50 43.52
CA CYS B 17 -4.26 -2.41 44.05
C CYS B 17 -5.60 -1.71 43.96
N PRO B 18 -6.56 -2.33 43.28
CA PRO B 18 -7.89 -1.75 43.13
C PRO B 18 -8.75 -1.89 44.40
N CYS B 19 -9.50 -0.83 44.72
CA CYS B 19 -10.38 -0.82 45.88
C CYS B 19 -11.36 -1.99 45.76
N PRO B 20 -11.43 -2.85 46.79
CA PRO B 20 -12.35 -4.00 46.74
C PRO B 20 -13.80 -3.54 46.69
N THR B 21 -14.01 -2.29 47.07
CA THR B 21 -15.35 -1.72 47.10
C THR B 21 -15.71 -0.96 45.83
N CYS B 22 -15.15 0.24 45.66
CA CYS B 22 -15.48 1.04 44.48
C CYS B 22 -14.85 0.55 43.18
N GLY B 23 -13.71 -0.13 43.27
CA GLY B 23 -13.06 -0.64 42.08
C GLY B 23 -11.93 0.18 41.48
N THR B 24 -11.80 1.44 41.89
CA THR B 24 -10.73 2.28 41.36
C THR B 24 -9.34 1.81 41.80
N GLU B 25 -8.38 1.94 40.90
CA GLU B 25 -7.02 1.53 41.19
C GLU B 25 -6.27 2.55 42.04
N ASN B 26 -5.83 2.12 43.22
CA ASN B 26 -5.07 2.98 44.11
C ASN B 26 -3.60 2.68 43.86
N ILE B 27 -2.76 3.72 43.95
CA ILE B 27 -1.34 3.55 43.72
C ILE B 27 -0.56 3.99 44.96
N TYR B 28 0.41 3.18 45.36
CA TYR B 28 1.18 3.49 46.55
C TYR B 28 2.66 3.62 46.25
N ASP B 29 3.27 4.65 46.82
CA ASP B 29 4.69 4.90 46.60
C ASP B 29 5.38 5.36 47.88
N ASN B 30 4.59 5.52 48.93
CA ASN B 30 5.12 5.96 50.20
C ASN B 30 4.13 5.63 51.31
N VAL B 31 4.60 5.63 52.54
CA VAL B 31 3.76 5.33 53.69
C VAL B 31 2.72 6.43 53.81
N PHE B 32 3.17 7.66 53.57
CA PHE B 32 2.33 8.85 53.65
C PHE B 32 1.90 9.39 52.30
N ASP B 33 0.77 10.09 52.30
CA ASP B 33 0.22 10.69 51.11
C ASP B 33 0.08 12.19 51.37
N GLY B 34 0.63 13.00 50.49
CA GLY B 34 0.52 14.43 50.70
C GLY B 34 1.67 14.99 51.52
N SER B 35 1.59 16.29 51.82
CA SER B 35 2.66 16.94 52.55
C SER B 35 2.35 17.51 53.93
N GLY B 36 3.43 17.73 54.68
CA GLY B 36 3.40 18.30 56.02
C GLY B 36 2.24 18.14 57.00
N THR B 37 1.29 19.07 56.94
CA THR B 37 0.15 19.06 57.86
C THR B 37 -1.05 18.23 57.41
N ASP B 38 -1.36 18.25 56.12
CA ASP B 38 -2.50 17.49 55.62
C ASP B 38 -2.04 16.11 55.17
N MET B 39 -0.94 15.66 55.76
CA MET B 39 -0.34 14.37 55.46
C MET B 39 -1.15 13.27 56.12
N GLU B 40 -1.59 12.29 55.32
CA GLU B 40 -2.36 11.17 55.84
C GLU B 40 -1.71 9.89 55.33
N PRO B 41 -1.82 8.79 56.09
CA PRO B 41 -1.20 7.56 55.57
C PRO B 41 -1.95 7.21 54.28
N SER B 42 -1.21 7.04 53.18
CA SER B 42 -1.80 6.73 51.88
C SER B 42 -2.86 5.65 51.95
N LEU B 43 -2.71 4.75 52.91
CA LEU B 43 -3.63 3.64 53.10
C LEU B 43 -4.88 4.03 53.89
N TYR B 44 -5.00 5.30 54.25
CA TYR B 44 -6.16 5.77 55.02
C TYR B 44 -7.42 5.87 54.18
N ARG B 45 -7.32 6.46 53.01
CA ARG B 45 -8.50 6.62 52.18
C ARG B 45 -8.29 6.20 50.74
N CYS B 46 -9.40 5.82 50.13
CA CYS B 46 -9.41 5.43 48.73
C CYS B 46 -9.03 6.67 47.94
N SER B 47 -8.64 6.51 46.68
CA SER B 47 -8.27 7.69 45.89
C SER B 47 -9.52 8.26 45.24
N ASN B 48 -10.54 7.41 45.14
CA ASN B 48 -11.83 7.78 44.58
C ASN B 48 -12.50 8.50 45.75
N ILE B 49 -12.86 9.76 45.56
CA ILE B 49 -13.47 10.52 46.66
C ILE B 49 -14.91 10.09 47.00
N ASP B 50 -15.56 9.39 46.08
CA ASP B 50 -16.92 8.92 46.30
C ASP B 50 -16.97 7.50 46.88
N CYS B 51 -15.81 7.05 47.35
CA CYS B 51 -15.69 5.75 47.98
C CYS B 51 -15.23 6.09 49.39
N LYS B 52 -15.98 5.60 50.38
CA LYS B 52 -15.62 5.89 51.76
C LYS B 52 -14.99 4.68 52.44
N ALA B 53 -14.53 3.72 51.65
CA ALA B 53 -13.89 2.54 52.19
C ALA B 53 -12.43 2.87 52.46
N SER B 54 -11.89 2.34 53.54
CA SER B 54 -10.51 2.60 53.89
C SER B 54 -9.69 1.36 53.50
N PRO B 55 -8.59 1.55 52.76
CA PRO B 55 -7.76 0.42 52.35
C PRO B 55 -7.27 -0.38 53.56
N LEU B 56 -7.13 0.30 54.69
CA LEU B 56 -6.69 -0.35 55.92
C LEU B 56 -7.67 -1.45 56.33
N THR B 57 -8.85 -1.44 55.71
CA THR B 57 -9.87 -2.42 56.01
C THR B 57 -9.67 -3.67 55.15
N PHE B 58 -8.92 -3.53 54.07
CA PHE B 58 -8.69 -4.66 53.17
C PHE B 58 -7.25 -5.12 53.14
N THR B 59 -6.61 -5.10 54.31
CA THR B 59 -5.24 -5.51 54.44
C THR B 59 -5.02 -6.89 53.87
N VAL B 60 -6.01 -7.76 53.99
CA VAL B 60 -5.89 -9.10 53.45
C VAL B 60 -5.73 -9.06 51.94
N GLN B 61 -6.57 -8.28 51.27
CA GLN B 61 -6.50 -8.18 49.82
C GLN B 61 -5.19 -7.52 49.35
N LEU B 62 -4.65 -6.62 50.15
CA LEU B 62 -3.40 -5.97 49.77
C LEU B 62 -2.26 -6.96 49.83
N SER B 63 -2.21 -7.73 50.93
CA SER B 63 -1.16 -8.71 51.09
C SER B 63 -1.21 -9.70 49.95
N ASN B 64 -2.41 -10.14 49.58
CA ASN B 64 -2.51 -11.10 48.51
C ASN B 64 -2.01 -10.49 47.21
N LYS B 65 -2.26 -9.21 47.01
CA LYS B 65 -1.80 -8.55 45.80
C LYS B 65 -0.28 -8.44 45.80
N LEU B 66 0.31 -8.06 46.93
CA LEU B 66 1.76 -7.96 47.01
C LEU B 66 2.41 -9.29 46.63
N ILE B 67 1.82 -10.38 47.09
CA ILE B 67 2.35 -11.70 46.77
C ILE B 67 2.33 -11.91 45.25
N MET B 68 1.19 -11.61 44.64
CA MET B 68 1.02 -11.72 43.19
C MET B 68 2.14 -10.97 42.46
N ASP B 69 2.34 -9.72 42.85
CA ASP B 69 3.35 -8.84 42.27
C ASP B 69 4.76 -9.36 42.52
N ILE B 70 5.06 -9.68 43.76
CA ILE B 70 6.39 -10.18 44.05
C ILE B 70 6.71 -11.41 43.22
N ARG B 71 5.73 -12.29 43.00
CA ARG B 71 5.96 -13.48 42.20
C ARG B 71 6.34 -13.06 40.79
N ARG B 72 5.59 -12.11 40.26
CA ARG B 72 5.81 -11.58 38.93
C ARG B 72 7.24 -11.09 38.72
N PHE B 73 7.77 -10.37 39.71
CA PHE B 73 9.11 -9.83 39.60
C PHE B 73 10.17 -10.90 39.67
N ILE B 74 10.03 -11.82 40.62
CA ILE B 74 11.01 -12.88 40.75
C ILE B 74 11.00 -13.73 39.51
N LYS B 75 9.84 -13.94 38.92
CA LYS B 75 9.76 -14.76 37.71
C LYS B 75 10.36 -14.01 36.52
N LYS B 76 10.23 -12.69 36.54
CA LYS B 76 10.75 -11.84 35.48
C LYS B 76 12.27 -11.91 35.54
N TYR B 77 12.81 -11.83 36.74
CA TYR B 77 14.25 -11.91 36.92
C TYR B 77 14.76 -13.25 36.43
N TYR B 78 14.09 -14.33 36.84
CA TYR B 78 14.52 -15.68 36.47
C TYR B 78 14.29 -16.05 35.02
N ASP B 79 13.51 -15.28 34.27
CA ASP B 79 13.30 -15.61 32.87
C ASP B 79 14.67 -15.52 32.16
N GLY B 80 15.58 -14.77 32.75
CA GLY B 80 16.91 -14.61 32.20
C GLY B 80 17.08 -13.95 30.84
N TRP B 81 16.19 -13.02 30.45
CA TRP B 81 16.35 -12.35 29.16
C TRP B 81 17.67 -11.60 29.17
N LEU B 82 18.44 -11.79 28.11
CA LEU B 82 19.73 -11.13 27.92
C LEU B 82 19.67 -10.32 26.65
N ILE B 83 20.31 -9.16 26.65
CA ILE B 83 20.32 -8.29 25.48
C ILE B 83 21.75 -7.79 25.21
N CYS B 84 22.16 -7.85 23.94
CA CYS B 84 23.49 -7.40 23.50
C CYS B 84 23.70 -5.91 23.76
N GLU B 85 24.88 -5.54 24.24
CA GLU B 85 25.16 -4.16 24.58
C GLU B 85 25.47 -3.30 23.36
N GLU B 86 25.72 -3.94 22.22
CA GLU B 86 26.01 -3.22 20.98
C GLU B 86 24.72 -2.72 20.39
N PRO B 87 24.55 -1.39 20.27
CA PRO B 87 23.35 -0.73 19.73
C PRO B 87 22.94 -1.19 18.36
N THR B 88 23.90 -1.67 17.59
CA THR B 88 23.64 -2.14 16.24
C THR B 88 23.20 -3.61 16.20
N CYS B 89 23.36 -4.31 17.32
CA CYS B 89 22.99 -5.73 17.41
C CYS B 89 21.70 -5.89 18.22
N ARG B 90 21.77 -5.62 19.52
CA ARG B 90 20.62 -5.70 20.41
C ARG B 90 19.91 -7.06 20.35
N ASN B 91 20.70 -8.10 20.11
CA ASN B 91 20.21 -9.48 20.04
C ASN B 91 19.64 -9.75 21.43
N ARG B 92 18.46 -10.36 21.47
CA ARG B 92 17.75 -10.64 22.70
C ARG B 92 17.53 -12.13 22.83
N THR B 93 18.04 -12.72 23.89
CA THR B 93 17.88 -14.15 24.09
C THR B 93 17.74 -14.57 25.55
N ARG B 94 17.21 -15.78 25.75
CA ARG B 94 17.05 -16.33 27.09
C ARG B 94 18.05 -17.47 27.24
N HIS B 95 18.82 -17.70 26.19
CA HIS B 95 19.81 -18.75 26.19
C HIS B 95 21.19 -18.21 26.56
N LEU B 96 21.65 -18.52 27.77
CA LEU B 96 22.97 -18.08 28.20
C LEU B 96 24.04 -18.86 27.45
N PRO B 97 24.90 -18.18 26.67
CA PRO B 97 25.96 -18.84 25.91
C PRO B 97 27.12 -19.27 26.80
N LEU B 98 27.62 -20.49 26.58
CA LEU B 98 28.73 -21.01 27.39
C LEU B 98 30.05 -20.34 27.07
N GLN B 99 30.06 -19.61 25.97
CA GLN B 99 31.25 -18.89 25.53
C GLN B 99 31.25 -17.49 26.13
N PHE B 100 32.13 -17.31 27.11
CA PHE B 100 32.25 -16.03 27.81
C PHE B 100 33.45 -15.23 27.34
N SER B 101 33.32 -13.91 27.39
CA SER B 101 34.43 -13.06 27.03
C SER B 101 34.89 -12.58 28.39
N ARG B 102 35.74 -11.58 28.41
CA ARG B 102 36.24 -11.06 29.67
C ARG B 102 35.18 -10.42 30.55
N THR B 103 34.14 -9.86 29.95
CA THR B 103 33.10 -9.23 30.76
C THR B 103 31.75 -9.94 30.80
N GLY B 104 31.70 -11.18 30.36
CA GLY B 104 30.44 -11.90 30.41
C GLY B 104 30.11 -12.67 29.15
N PRO B 105 28.87 -13.17 29.04
CA PRO B 105 28.44 -13.94 27.88
C PRO B 105 28.71 -13.18 26.58
N LEU B 106 29.22 -13.90 25.58
CA LEU B 106 29.52 -13.30 24.28
C LEU B 106 28.32 -13.45 23.35
N CYS B 107 27.83 -12.33 22.83
CA CYS B 107 26.68 -12.37 21.95
C CYS B 107 26.95 -13.31 20.80
N PRO B 108 26.05 -14.25 20.52
CA PRO B 108 26.30 -15.16 19.40
C PRO B 108 25.92 -14.56 18.03
N ALA B 109 25.17 -13.46 18.01
CA ALA B 109 24.77 -12.79 16.77
C ALA B 109 26.01 -12.10 16.25
N CYS B 110 26.35 -10.94 16.84
CA CYS B 110 27.58 -10.27 16.49
C CYS B 110 28.48 -11.07 17.41
N MET B 111 29.75 -11.25 17.11
CA MET B 111 30.55 -12.03 18.06
C MET B 111 31.55 -11.15 18.77
N LYS B 112 31.18 -9.90 19.01
CA LYS B 112 32.11 -8.97 19.65
C LYS B 112 31.49 -8.10 20.73
N ALA B 113 30.36 -8.51 21.28
CA ALA B 113 29.73 -7.72 22.32
C ALA B 113 29.25 -8.63 23.43
N THR B 114 29.07 -8.07 24.61
CA THR B 114 28.62 -8.85 25.75
C THR B 114 27.13 -8.73 25.95
N LEU B 115 26.51 -9.83 26.39
CA LEU B 115 25.07 -9.86 26.65
C LEU B 115 24.85 -9.36 28.05
N GLN B 116 23.85 -8.50 28.23
CA GLN B 116 23.53 -7.96 29.55
C GLN B 116 22.13 -8.39 30.01
N PRO B 117 21.97 -8.67 31.30
CA PRO B 117 20.65 -9.07 31.80
C PRO B 117 19.66 -7.93 31.54
N GLU B 118 18.50 -8.23 30.99
CA GLU B 118 17.47 -7.24 30.70
C GLU B 118 16.89 -6.70 32.01
N TYR B 119 16.70 -7.59 32.99
CA TYR B 119 16.18 -7.22 34.30
C TYR B 119 17.23 -7.73 35.28
N SER B 120 18.15 -6.85 35.65
CA SER B 120 19.25 -7.18 36.55
C SER B 120 18.85 -7.51 37.98
N ASP B 121 19.75 -8.20 38.67
CA ASP B 121 19.51 -8.61 40.04
C ASP B 121 19.46 -7.36 40.93
N LYS B 122 20.13 -6.30 40.53
CA LYS B 122 20.09 -5.10 41.32
C LYS B 122 18.73 -4.41 41.15
N SER B 123 18.11 -4.56 39.99
CA SER B 123 16.80 -3.95 39.78
C SER B 123 15.75 -4.69 40.60
N LEU B 124 15.83 -6.03 40.61
CA LEU B 124 14.89 -6.86 41.37
C LEU B 124 15.00 -6.55 42.85
N TYR B 125 16.23 -6.51 43.35
CA TYR B 125 16.46 -6.23 44.75
C TYR B 125 15.95 -4.84 45.16
N THR B 126 16.16 -3.86 44.29
CA THR B 126 15.68 -2.52 44.58
C THR B 126 14.14 -2.52 44.60
N GLN B 127 13.53 -3.24 43.68
CA GLN B 127 12.07 -3.34 43.60
C GLN B 127 11.46 -3.92 44.88
N LEU B 128 12.13 -4.92 45.44
CA LEU B 128 11.64 -5.57 46.65
C LEU B 128 11.83 -4.62 47.82
N CYS B 129 12.94 -3.88 47.82
CA CYS B 129 13.19 -2.93 48.88
C CYS B 129 12.16 -1.81 48.86
N PHE B 130 11.68 -1.48 47.66
CA PHE B 130 10.69 -0.44 47.49
C PHE B 130 9.38 -0.92 48.09
N TYR B 131 8.96 -2.14 47.74
CA TYR B 131 7.72 -2.70 48.27
C TYR B 131 7.77 -2.83 49.79
N ARG B 132 8.96 -2.77 50.36
CA ARG B 132 9.11 -2.88 51.79
C ARG B 132 9.10 -1.47 52.37
N TYR B 133 9.68 -0.53 51.62
CA TYR B 133 9.76 0.86 52.05
C TYR B 133 8.40 1.58 52.09
N ILE B 134 7.50 1.21 51.19
CA ILE B 134 6.19 1.86 51.16
C ILE B 134 5.28 1.39 52.28
N PHE B 135 5.77 0.45 53.09
CA PHE B 135 4.97 -0.05 54.19
C PHE B 135 5.75 -0.02 55.50
N ASP B 136 6.95 0.53 55.46
CA ASP B 136 7.77 0.62 56.66
C ASP B 136 7.34 1.89 57.37
N ALA B 137 6.26 1.80 58.14
CA ALA B 137 5.73 2.95 58.86
C ALA B 137 6.69 3.49 59.91
N GLU B 138 7.33 2.61 60.66
CA GLU B 138 8.25 3.05 61.70
C GLU B 138 9.34 3.93 61.13
N CYS B 139 9.83 3.54 59.95
CA CYS B 139 10.89 4.28 59.27
C CYS B 139 10.39 5.63 58.71
N ALA B 140 9.20 5.63 58.12
CA ALA B 140 8.64 6.86 57.55
C ALA B 140 8.35 7.87 58.66
N LEU B 141 8.23 7.38 59.88
CA LEU B 141 7.96 8.22 61.04
C LEU B 141 9.27 8.76 61.63
N GLU B 142 10.32 7.94 61.61
CA GLU B 142 11.61 8.37 62.12
C GLU B 142 12.24 9.38 61.18
N LYS B 143 11.65 9.50 60.00
CA LYS B 143 12.13 10.44 58.99
C LYS B 143 11.43 11.79 59.15
N LEU B 144 10.81 11.97 60.30
CA LEU B 144 10.15 13.23 60.64
C LEU B 144 11.03 13.88 61.72
N THR B 145 11.37 15.15 61.49
CA THR B 145 12.25 15.91 62.39
C THR B 145 11.75 16.15 63.82
N THR B 146 10.57 16.76 63.93
CA THR B 146 9.98 17.09 65.23
C THR B 146 9.11 15.99 65.81
N ASP B 147 9.41 15.61 67.05
CA ASP B 147 8.64 14.57 67.73
C ASP B 147 7.17 14.96 67.88
N HIS B 148 6.85 16.24 67.66
CA HIS B 148 5.46 16.67 67.76
C HIS B 148 4.72 16.23 66.51
N GLU B 149 5.25 16.60 65.35
CA GLU B 149 4.64 16.23 64.07
C GLU B 149 4.38 14.73 64.06
N LYS B 150 5.38 13.96 64.50
CA LYS B 150 5.26 12.50 64.53
C LYS B 150 4.16 11.99 65.45
N ASP B 151 4.27 12.27 66.74
CA ASP B 151 3.30 11.81 67.72
C ASP B 151 1.85 12.25 67.51
N LYS B 152 1.63 13.41 66.89
CA LYS B 152 0.26 13.84 66.64
C LYS B 152 -0.30 12.84 65.62
N LEU B 153 0.58 12.49 64.68
CA LEU B 153 0.30 11.55 63.60
C LEU B 153 0.22 10.11 64.16
N LYS B 154 1.18 9.78 65.02
CA LYS B 154 1.24 8.46 65.64
C LYS B 154 0.01 8.20 66.49
N LYS B 155 -0.51 9.25 67.10
CA LYS B 155 -1.70 9.14 67.96
C LYS B 155 -2.98 9.15 67.13
N GLN B 156 -2.94 9.86 66.01
CA GLN B 156 -4.11 9.96 65.15
C GLN B 156 -4.39 8.73 64.30
N PHE B 157 -3.37 8.16 63.65
CA PHE B 157 -3.58 7.01 62.78
C PHE B 157 -2.89 5.70 63.14
N PHE B 158 -1.66 5.78 63.64
CA PHE B 158 -0.88 4.58 63.94
C PHE B 158 -1.07 3.92 65.29
N THR B 159 -2.21 3.25 65.46
CA THR B 159 -2.52 2.54 66.69
C THR B 159 -1.66 1.29 66.64
N PRO B 160 -1.53 0.58 67.78
CA PRO B 160 -0.71 -0.64 67.77
C PRO B 160 -1.16 -1.66 66.72
N LYS B 161 -2.45 -1.68 66.45
CA LYS B 161 -3.01 -2.60 65.47
C LYS B 161 -2.68 -2.20 64.06
N VAL B 162 -2.77 -0.91 63.76
CA VAL B 162 -2.45 -0.45 62.43
C VAL B 162 -0.96 -0.67 62.18
N LEU B 163 -0.13 -0.40 63.18
CA LEU B 163 1.29 -0.60 63.03
C LEU B 163 1.54 -2.07 62.71
N GLN B 164 0.74 -2.95 63.28
CA GLN B 164 0.90 -4.37 63.03
C GLN B 164 0.56 -4.67 61.57
N ASP B 165 -0.51 -4.07 61.07
CA ASP B 165 -0.92 -4.26 59.69
C ASP B 165 0.20 -3.88 58.73
N TYR B 166 0.84 -2.75 59.00
CA TYR B 166 1.93 -2.30 58.17
C TYR B 166 3.11 -3.27 58.24
N ARG B 167 3.48 -3.69 59.45
CA ARG B 167 4.59 -4.62 59.62
C ARG B 167 4.32 -5.86 58.77
N LYS B 168 3.08 -6.32 58.79
CA LYS B 168 2.68 -7.50 58.05
C LYS B 168 2.94 -7.31 56.56
N LEU B 169 2.37 -6.26 55.98
CA LEU B 169 2.56 -5.98 54.55
C LEU B 169 4.02 -5.80 54.24
N LYS B 170 4.72 -5.05 55.09
CA LYS B 170 6.14 -4.79 54.90
C LYS B 170 6.96 -6.06 54.84
N ASN B 171 6.55 -7.09 55.56
CA ASN B 171 7.33 -8.32 55.54
C ASN B 171 6.74 -9.38 54.61
N THR B 172 5.78 -8.99 53.80
CA THR B 172 5.17 -9.92 52.86
C THR B 172 6.31 -10.42 51.99
N ALA B 173 7.30 -9.54 51.83
CA ALA B 173 8.48 -9.84 51.04
C ALA B 173 9.06 -11.23 51.39
N GLU B 174 9.48 -11.49 52.63
CA GLU B 174 10.02 -12.82 52.89
C GLU B 174 9.03 -13.89 53.36
N GLN B 175 8.37 -14.47 52.37
CA GLN B 175 7.41 -15.56 52.53
C GLN B 175 8.03 -16.35 51.39
N PHE B 176 8.70 -15.57 50.55
CA PHE B 176 9.41 -16.02 49.36
C PHE B 176 10.91 -15.86 49.62
N PHE C 151 30.64 -2.49 12.16
CA PHE C 151 29.65 -3.32 12.91
C PHE C 151 28.36 -3.44 12.08
N SER C 152 28.00 -4.68 11.73
CA SER C 152 26.83 -5.00 10.89
C SER C 152 25.46 -5.28 11.60
N PRO C 153 24.36 -5.43 10.80
CA PRO C 153 22.95 -5.69 11.13
C PRO C 153 22.43 -6.37 12.41
N SER C 154 21.24 -5.94 12.81
CA SER C 154 20.52 -6.40 14.00
C SER C 154 20.02 -7.85 13.89
N ALA C 155 20.21 -8.61 14.96
CA ALA C 155 19.81 -10.01 14.99
C ALA C 155 18.35 -10.26 15.33
N THR C 156 17.94 -9.72 16.47
CA THR C 156 16.62 -9.86 17.03
C THR C 156 15.50 -9.04 16.39
N PRO C 157 15.50 -7.71 16.62
CA PRO C 157 15.15 -6.27 16.65
C PRO C 157 13.65 -6.13 16.63
N SER C 158 13.18 -5.49 17.68
CA SER C 158 11.78 -5.25 17.83
C SER C 158 11.08 -6.56 18.17
N GLN C 159 11.87 -7.53 18.60
CA GLN C 159 11.37 -8.85 19.00
C GLN C 159 10.23 -8.73 20.00
N LYS C 160 10.51 -8.09 21.12
CA LYS C 160 9.52 -7.90 22.18
C LYS C 160 8.24 -7.23 21.68
N TYR C 161 8.39 -6.14 20.93
CA TYR C 161 7.25 -5.41 20.41
C TYR C 161 6.32 -6.21 19.50
N ASN C 162 6.90 -7.02 18.62
CA ASN C 162 6.10 -7.79 17.68
C ASN C 162 5.39 -8.98 18.31
N SER C 163 5.87 -9.40 19.46
CA SER C 163 5.26 -10.53 20.15
C SER C 163 4.25 -10.06 21.20
N ARG C 164 4.04 -8.75 21.31
CA ARG C 164 3.09 -8.20 22.28
C ARG C 164 1.75 -8.89 22.07
N SER C 165 0.91 -8.85 23.10
CA SER C 165 -0.42 -9.47 23.01
C SER C 165 -1.55 -8.52 23.42
N ASN C 166 -1.20 -7.29 23.77
CA ASN C 166 -2.18 -6.29 24.18
C ASN C 166 -2.79 -5.52 23.01
N ARG C 167 -2.21 -5.68 21.83
CA ARG C 167 -2.67 -5.00 20.63
C ARG C 167 -4.17 -4.66 20.58
N GLY C 168 -4.48 -3.41 20.30
CA GLY C 168 -5.87 -2.97 20.20
C GLY C 168 -6.60 -2.65 21.48
N GLU C 169 -6.01 -3.00 22.61
CA GLU C 169 -6.63 -2.77 23.91
C GLU C 169 -6.93 -1.31 24.20
N VAL C 170 -8.16 -1.01 24.59
CA VAL C 170 -8.52 0.37 24.91
C VAL C 170 -8.15 0.59 26.38
N VAL C 171 -7.17 1.45 26.63
CA VAL C 171 -6.71 1.70 27.99
C VAL C 171 -7.33 2.88 28.70
N THR C 172 -8.06 3.71 27.96
CA THR C 172 -8.72 4.86 28.55
C THR C 172 -9.88 5.26 27.68
N SER C 173 -10.96 5.69 28.31
CA SER C 173 -12.14 6.08 27.58
C SER C 173 -12.66 7.38 28.16
N PHE C 174 -13.12 8.26 27.27
CA PHE C 174 -13.70 9.53 27.68
C PHE C 174 -14.97 9.71 26.89
N GLY C 175 -15.97 10.35 27.51
CA GLY C 175 -17.25 10.57 26.86
C GLY C 175 -18.04 9.26 26.76
N LEU C 176 -19.21 9.24 26.16
CA LEU C 176 -19.93 7.96 26.09
C LEU C 176 -19.09 7.07 25.20
N ALA C 177 -18.46 6.05 25.79
CA ALA C 177 -17.60 5.16 25.01
C ALA C 177 -18.36 4.49 23.87
N GLN C 178 -17.70 4.46 22.72
CA GLN C 178 -18.22 3.90 21.49
C GLN C 178 -17.93 2.41 21.40
N GLY C 179 -18.19 1.84 20.22
CA GLY C 179 -17.88 0.44 20.03
C GLY C 179 -16.38 0.40 19.79
N VAL C 180 -15.92 -0.51 18.94
CA VAL C 180 -14.51 -0.56 18.59
C VAL C 180 -14.50 -0.28 17.09
N SER C 181 -15.71 -0.14 16.54
CA SER C 181 -15.84 0.19 15.15
C SER C 181 -15.75 1.71 15.09
N TRP C 182 -14.52 2.20 15.31
CA TRP C 182 -14.28 3.62 15.20
C TRP C 182 -14.00 3.66 13.73
N SER C 183 -14.60 4.61 13.05
CA SER C 183 -14.42 4.72 11.64
C SER C 183 -14.74 6.13 11.24
N GLY C 184 -13.95 6.67 10.33
CA GLY C 184 -14.21 8.01 9.85
C GLY C 184 -14.83 7.79 8.49
N ARG C 185 -15.28 8.86 7.83
CA ARG C 185 -15.86 8.70 6.52
C ARG C 185 -14.74 8.72 5.47
N GLY C 186 -13.49 8.72 5.93
CA GLY C 186 -12.37 8.76 5.02
C GLY C 186 -12.18 10.17 4.48
N GLY C 187 -12.13 10.30 3.16
CA GLY C 187 -11.97 11.62 2.58
C GLY C 187 -13.32 12.30 2.43
N ALA C 188 -14.38 11.51 2.52
CA ALA C 188 -15.77 11.96 2.37
C ALA C 188 -16.18 13.28 3.00
N GLY C 189 -17.02 14.00 2.26
CA GLY C 189 -17.56 15.26 2.70
C GLY C 189 -16.64 16.42 2.97
N ASN C 190 -17.17 17.33 3.76
CA ASN C 190 -16.49 18.56 4.15
C ASN C 190 -15.49 18.39 5.29
N ILE C 191 -14.21 18.55 4.97
CA ILE C 191 -13.17 18.48 5.96
C ILE C 191 -12.49 19.83 5.79
N SER C 192 -12.51 20.63 6.85
CA SER C 192 -11.92 21.96 6.80
C SER C 192 -10.75 22.08 7.79
N LEU C 193 -9.54 22.16 7.25
CA LEU C 193 -8.33 22.30 8.07
C LEU C 193 -7.73 23.68 7.88
N LYS C 194 -7.77 24.50 8.93
CA LYS C 194 -7.21 25.84 8.83
C LYS C 194 -6.18 26.02 9.94
N VAL C 195 -5.00 26.50 9.58
CA VAL C 195 -3.99 26.74 10.59
C VAL C 195 -4.36 28.10 11.12
N LEU C 196 -4.62 28.11 12.40
CA LEU C 196 -5.06 29.29 13.06
C LEU C 196 -3.87 30.02 13.58
N GLY C 197 -4.13 30.89 14.55
CA GLY C 197 -3.10 31.68 15.19
C GLY C 197 -2.27 32.43 14.18
N CYS C 198 -1.53 33.42 14.66
CA CYS C 198 -0.65 34.18 13.77
C CYS C 198 0.39 33.16 13.28
N PRO C 199 0.51 33.02 11.93
CA PRO C 199 1.33 32.19 11.00
C PRO C 199 2.35 31.12 11.46
N GLU C 200 3.60 31.30 11.03
CA GLU C 200 4.77 30.44 11.32
C GLU C 200 5.13 29.37 10.29
N ALA C 201 6.12 29.69 9.46
CA ALA C 201 6.62 28.78 8.43
C ALA C 201 8.06 29.14 8.02
N LEU C 202 8.86 29.62 8.98
CA LEU C 202 10.29 30.00 8.82
C LEU C 202 10.56 31.47 8.51
N LYS C 207 14.97 34.34 10.08
CA LYS C 207 15.02 34.68 11.50
C LYS C 207 16.46 34.48 11.98
N SER C 208 16.95 35.39 12.83
CA SER C 208 18.32 35.28 13.36
C SER C 208 18.41 34.18 14.39
N MET C 209 19.59 33.58 14.48
CA MET C 209 19.83 32.50 15.42
C MET C 209 20.38 33.02 16.72
N PHE C 210 20.61 34.33 16.78
CA PHE C 210 21.15 34.93 17.97
C PHE C 210 20.20 35.88 18.67
N GLN C 211 20.00 35.65 19.96
CA GLN C 211 19.15 36.52 20.76
C GLN C 211 20.04 37.41 21.58
N LYS C 212 19.63 38.65 21.75
CA LYS C 212 20.36 39.59 22.58
C LYS C 212 19.58 39.66 23.89
N LEU C 213 20.28 39.57 25.01
CA LEU C 213 19.64 39.58 26.32
C LEU C 213 18.58 40.66 26.46
N PRO C 214 18.86 41.88 25.98
CA PRO C 214 17.85 42.93 26.10
C PRO C 214 16.55 42.56 25.42
N ASP C 215 16.61 41.74 24.39
CA ASP C 215 15.39 41.33 23.69
C ASP C 215 14.62 40.25 24.45
N ILE C 216 15.33 39.35 25.12
CA ILE C 216 14.69 38.33 25.90
C ILE C 216 13.97 39.04 27.06
N ARG C 217 14.67 40.00 27.65
CA ARG C 217 14.16 40.78 28.77
C ARG C 217 12.84 41.43 28.36
N GLU C 218 12.82 41.96 27.16
CA GLU C 218 11.63 42.61 26.64
C GLU C 218 10.47 41.64 26.54
N VAL C 219 10.73 40.43 26.05
CA VAL C 219 9.66 39.47 25.89
C VAL C 219 9.10 39.05 27.26
N LEU C 220 9.98 38.84 28.24
CA LEU C 220 9.53 38.45 29.55
C LEU C 220 8.74 39.56 30.26
N THR C 221 9.19 40.81 30.13
CA THR C 221 8.45 41.91 30.77
C THR C 221 7.06 42.03 30.17
N CYS C 222 6.94 41.93 28.85
CA CYS C 222 5.65 42.04 28.19
C CYS C 222 4.74 40.90 28.56
N LYS C 223 5.34 39.75 28.82
CA LYS C 223 4.54 38.61 29.22
C LYS C 223 3.82 38.98 30.53
N ILE C 224 4.57 39.53 31.47
CA ILE C 224 4.02 39.91 32.77
C ILE C 224 3.06 41.08 32.67
N GLU C 225 3.51 42.16 32.06
CA GLU C 225 2.70 43.36 31.91
C GLU C 225 1.41 43.13 31.12
N GLU C 226 1.50 42.35 30.04
CA GLU C 226 0.32 42.12 29.21
C GLU C 226 -0.74 41.32 29.93
N LEU C 227 -0.35 40.20 30.54
CA LEU C 227 -1.30 39.38 31.24
C LEU C 227 -1.80 40.11 32.49
N GLY C 228 -0.90 40.83 33.15
CA GLY C 228 -1.28 41.57 34.33
C GLY C 228 -2.34 42.63 34.02
N SER C 229 -2.22 43.25 32.86
CA SER C 229 -3.18 44.26 32.48
C SER C 229 -4.58 43.66 32.36
N GLU C 230 -4.65 42.43 31.88
CA GLU C 230 -5.94 41.76 31.72
C GLU C 230 -6.49 41.28 33.05
N LEU C 231 -5.62 40.71 33.89
CA LEU C 231 -6.02 40.22 35.20
C LEU C 231 -6.53 41.38 36.05
N LYS C 232 -5.84 42.51 35.94
CA LYS C 232 -6.20 43.72 36.68
C LYS C 232 -7.60 44.22 36.31
N GLU C 233 -8.00 44.04 35.05
CA GLU C 233 -9.30 44.48 34.59
C GLU C 233 -10.37 43.49 35.02
N HIS C 234 -10.02 42.21 34.93
CA HIS C 234 -10.94 41.16 35.30
C HIS C 234 -11.28 41.22 36.79
N TYR C 235 -10.25 41.29 37.64
CA TYR C 235 -10.45 41.33 39.08
C TYR C 235 -10.62 42.76 39.59
N LYS C 236 -10.80 43.69 38.67
CA LYS C 236 -10.96 45.10 39.04
C LYS C 236 -10.01 45.56 40.14
N ILE C 237 -8.72 45.28 39.96
CA ILE C 237 -7.71 45.70 40.92
C ILE C 237 -7.53 47.18 40.64
N GLU C 238 -7.29 47.96 41.68
CA GLU C 238 -7.17 49.40 41.48
C GLU C 238 -5.75 49.82 41.12
N ALA C 239 -4.76 49.23 41.78
CA ALA C 239 -3.39 49.60 41.51
C ALA C 239 -2.39 48.54 41.93
N PHE C 240 -1.29 48.47 41.19
CA PHE C 240 -0.23 47.53 41.49
C PHE C 240 0.84 48.31 42.23
N THR C 241 1.32 47.75 43.31
CA THR C 241 2.33 48.40 44.09
C THR C 241 3.70 47.87 43.69
N PRO C 242 4.71 48.74 43.69
CA PRO C 242 6.05 48.30 43.33
C PRO C 242 6.46 47.24 44.37
N LEU C 243 7.13 46.18 43.95
CA LEU C 243 7.55 45.15 44.89
C LEU C 243 8.42 45.64 46.04
N LEU C 244 9.26 46.61 45.77
CA LEU C 244 10.14 47.16 46.81
C LEU C 244 9.57 48.29 47.67
N ALA C 245 8.32 48.70 47.42
CA ALA C 245 7.71 49.75 48.24
C ALA C 245 7.09 49.14 49.49
N PRO C 246 7.62 49.44 50.66
CA PRO C 246 7.04 48.89 51.88
C PRO C 246 5.75 49.61 52.25
N ALA C 247 4.83 48.86 52.85
CA ALA C 247 3.55 49.41 53.28
C ALA C 247 3.05 48.66 54.50
N GLN C 248 2.17 49.31 55.25
CA GLN C 248 1.60 48.75 56.46
C GLN C 248 0.34 48.01 56.04
N GLU C 249 -0.36 48.57 55.07
CA GLU C 249 -1.59 47.97 54.57
C GLU C 249 -1.30 46.94 53.49
N PRO C 250 -2.23 46.00 53.26
CA PRO C 250 -2.03 44.97 52.24
C PRO C 250 -1.75 45.59 50.88
N VAL C 251 -0.88 44.93 50.10
CA VAL C 251 -0.56 45.41 48.76
C VAL C 251 -0.85 44.33 47.73
N THR C 252 -1.07 44.74 46.49
CA THR C 252 -1.36 43.82 45.40
C THR C 252 -0.17 43.86 44.47
N LEU C 253 0.57 42.76 44.40
CA LEU C 253 1.75 42.70 43.56
C LEU C 253 1.61 41.85 42.29
N LEU C 254 2.19 42.35 41.20
CA LEU C 254 2.19 41.67 39.92
C LEU C 254 3.60 41.24 39.63
N GLY C 255 3.78 39.98 39.24
CA GLY C 255 5.11 39.53 38.96
C GLY C 255 5.16 38.13 38.37
N GLN C 256 6.38 37.61 38.24
CA GLN C 256 6.63 36.29 37.69
C GLN C 256 7.26 35.41 38.78
N ILE C 257 6.67 34.25 39.02
CA ILE C 257 7.19 33.38 40.05
C ILE C 257 8.58 32.89 39.64
N GLY C 258 9.42 32.63 40.63
CA GLY C 258 10.76 32.17 40.34
C GLY C 258 11.33 31.46 41.55
N CYS C 259 12.48 30.84 41.37
CA CYS C 259 13.14 30.16 42.45
C CYS C 259 14.41 30.93 42.77
N ASP C 260 14.79 30.98 44.03
CA ASP C 260 15.99 31.70 44.42
C ASP C 260 17.30 30.93 44.17
N SER C 261 17.20 29.75 43.57
CA SER C 261 18.39 28.93 43.29
C SER C 261 18.23 28.22 41.95
N ASN C 262 19.24 27.43 41.58
CA ASN C 262 19.18 26.69 40.33
C ASN C 262 18.49 25.37 40.51
N GLY C 263 17.99 25.13 41.72
CA GLY C 263 17.34 23.87 42.02
C GLY C 263 15.84 23.85 41.82
N LYS C 264 15.21 22.82 42.37
CA LYS C 264 13.78 22.65 42.28
C LYS C 264 13.11 23.67 43.20
N LEU C 265 11.96 24.17 42.77
CA LEU C 265 11.21 25.14 43.54
C LEU C 265 10.62 24.43 44.75
N ASN C 266 10.63 25.09 45.90
CA ASN C 266 10.03 24.53 47.12
C ASN C 266 9.37 25.67 47.88
N ASN C 267 8.52 25.36 48.84
CA ASN C 267 7.79 26.41 49.56
C ASN C 267 8.63 27.41 50.34
N LYS C 268 9.95 27.32 50.22
CA LYS C 268 10.83 28.25 50.91
C LYS C 268 11.67 29.08 49.96
N SER C 269 11.74 28.65 48.70
CA SER C 269 12.55 29.33 47.68
C SER C 269 11.81 30.23 46.72
N VAL C 270 10.49 30.34 46.87
CA VAL C 270 9.72 31.17 45.96
C VAL C 270 10.11 32.64 46.06
N ILE C 271 10.31 33.26 44.90
CA ILE C 271 10.62 34.68 44.84
C ILE C 271 9.65 35.22 43.80
N LEU C 272 9.36 36.51 43.86
CA LEU C 272 8.46 37.11 42.89
C LEU C 272 9.25 38.20 42.17
N GLU C 273 9.36 38.06 40.86
CA GLU C 273 10.08 39.05 40.07
C GLU C 273 9.06 39.99 39.44
N GLY C 274 9.19 41.28 39.71
CA GLY C 274 8.23 42.23 39.18
C GLY C 274 8.45 42.65 37.74
N ASP C 275 7.41 43.18 37.13
CA ASP C 275 7.51 43.65 35.77
C ASP C 275 8.39 44.89 35.80
N ARG C 276 8.82 45.35 34.64
CA ARG C 276 9.64 46.55 34.58
C ARG C 276 8.80 47.81 34.83
N GLU C 277 7.63 47.86 34.20
CA GLU C 277 6.73 49.00 34.32
C GLU C 277 6.36 49.46 35.71
N HIS C 278 6.19 48.52 36.64
CA HIS C 278 5.80 48.90 38.00
C HIS C 278 6.90 48.74 39.05
N SER C 279 7.74 47.73 38.90
CA SER C 279 8.76 47.48 39.90
C SER C 279 10.19 47.55 39.42
N SER C 280 10.40 47.99 38.19
CA SER C 280 11.73 48.06 37.60
C SER C 280 12.46 46.70 37.67
N GLY C 281 11.67 45.64 37.61
CA GLY C 281 12.21 44.30 37.62
C GLY C 281 12.80 43.76 38.91
N ALA C 282 12.48 44.38 40.04
CA ALA C 282 13.01 43.91 41.31
C ALA C 282 12.38 42.60 41.78
N GLN C 283 13.09 41.90 42.65
CA GLN C 283 12.64 40.62 43.22
C GLN C 283 12.45 40.75 44.72
N ILE C 284 11.56 39.94 45.28
CA ILE C 284 11.35 39.89 46.73
C ILE C 284 10.96 38.46 47.08
N PRO C 285 11.44 37.94 48.20
CA PRO C 285 11.08 36.56 48.56
C PRO C 285 9.59 36.56 48.93
N VAL C 286 8.93 35.41 48.79
CA VAL C 286 7.53 35.30 49.13
C VAL C 286 7.34 34.25 50.21
N ASP C 287 6.70 34.65 51.31
CA ASP C 287 6.44 33.74 52.41
C ASP C 287 5.05 33.16 52.16
N LEU C 288 4.96 31.84 52.10
CA LEU C 288 3.70 31.17 51.83
C LEU C 288 3.01 30.55 53.05
N SER C 289 3.59 30.73 54.24
CA SER C 289 3.04 30.17 55.47
C SER C 289 1.59 30.51 55.76
N GLU C 290 1.15 31.70 55.35
CA GLU C 290 -0.22 32.11 55.60
C GLU C 290 -1.12 31.88 54.41
N LEU C 291 -0.60 31.24 53.38
CA LEU C 291 -1.40 30.98 52.18
C LEU C 291 -2.04 29.61 52.27
N LYS C 292 -3.36 29.61 52.31
CA LYS C 292 -4.12 28.37 52.40
C LYS C 292 -3.96 27.51 51.15
N GLU C 293 -4.27 28.08 49.99
CA GLU C 293 -4.13 27.33 48.74
C GLU C 293 -3.23 27.98 47.71
N TYR C 294 -2.47 27.14 47.02
CA TYR C 294 -1.57 27.61 45.99
C TYR C 294 -1.00 26.49 45.14
N SER C 295 -0.73 26.83 43.88
CA SER C 295 -0.10 25.96 42.91
C SER C 295 0.80 26.96 42.20
N LEU C 296 2.10 26.77 42.30
CA LEU C 296 3.02 27.71 41.69
C LEU C 296 4.11 26.99 40.92
N PHE C 297 4.65 27.67 39.92
CA PHE C 297 5.73 27.13 39.10
C PHE C 297 6.52 28.30 38.55
N PRO C 298 7.82 28.11 38.30
CA PRO C 298 8.69 29.16 37.76
C PRO C 298 8.24 29.68 36.41
N GLY C 299 8.07 30.99 36.29
CA GLY C 299 7.64 31.57 35.02
C GLY C 299 6.20 31.99 35.05
N GLN C 300 5.47 31.53 36.05
CA GLN C 300 4.05 31.84 36.23
C GLN C 300 3.76 33.30 36.53
N VAL C 301 2.97 33.95 35.68
CA VAL C 301 2.61 35.34 35.97
C VAL C 301 1.47 35.28 36.99
N VAL C 302 1.59 36.01 38.08
CA VAL C 302 0.55 36.00 39.10
C VAL C 302 0.31 37.36 39.70
N ILE C 303 -0.80 37.47 40.42
CA ILE C 303 -1.11 38.66 41.14
C ILE C 303 -1.32 38.17 42.56
N MET C 304 -0.52 38.70 43.49
CA MET C 304 -0.61 38.28 44.87
C MET C 304 -0.90 39.44 45.77
N GLU C 305 -1.60 39.14 46.85
CA GLU C 305 -1.97 40.14 47.84
C GLU C 305 -1.36 39.68 49.14
N GLY C 306 -0.84 40.63 49.90
CA GLY C 306 -0.21 40.28 51.17
C GLY C 306 0.36 41.49 51.88
N ILE C 307 1.21 41.22 52.85
CA ILE C 307 1.82 42.26 53.66
C ILE C 307 3.32 42.29 53.40
N ASN C 308 3.82 43.48 53.04
CA ASN C 308 5.23 43.67 52.80
C ASN C 308 5.52 44.97 53.54
N THR C 309 5.78 44.84 54.84
CA THR C 309 6.04 46.02 55.67
C THR C 309 7.44 46.59 55.61
N THR C 310 8.42 45.75 55.34
CA THR C 310 9.80 46.18 55.26
C THR C 310 10.22 46.32 53.81
N GLY C 311 9.45 45.72 52.91
CA GLY C 311 9.75 45.82 51.49
C GLY C 311 10.76 44.77 51.07
N ARG C 312 11.02 43.83 51.98
CA ARG C 312 11.98 42.77 51.70
C ARG C 312 11.35 41.38 51.66
N LYS C 313 10.03 41.33 51.84
CA LYS C 313 9.36 40.04 51.82
C LYS C 313 7.86 40.23 51.77
N LEU C 314 7.18 39.37 51.01
CA LEU C 314 5.75 39.45 50.91
C LEU C 314 5.16 38.27 51.63
N VAL C 315 4.32 38.55 52.61
CA VAL C 315 3.65 37.48 53.33
C VAL C 315 2.35 37.43 52.55
N ALA C 316 2.26 36.46 51.66
CA ALA C 316 1.09 36.31 50.82
C ALA C 316 -0.13 35.86 51.59
N THR C 317 -1.24 36.51 51.31
CA THR C 317 -2.50 36.18 51.96
C THR C 317 -3.52 35.78 50.93
N LYS C 318 -3.25 36.11 49.67
CA LYS C 318 -4.16 35.80 48.58
C LYS C 318 -3.44 35.66 47.24
N LEU C 319 -3.77 34.62 46.50
CA LEU C 319 -3.16 34.40 45.22
C LEU C 319 -4.29 34.32 44.24
N TYR C 320 -4.52 35.39 43.48
CA TYR C 320 -5.60 35.37 42.50
C TYR C 320 -5.52 34.16 41.58
N GLU C 321 -6.67 33.68 41.14
CA GLU C 321 -6.72 32.52 40.28
C GLU C 321 -6.52 32.91 38.82
N GLY C 322 -5.87 32.03 38.08
CA GLY C 322 -5.64 32.30 36.67
C GLY C 322 -6.92 32.47 35.90
N VAL C 323 -6.88 33.34 34.89
CA VAL C 323 -8.04 33.56 34.05
C VAL C 323 -7.75 33.07 32.65
N PRO C 324 -8.58 32.14 32.16
CA PRO C 324 -8.40 31.60 30.81
C PRO C 324 -8.92 32.53 29.73
N LEU C 325 -8.58 32.25 28.49
CA LEU C 325 -9.06 33.05 27.37
C LEU C 325 -10.43 32.50 26.95
N PRO C 326 -11.26 33.32 26.31
CA PRO C 326 -12.56 32.78 25.90
C PRO C 326 -12.39 31.71 24.85
N PHE C 327 -13.39 30.84 24.69
CA PHE C 327 -13.32 29.80 23.68
C PHE C 327 -13.59 30.45 22.32
N TYR C 328 -13.31 29.72 21.26
CA TYR C 328 -13.56 30.22 19.93
C TYR C 328 -15.09 30.30 19.78
N GLN C 329 -15.59 31.40 19.23
CA GLN C 329 -17.03 31.55 19.01
C GLN C 329 -17.29 31.04 17.61
N PRO C 330 -18.04 29.94 17.48
CA PRO C 330 -18.32 29.39 16.15
C PRO C 330 -19.25 30.24 15.30
N THR C 331 -19.01 30.24 13.99
CA THR C 331 -19.86 30.97 13.06
C THR C 331 -20.98 29.95 12.78
N GLU C 332 -22.00 30.35 12.03
CA GLU C 332 -23.10 29.44 11.73
C GLU C 332 -22.69 28.24 10.87
N GLU C 333 -21.79 28.47 9.91
CA GLU C 333 -21.31 27.42 9.02
C GLU C 333 -20.67 26.27 9.78
N ASP C 334 -19.94 26.59 10.85
CA ASP C 334 -19.26 25.58 11.67
C ASP C 334 -20.22 24.57 12.27
N ALA C 335 -21.48 24.97 12.46
CA ALA C 335 -22.49 24.08 13.01
C ALA C 335 -23.00 23.12 11.94
N ASP C 336 -22.66 23.42 10.68
CA ASP C 336 -23.07 22.61 9.53
C ASP C 336 -22.11 21.48 9.17
N PHE C 337 -21.06 21.31 9.98
CA PHE C 337 -20.09 20.24 9.74
C PHE C 337 -20.66 18.92 10.21
N GLU C 338 -20.29 17.85 9.53
CA GLU C 338 -20.75 16.53 9.94
C GLU C 338 -19.74 15.96 10.92
N GLN C 339 -20.03 14.80 11.47
CA GLN C 339 -19.12 14.18 12.42
C GLN C 339 -17.80 13.87 11.74
N SER C 340 -16.71 14.05 12.49
CA SER C 340 -15.37 13.78 11.98
C SER C 340 -14.66 12.94 13.03
N MET C 341 -13.77 12.08 12.57
CA MET C 341 -12.99 11.23 13.47
C MET C 341 -11.55 11.67 13.30
N VAL C 342 -10.87 11.96 14.39
CA VAL C 342 -9.49 12.41 14.32
C VAL C 342 -8.58 11.45 15.05
N LEU C 343 -7.53 10.97 14.39
CA LEU C 343 -6.60 10.07 15.04
C LEU C 343 -5.38 10.89 15.40
N VAL C 344 -4.81 10.61 16.56
CA VAL C 344 -3.66 11.32 17.07
C VAL C 344 -2.56 10.34 17.51
N ALA C 345 -1.31 10.64 17.19
CA ALA C 345 -0.19 9.77 17.57
C ALA C 345 1.12 10.55 17.70
N CYS C 346 2.00 10.09 18.57
CA CYS C 346 3.26 10.78 18.81
C CYS C 346 4.41 9.77 18.84
N GLY C 347 5.56 10.18 18.32
CA GLY C 347 6.72 9.31 18.29
C GLY C 347 7.35 9.15 19.65
N PRO C 348 8.41 8.33 19.78
CA PRO C 348 9.07 7.54 18.74
C PRO C 348 8.16 6.57 18.02
N TYR C 349 8.55 6.17 16.80
CA TYR C 349 7.78 5.25 15.97
C TYR C 349 8.55 3.94 15.73
N THR C 350 9.65 3.76 16.44
CA THR C 350 10.45 2.56 16.35
C THR C 350 10.90 2.21 17.78
N THR C 351 11.03 0.92 18.06
CA THR C 351 11.46 0.53 19.39
C THR C 351 12.91 0.99 19.59
N SER C 352 13.32 1.19 20.84
CA SER C 352 14.64 1.67 21.16
C SER C 352 15.80 0.79 20.73
N ASP C 353 15.51 -0.45 20.37
CA ASP C 353 16.55 -1.38 19.95
C ASP C 353 16.59 -1.65 18.47
N SER C 354 15.61 -1.15 17.73
CA SER C 354 15.60 -1.37 16.30
C SER C 354 15.36 -0.12 15.48
N ILE C 355 15.49 -0.24 14.17
CA ILE C 355 15.21 0.86 13.27
C ILE C 355 14.29 0.29 12.20
N THR C 356 13.45 -0.66 12.62
CA THR C 356 12.53 -1.32 11.71
C THR C 356 11.18 -0.60 11.64
N TYR C 357 10.97 0.38 12.51
CA TYR C 357 9.73 1.13 12.54
C TYR C 357 8.48 0.27 12.47
N ASP C 358 8.52 -0.89 13.13
CA ASP C 358 7.38 -1.79 13.15
C ASP C 358 6.12 -1.12 13.71
N PRO C 359 6.26 -0.32 14.78
CA PRO C 359 5.08 0.35 15.33
C PRO C 359 4.45 1.30 14.28
N LEU C 360 5.29 1.99 13.53
CA LEU C 360 4.82 2.91 12.51
C LEU C 360 4.01 2.18 11.45
N LEU C 361 4.50 1.02 11.04
CA LEU C 361 3.80 0.22 10.04
C LEU C 361 2.45 -0.21 10.62
N ASP C 362 2.41 -0.57 11.91
CA ASP C 362 1.16 -0.97 12.52
C ASP C 362 0.19 0.20 12.58
N LEU C 363 0.70 1.37 12.89
CA LEU C 363 -0.15 2.55 12.96
C LEU C 363 -0.73 2.86 11.57
N ILE C 364 0.04 2.55 10.54
CA ILE C 364 -0.39 2.79 9.18
C ILE C 364 -1.54 1.87 8.85
N ALA C 365 -1.44 0.62 9.30
CA ALA C 365 -2.50 -0.35 9.08
C ALA C 365 -3.78 0.14 9.74
N VAL C 366 -3.62 0.68 10.96
CA VAL C 366 -4.77 1.21 11.68
C VAL C 366 -5.43 2.33 10.90
N ILE C 367 -4.64 3.27 10.40
CA ILE C 367 -5.20 4.39 9.67
C ILE C 367 -6.01 3.94 8.46
N ASN C 368 -5.50 2.95 7.74
CA ASN C 368 -6.20 2.45 6.56
C ASN C 368 -7.48 1.70 6.90
N HIS C 369 -7.48 1.00 8.02
CA HIS C 369 -8.65 0.26 8.46
C HIS C 369 -9.77 1.17 8.99
N ASP C 370 -9.41 2.03 9.93
CA ASP C 370 -10.35 2.95 10.56
C ASP C 370 -10.68 4.12 9.66
N ARG C 371 -9.80 4.39 8.70
CA ARG C 371 -9.99 5.49 7.75
C ARG C 371 -10.49 6.78 8.40
N PRO C 372 -9.72 7.34 9.35
CA PRO C 372 -10.10 8.58 10.02
C PRO C 372 -10.03 9.76 9.07
N ASP C 373 -10.76 10.83 9.38
CA ASP C 373 -10.75 12.01 8.52
C ASP C 373 -9.42 12.75 8.58
N VAL C 374 -8.84 12.82 9.78
CA VAL C 374 -7.56 13.49 9.97
C VAL C 374 -6.63 12.71 10.89
N CYS C 375 -5.34 12.75 10.59
CA CYS C 375 -4.33 12.10 11.41
C CYS C 375 -3.33 13.15 11.80
N ILE C 376 -3.16 13.38 13.09
CA ILE C 376 -2.18 14.34 13.54
C ILE C 376 -1.00 13.52 14.06
N LEU C 377 0.12 13.56 13.36
CA LEU C 377 1.30 12.80 13.78
C LEU C 377 2.40 13.71 14.32
N PHE C 378 2.74 13.53 15.60
CA PHE C 378 3.78 14.33 16.28
C PHE C 378 5.10 13.59 16.20
N GLY C 379 6.19 14.34 16.09
CA GLY C 379 7.50 13.73 16.02
C GLY C 379 7.94 13.33 17.43
N PRO C 380 9.15 12.79 17.59
CA PRO C 380 10.19 12.52 16.60
C PRO C 380 9.94 11.39 15.60
N PHE C 381 10.38 11.60 14.37
CA PHE C 381 10.23 10.58 13.34
C PHE C 381 11.61 9.95 13.22
N LEU C 382 12.63 10.78 13.39
CA LEU C 382 13.99 10.32 13.42
C LEU C 382 14.51 10.94 14.71
N ASP C 383 14.30 10.21 15.80
CA ASP C 383 14.68 10.61 17.15
C ASP C 383 16.17 10.81 17.43
N ALA C 384 16.52 12.01 17.90
CA ALA C 384 17.88 12.36 18.22
C ALA C 384 18.43 11.58 19.40
N LYS C 385 17.53 11.03 20.20
CA LYS C 385 17.94 10.27 21.37
C LYS C 385 18.01 8.78 21.13
N HIS C 386 17.65 8.34 19.93
CA HIS C 386 17.73 6.92 19.64
C HIS C 386 19.19 6.52 19.65
N GLU C 387 19.51 5.40 20.29
CA GLU C 387 20.89 4.97 20.38
C GLU C 387 21.64 4.95 19.05
N GLN C 388 20.99 4.49 17.99
CA GLN C 388 21.66 4.43 16.70
C GLN C 388 21.79 5.77 16.00
N VAL C 389 20.99 6.75 16.41
CA VAL C 389 21.07 8.08 15.81
C VAL C 389 22.15 8.89 16.50
N GLU C 390 22.20 8.79 17.83
CA GLU C 390 23.22 9.52 18.53
C GLU C 390 24.63 9.06 18.31
N ASN C 391 24.83 7.76 18.09
CA ASN C 391 26.16 7.24 17.86
C ASN C 391 26.57 7.29 16.37
N CYS C 392 25.74 7.92 15.57
CA CYS C 392 26.03 8.07 14.15
C CYS C 392 26.53 6.77 13.56
N LEU C 393 25.72 5.72 13.76
CA LEU C 393 26.03 4.40 13.26
C LEU C 393 25.25 4.17 11.97
N LEU C 394 24.26 5.00 11.72
CA LEU C 394 23.44 4.88 10.50
C LEU C 394 24.35 5.03 9.29
N THR C 395 23.88 4.55 8.15
CA THR C 395 24.66 4.62 6.92
C THR C 395 23.97 5.47 5.86
N SER C 396 23.07 6.34 6.28
CA SER C 396 22.38 7.22 5.35
C SER C 396 22.24 8.56 6.02
N PRO C 397 22.14 9.64 5.24
CA PRO C 397 22.00 10.96 5.85
C PRO C 397 20.73 11.00 6.70
N PHE C 398 20.71 11.83 7.74
CA PHE C 398 19.52 11.93 8.56
C PHE C 398 18.33 12.39 7.71
N GLU C 399 18.56 13.42 6.91
CA GLU C 399 17.53 14.00 6.05
C GLU C 399 16.87 12.96 5.17
N ASP C 400 17.66 12.03 4.67
CA ASP C 400 17.16 10.98 3.78
C ASP C 400 16.30 10.01 4.52
N ILE C 401 16.76 9.59 5.71
CA ILE C 401 15.99 8.66 6.51
C ILE C 401 14.68 9.31 6.88
N PHE C 402 14.74 10.59 7.24
CA PHE C 402 13.53 11.34 7.58
C PHE C 402 12.51 11.30 6.44
N LYS C 403 12.96 11.64 5.24
CA LYS C 403 12.07 11.66 4.08
C LYS C 403 11.44 10.29 3.80
N GLN C 404 12.20 9.23 4.02
CA GLN C 404 11.73 7.87 3.80
C GLN C 404 10.60 7.56 4.74
N CYS C 405 10.75 8.01 5.98
CA CYS C 405 9.77 7.80 7.01
C CYS C 405 8.47 8.48 6.56
N LEU C 406 8.59 9.73 6.15
CA LEU C 406 7.46 10.52 5.69
C LEU C 406 6.81 9.88 4.46
N ARG C 407 7.64 9.37 3.55
CA ARG C 407 7.14 8.75 2.33
C ARG C 407 6.31 7.52 2.68
N THR C 408 6.84 6.68 3.55
CA THR C 408 6.14 5.48 3.97
C THR C 408 4.73 5.79 4.46
N ILE C 409 4.62 6.81 5.29
CA ILE C 409 3.34 7.22 5.84
C ILE C 409 2.42 7.82 4.77
N ILE C 410 2.95 8.75 3.98
CA ILE C 410 2.14 9.40 2.96
C ILE C 410 1.65 8.42 1.93
N GLU C 411 2.55 7.55 1.49
CA GLU C 411 2.21 6.55 0.49
C GLU C 411 1.36 5.45 1.10
N GLY C 412 1.86 4.86 2.17
CA GLY C 412 1.15 3.79 2.82
C GLY C 412 -0.27 4.08 3.24
N THR C 413 -0.66 5.35 3.26
CA THR C 413 -2.01 5.69 3.68
C THR C 413 -2.78 6.45 2.61
N ARG C 414 -2.33 6.33 1.36
CA ARG C 414 -2.99 7.02 0.26
C ARG C 414 -4.44 6.60 0.11
N SER C 415 -4.66 5.29 0.19
CA SER C 415 -5.99 4.72 0.03
C SER C 415 -7.03 5.07 1.10
N SER C 416 -6.58 5.43 2.29
CA SER C 416 -7.49 5.76 3.38
C SER C 416 -8.24 7.08 3.21
N GLY C 417 -7.66 7.99 2.43
CA GLY C 417 -8.30 9.27 2.22
C GLY C 417 -8.18 10.21 3.42
N SER C 418 -7.35 9.84 4.38
CA SER C 418 -7.17 10.68 5.56
C SER C 418 -6.17 11.80 5.30
N HIS C 419 -6.44 12.95 5.90
CA HIS C 419 -5.57 14.10 5.77
C HIS C 419 -4.53 14.00 6.87
N LEU C 420 -3.26 13.97 6.48
CA LEU C 420 -2.17 13.87 7.43
C LEU C 420 -1.66 15.23 7.84
N VAL C 421 -1.49 15.42 9.15
CA VAL C 421 -0.96 16.67 9.70
C VAL C 421 0.28 16.31 10.50
N PHE C 422 1.44 16.73 10.02
CA PHE C 422 2.74 16.48 10.64
C PHE C 422 3.20 17.61 11.55
N VAL C 423 3.48 17.29 12.81
CA VAL C 423 3.94 18.28 13.76
C VAL C 423 5.36 17.89 14.16
N PRO C 424 6.30 18.83 14.02
CA PRO C 424 7.70 18.56 14.37
C PRO C 424 7.97 18.48 15.87
N SER C 425 9.12 17.91 16.21
CA SER C 425 9.54 17.78 17.59
C SER C 425 10.98 18.30 17.72
N LEU C 426 11.34 18.77 18.90
CA LEU C 426 12.67 19.24 19.14
C LEU C 426 13.63 18.06 19.18
N ARG C 427 13.12 16.84 19.03
CA ARG C 427 13.95 15.66 19.00
C ARG C 427 14.15 15.15 17.60
N ASP C 428 13.51 15.79 16.62
CA ASP C 428 13.68 15.39 15.23
C ASP C 428 15.08 15.85 14.81
N VAL C 429 16.04 14.95 14.88
CA VAL C 429 17.43 15.26 14.59
C VAL C 429 17.77 16.09 13.35
N HIS C 430 17.07 15.87 12.25
CA HIS C 430 17.37 16.58 11.01
C HIS C 430 16.80 17.98 10.93
N HIS C 431 15.92 18.31 11.86
CA HIS C 431 15.24 19.59 11.86
C HIS C 431 15.77 20.62 12.87
N GLU C 432 15.46 21.88 12.59
CA GLU C 432 15.80 23.04 13.42
C GLU C 432 15.61 22.66 14.88
N PRO C 433 16.65 22.81 15.70
CA PRO C 433 16.49 22.42 17.11
C PRO C 433 15.92 23.44 18.08
N VAL C 434 15.64 24.65 17.62
CA VAL C 434 15.12 25.67 18.53
C VAL C 434 13.60 25.80 18.45
N TYR C 435 12.99 26.10 19.59
CA TYR C 435 11.56 26.25 19.73
C TYR C 435 11.22 27.74 19.72
N PRO C 436 10.11 28.14 19.08
CA PRO C 436 9.14 27.32 18.35
C PRO C 436 9.76 26.88 17.03
N GLN C 437 9.31 25.74 16.50
CA GLN C 437 9.85 25.21 15.27
C GLN C 437 8.95 25.43 14.09
N PRO C 438 9.53 25.68 12.91
CA PRO C 438 8.76 25.88 11.69
C PRO C 438 8.44 24.52 11.12
N PRO C 439 7.53 24.45 10.14
CA PRO C 439 7.11 23.20 9.51
C PRO C 439 8.27 22.46 8.87
N PHE C 440 8.09 21.15 8.70
CA PHE C 440 9.10 20.33 8.05
C PHE C 440 9.11 20.75 6.60
N SER C 441 10.19 20.41 5.91
CA SER C 441 10.30 20.70 4.49
C SER C 441 10.30 19.37 3.76
N TYR C 442 9.27 19.18 2.93
CA TYR C 442 9.11 17.98 2.15
C TYR C 442 8.42 18.39 0.85
N SER C 443 9.12 18.25 -0.27
CA SER C 443 8.56 18.63 -1.56
C SER C 443 8.18 17.43 -2.40
N ASP C 444 8.70 16.26 -2.07
CA ASP C 444 8.41 15.06 -2.85
C ASP C 444 6.95 14.63 -2.73
N LEU C 445 6.06 15.42 -3.33
CA LEU C 445 4.64 15.13 -3.28
C LEU C 445 3.94 15.26 -4.62
N SER C 446 3.07 14.31 -4.93
CA SER C 446 2.30 14.35 -6.17
C SER C 446 1.35 15.52 -5.95
N ARG C 447 0.48 15.82 -6.91
CA ARG C 447 -0.44 16.93 -6.71
C ARG C 447 -1.62 16.42 -5.90
N GLU C 448 -1.76 15.10 -5.86
CA GLU C 448 -2.84 14.48 -5.11
C GLU C 448 -2.45 14.51 -3.64
N ASP C 449 -1.25 14.00 -3.35
CA ASP C 449 -0.73 13.97 -1.99
C ASP C 449 -0.79 15.34 -1.37
N LYS C 450 -0.51 16.37 -2.16
CA LYS C 450 -0.53 17.74 -1.65
C LYS C 450 -1.88 18.14 -1.08
N LYS C 451 -2.94 17.47 -1.49
CA LYS C 451 -4.26 17.80 -0.96
C LYS C 451 -4.55 16.92 0.24
N GLN C 452 -3.65 15.98 0.50
CA GLN C 452 -3.80 15.06 1.61
C GLN C 452 -2.77 15.27 2.72
N VAL C 453 -1.74 16.06 2.47
CA VAL C 453 -0.70 16.27 3.46
C VAL C 453 -0.50 17.70 3.89
N GLN C 454 -0.29 17.90 5.18
CA GLN C 454 -0.07 19.23 5.71
C GLN C 454 1.07 19.24 6.72
N PHE C 455 1.95 20.23 6.62
CA PHE C 455 3.06 20.37 7.54
C PHE C 455 2.85 21.64 8.32
N VAL C 456 2.64 21.49 9.62
CA VAL C 456 2.41 22.65 10.48
C VAL C 456 3.63 22.83 11.37
N SER C 457 3.61 23.91 12.14
CA SER C 457 4.71 24.22 13.04
C SER C 457 4.51 23.57 14.39
N GLU C 458 5.40 23.88 15.32
CA GLU C 458 5.33 23.36 16.66
C GLU C 458 5.67 24.53 17.56
N PRO C 459 4.72 25.00 18.37
CA PRO C 459 3.34 24.54 18.51
C PRO C 459 2.44 24.99 17.36
N CYS C 460 1.20 24.53 17.37
CA CYS C 460 0.25 24.88 16.35
C CYS C 460 -1.18 24.86 16.87
N SER C 461 -1.95 25.89 16.52
CA SER C 461 -3.36 25.97 16.89
C SER C 461 -4.03 25.67 15.55
N LEU C 462 -4.70 24.53 15.47
CA LEU C 462 -5.34 24.13 14.22
C LEU C 462 -6.86 24.02 14.32
N SER C 463 -7.58 24.49 13.30
CA SER C 463 -9.03 24.40 13.30
C SER C 463 -9.41 23.24 12.41
N ILE C 464 -10.13 22.27 12.97
CA ILE C 464 -10.57 21.13 12.21
C ILE C 464 -12.07 21.13 12.22
N ASN C 465 -12.68 21.40 11.08
CA ASN C 465 -14.13 21.43 11.00
C ASN C 465 -14.70 22.37 12.06
N GLY C 466 -14.07 23.51 12.25
CA GLY C 466 -14.59 24.47 13.22
C GLY C 466 -14.15 24.23 14.66
N VAL C 467 -13.60 23.06 14.94
CA VAL C 467 -13.11 22.74 16.28
C VAL C 467 -11.65 23.16 16.41
N ILE C 468 -11.33 23.95 17.43
CA ILE C 468 -9.96 24.40 17.63
C ILE C 468 -9.10 23.38 18.39
N PHE C 469 -7.98 22.99 17.80
CA PHE C 469 -7.05 22.07 18.44
C PHE C 469 -5.77 22.77 18.81
N GLY C 470 -5.33 22.58 20.04
CA GLY C 470 -4.06 23.14 20.45
C GLY C 470 -3.14 21.95 20.30
N LEU C 471 -2.03 22.11 19.59
CA LEU C 471 -1.10 21.00 19.37
C LEU C 471 0.33 21.33 19.76
N THR C 472 0.96 20.45 20.52
CA THR C 472 2.35 20.63 20.88
C THR C 472 2.97 19.28 21.12
N SER C 473 4.18 19.11 20.60
CA SER C 473 4.90 17.86 20.73
C SER C 473 5.89 17.89 21.88
N THR C 474 6.09 19.10 22.44
CA THR C 474 7.03 19.30 23.54
C THR C 474 6.41 18.81 24.84
N ASP C 475 7.19 18.10 25.65
CA ASP C 475 6.68 17.56 26.89
C ASP C 475 6.52 18.60 28.01
N LEU C 476 5.65 19.56 27.77
CA LEU C 476 5.38 20.61 28.73
C LEU C 476 4.87 20.09 30.08
N LEU C 477 4.01 19.08 30.05
CA LEU C 477 3.47 18.52 31.30
C LEU C 477 4.57 17.97 32.19
N PHE C 478 5.44 17.14 31.61
CA PHE C 478 6.52 16.53 32.35
C PHE C 478 7.49 17.58 32.86
N HIS C 479 7.65 18.66 32.11
CA HIS C 479 8.57 19.70 32.51
C HIS C 479 7.99 20.58 33.59
N LEU C 480 6.73 20.93 33.43
CA LEU C 480 6.06 21.79 34.38
C LEU C 480 5.76 21.02 35.66
N GLY C 481 5.40 19.76 35.50
CA GLY C 481 5.08 18.92 36.64
C GLY C 481 6.27 18.73 37.55
N ALA C 482 7.47 18.73 36.99
CA ALA C 482 8.68 18.54 37.78
C ALA C 482 9.07 19.77 38.56
N GLU C 483 8.43 20.89 38.27
CA GLU C 483 8.79 22.14 38.92
C GLU C 483 7.69 22.82 39.70
N GLU C 484 6.50 22.24 39.68
CA GLU C 484 5.40 22.86 40.39
C GLU C 484 5.31 22.46 41.87
N ILE C 485 4.86 23.40 42.69
CA ILE C 485 4.68 23.14 44.11
C ILE C 485 3.23 23.46 44.41
N SER C 486 2.64 22.65 45.28
CA SER C 486 1.23 22.80 45.63
C SER C 486 0.94 22.71 47.12
N SER C 487 -0.18 23.30 47.52
CA SER C 487 -0.60 23.28 48.91
C SER C 487 -1.16 21.89 49.26
N SER C 488 -1.61 21.16 48.25
CA SER C 488 -2.15 19.81 48.45
C SER C 488 -1.10 18.74 48.10
N SER C 492 -5.79 16.02 45.42
CA SER C 492 -5.84 16.81 44.19
C SER C 492 -5.21 16.10 42.99
N ASP C 493 -5.75 16.38 41.81
CA ASP C 493 -5.25 15.77 40.59
C ASP C 493 -4.13 16.65 40.06
N ARG C 494 -2.92 16.14 40.15
CA ARG C 494 -1.75 16.88 39.69
C ARG C 494 -1.85 17.40 38.26
N PHE C 495 -2.17 16.51 37.32
CA PHE C 495 -2.26 16.89 35.91
C PHE C 495 -3.32 17.95 35.64
N SER C 496 -4.44 17.90 36.33
CA SER C 496 -5.47 18.91 36.12
C SER C 496 -4.92 20.27 36.52
N ARG C 497 -4.06 20.29 37.52
CA ARG C 497 -3.46 21.52 38.01
C ARG C 497 -2.55 22.10 36.93
N ILE C 498 -1.72 21.24 36.37
CA ILE C 498 -0.77 21.63 35.34
C ILE C 498 -1.48 22.05 34.06
N LEU C 499 -2.53 21.34 33.71
CA LEU C 499 -3.27 21.68 32.51
C LEU C 499 -3.97 23.03 32.71
N LYS C 500 -4.39 23.29 33.94
CA LYS C 500 -5.05 24.55 34.25
C LYS C 500 -4.07 25.69 34.09
N HIS C 501 -2.81 25.43 34.42
CA HIS C 501 -1.77 26.46 34.28
C HIS C 501 -1.52 26.81 32.82
N ILE C 502 -1.57 25.80 31.95
CA ILE C 502 -1.34 26.02 30.55
C ILE C 502 -2.46 26.85 29.98
N LEU C 503 -3.69 26.56 30.41
CA LEU C 503 -4.84 27.28 29.92
C LEU C 503 -5.01 28.67 30.54
N THR C 504 -4.33 28.95 31.65
CA THR C 504 -4.47 30.27 32.26
C THR C 504 -3.26 31.17 32.01
N GLN C 505 -2.15 30.59 31.54
CA GLN C 505 -0.96 31.39 31.25
C GLN C 505 -0.89 31.80 29.79
N ARG C 506 -1.81 31.25 29.00
CA ARG C 506 -1.92 31.59 27.59
C ARG C 506 -0.71 31.36 26.71
N SER C 507 0.11 30.39 27.09
CA SER C 507 1.31 30.06 26.33
C SER C 507 1.40 28.55 26.20
N TYR C 508 2.09 28.06 25.18
CA TYR C 508 2.25 26.64 24.97
C TYR C 508 3.46 26.13 25.75
N TYR C 509 4.16 27.05 26.40
CA TYR C 509 5.30 26.72 27.22
C TYR C 509 5.59 27.84 28.19
N PRO C 510 4.79 27.91 29.28
CA PRO C 510 4.92 28.94 30.31
C PRO C 510 6.07 28.79 31.28
N LEU C 511 6.64 27.59 31.37
CA LEU C 511 7.76 27.34 32.27
C LEU C 511 8.98 28.21 31.92
N TYR C 512 9.51 28.94 32.89
CA TYR C 512 10.67 29.78 32.68
C TYR C 512 11.49 29.89 33.95
N PRO C 513 12.78 29.56 33.88
CA PRO C 513 13.49 29.09 32.69
C PRO C 513 12.91 27.74 32.23
N PRO C 514 13.11 27.39 30.95
CA PRO C 514 12.58 26.12 30.44
C PRO C 514 13.43 24.96 30.95
N GLN C 515 12.99 23.73 30.70
CA GLN C 515 13.77 22.60 31.15
C GLN C 515 15.15 22.75 30.53
N GLU C 516 16.19 22.33 31.23
CA GLU C 516 17.52 22.52 30.70
C GLU C 516 17.92 21.68 29.51
N ASP C 517 17.68 22.17 28.30
CA ASP C 517 18.07 21.50 27.06
C ASP C 517 16.99 21.79 26.06
N MET C 518 16.05 22.61 26.50
CA MET C 518 14.99 23.05 25.64
C MET C 518 15.48 24.41 25.21
N ALA C 519 15.70 24.56 23.91
CA ALA C 519 16.19 25.84 23.41
C ALA C 519 15.01 26.69 22.96
N ILE C 520 14.90 27.88 23.53
CA ILE C 520 13.80 28.75 23.12
C ILE C 520 14.23 30.10 22.62
N ASP C 521 13.86 30.40 21.38
CA ASP C 521 14.12 31.74 20.83
C ASP C 521 12.92 32.54 21.35
N TYR C 522 13.14 33.36 22.36
CA TYR C 522 12.02 34.09 22.96
C TYR C 522 11.31 35.12 22.12
N GLU C 523 12.00 35.70 21.14
CA GLU C 523 11.34 36.68 20.29
C GLU C 523 10.36 35.95 19.38
N SER C 524 10.71 34.73 18.97
CA SER C 524 9.82 33.96 18.12
C SER C 524 8.69 33.40 18.97
N PHE C 525 9.04 33.00 20.18
CA PHE C 525 8.10 32.45 21.14
C PHE C 525 6.98 33.44 21.33
N TYR C 526 7.35 34.68 21.57
CA TYR C 526 6.39 35.76 21.77
C TYR C 526 5.38 35.85 20.64
N VAL C 527 5.84 35.66 19.41
CA VAL C 527 4.98 35.76 18.24
C VAL C 527 4.25 34.49 17.84
N TYR C 528 4.88 33.33 18.01
CA TYR C 528 4.28 32.09 17.57
C TYR C 528 3.88 31.03 18.60
N ALA C 529 4.17 31.22 19.88
CA ALA C 529 3.81 30.18 20.84
C ALA C 529 2.73 30.55 21.83
N GLN C 530 1.96 31.58 21.52
CA GLN C 530 0.89 31.99 22.41
C GLN C 530 -0.40 31.28 22.02
N LEU C 531 -1.34 31.15 22.96
CA LEU C 531 -2.62 30.51 22.66
C LEU C 531 -3.58 31.60 22.15
N PRO C 532 -4.20 31.40 20.98
CA PRO C 532 -5.13 32.39 20.43
C PRO C 532 -6.45 32.44 21.20
N VAL C 533 -6.86 31.30 21.72
CA VAL C 533 -8.09 31.14 22.48
C VAL C 533 -7.93 29.88 23.32
N THR C 534 -8.87 29.61 24.23
CA THR C 534 -8.77 28.37 24.99
C THR C 534 -9.25 27.34 23.97
N PRO C 535 -8.37 26.39 23.59
CA PRO C 535 -8.78 25.38 22.62
C PRO C 535 -9.92 24.46 23.09
N ASP C 536 -10.59 23.82 22.13
CA ASP C 536 -11.67 22.90 22.45
C ASP C 536 -11.02 21.58 22.80
N VAL C 537 -9.91 21.32 22.13
CA VAL C 537 -9.13 20.11 22.34
C VAL C 537 -7.66 20.48 22.41
N LEU C 538 -6.96 19.91 23.38
CA LEU C 538 -5.55 20.16 23.56
C LEU C 538 -4.85 18.80 23.48
N ILE C 539 -3.95 18.64 22.51
CA ILE C 539 -3.21 17.40 22.39
C ILE C 539 -1.79 17.65 22.92
N ILE C 540 -1.50 17.15 24.13
CA ILE C 540 -0.19 17.31 24.75
C ILE C 540 0.41 15.95 25.05
N PRO C 541 0.99 15.29 24.03
CA PRO C 541 1.57 13.98 24.27
C PRO C 541 2.71 14.13 25.26
N SER C 542 2.84 13.20 26.20
CA SER C 542 3.90 13.29 27.20
C SER C 542 4.49 11.93 27.55
N GLU C 543 5.54 11.93 28.36
CA GLU C 543 6.18 10.69 28.82
C GLU C 543 5.34 10.15 29.96
N LEU C 544 4.54 11.03 30.53
CA LEU C 544 3.64 10.67 31.61
C LEU C 544 2.54 9.77 31.08
N ARG C 545 1.84 9.09 31.97
CA ARG C 545 0.80 8.18 31.55
C ARG C 545 -0.29 8.86 30.73
N TYR C 546 -0.75 8.15 29.71
CA TYR C 546 -1.81 8.65 28.85
C TYR C 546 -3.01 9.05 29.70
N PHE C 547 -3.88 9.91 29.16
CA PHE C 547 -5.05 10.35 29.88
C PHE C 547 -5.91 11.27 29.03
N VAL C 548 -7.15 11.49 29.47
CA VAL C 548 -8.06 12.39 28.78
C VAL C 548 -8.82 13.09 29.91
N LYS C 549 -8.56 14.37 30.10
CA LYS C 549 -9.23 15.12 31.15
C LYS C 549 -9.94 16.36 30.61
N ASP C 550 -11.05 16.70 31.23
CA ASP C 550 -11.77 17.89 30.83
C ASP C 550 -11.31 18.92 31.85
N VAL C 551 -10.62 19.96 31.38
CA VAL C 551 -10.13 21.02 32.25
C VAL C 551 -10.65 22.34 31.73
N LEU C 552 -11.43 23.04 32.56
CA LEU C 552 -12.01 24.32 32.19
C LEU C 552 -12.75 24.30 30.85
N GLY C 553 -13.40 23.17 30.55
CA GLY C 553 -14.15 23.09 29.31
C GLY C 553 -13.36 22.66 28.09
N CYS C 554 -12.11 22.29 28.30
CA CYS C 554 -11.24 21.86 27.23
C CYS C 554 -10.89 20.39 27.44
N VAL C 555 -11.07 19.57 26.42
CA VAL C 555 -10.73 18.15 26.51
C VAL C 555 -9.23 18.02 26.24
N CYS C 556 -8.49 17.69 27.27
CA CYS C 556 -7.04 17.56 27.16
C CYS C 556 -6.68 16.11 26.98
N VAL C 557 -6.01 15.81 25.88
CA VAL C 557 -5.62 14.45 25.58
C VAL C 557 -4.13 14.25 25.56
N ASN C 558 -3.65 13.27 26.32
CA ASN C 558 -2.23 12.91 26.30
C ASN C 558 -2.33 11.47 25.79
N PRO C 559 -2.17 11.30 24.47
CA PRO C 559 -2.24 9.97 23.88
C PRO C 559 -1.04 9.11 24.22
N GLY C 560 -0.07 9.70 24.92
CA GLY C 560 1.13 8.95 25.25
C GLY C 560 1.94 8.75 23.99
N ARG C 561 3.05 8.02 24.09
CA ARG C 561 3.90 7.77 22.92
C ARG C 561 3.48 6.47 22.29
N LEU C 562 3.79 6.31 21.01
CA LEU C 562 3.43 5.11 20.27
C LEU C 562 4.37 3.99 20.65
N THR C 563 5.55 4.36 21.13
CA THR C 563 6.55 3.40 21.54
C THR C 563 7.22 3.86 22.82
N LYS C 564 7.39 2.94 23.77
CA LYS C 564 8.07 3.27 25.02
C LYS C 564 9.15 2.22 25.24
N GLY C 565 10.39 2.57 24.93
CA GLY C 565 11.49 1.66 25.11
C GLY C 565 11.48 0.57 24.06
N GLN C 566 11.23 -0.67 24.49
CA GLN C 566 11.17 -1.81 23.58
C GLN C 566 9.73 -2.31 23.55
N VAL C 567 8.85 -1.61 24.22
CA VAL C 567 7.46 -2.02 24.33
C VAL C 567 6.50 -1.16 23.53
N GLY C 568 5.35 -1.73 23.18
CA GLY C 568 4.37 -0.99 22.43
C GLY C 568 3.78 0.14 23.24
N GLY C 569 3.40 1.21 22.56
CA GLY C 569 2.80 2.34 23.23
C GLY C 569 1.33 2.46 22.95
N THR C 570 0.89 3.70 22.70
CA THR C 570 -0.52 3.98 22.47
C THR C 570 -0.69 5.15 21.53
N PHE C 571 -1.93 5.38 21.10
CA PHE C 571 -2.28 6.49 20.23
C PHE C 571 -3.70 6.79 20.64
N ALA C 572 -4.36 7.74 19.99
CA ALA C 572 -5.72 8.06 20.40
C ALA C 572 -6.61 8.49 19.26
N ARG C 573 -7.91 8.35 19.45
CA ARG C 573 -8.88 8.74 18.45
C ARG C 573 -9.95 9.59 19.11
N LEU C 574 -10.38 10.62 18.42
CA LEU C 574 -11.40 11.50 18.94
C LEU C 574 -12.56 11.49 17.96
N TYR C 575 -13.76 11.81 18.45
CA TYR C 575 -14.94 11.90 17.59
C TYR C 575 -15.43 13.31 17.79
N LEU C 576 -15.68 14.04 16.70
CA LEU C 576 -16.12 15.42 16.83
C LEU C 576 -17.38 15.76 16.06
N ARG C 577 -18.13 16.71 16.60
CA ARG C 577 -19.33 17.23 15.98
C ARG C 577 -19.89 18.33 16.84
N ARG C 578 -19.77 19.56 16.34
CA ARG C 578 -20.25 20.72 17.07
C ARG C 578 -21.78 20.75 17.14
N PRO C 579 -22.34 20.65 18.35
CA PRO C 579 -23.78 20.65 18.63
C PRO C 579 -24.60 21.90 18.23
N ALA C 580 -25.92 21.77 18.39
CA ALA C 580 -26.88 22.83 18.09
C ALA C 580 -26.68 24.08 18.95
N ALA C 581 -26.53 25.21 18.27
CA ALA C 581 -26.30 26.53 18.85
C ALA C 581 -26.72 26.90 20.28
N ASP C 582 -28.01 26.90 20.59
CA ASP C 582 -28.40 27.36 21.93
C ASP C 582 -28.56 26.49 23.17
N GLY C 583 -28.35 27.16 24.30
CA GLY C 583 -28.42 26.54 25.61
C GLY C 583 -27.22 27.04 26.41
N ALA C 584 -26.98 26.48 27.59
CA ALA C 584 -25.84 26.88 28.41
C ALA C 584 -24.59 26.65 27.55
N GLU C 585 -24.24 27.69 26.80
CA GLU C 585 -23.10 27.74 25.89
C GLU C 585 -22.23 26.50 25.65
N ARG C 586 -21.19 26.37 26.46
CA ARG C 586 -20.24 25.28 26.34
C ARG C 586 -20.86 23.90 26.15
N GLN C 587 -20.75 23.41 24.93
CA GLN C 587 -21.17 22.09 24.54
C GLN C 587 -19.92 21.72 23.78
N SER C 588 -19.05 20.96 24.43
CA SER C 588 -17.79 20.55 23.85
C SER C 588 -18.02 19.85 22.51
N PRO C 589 -17.38 20.35 21.44
CA PRO C 589 -17.57 19.70 20.14
C PRO C 589 -16.94 18.32 20.15
N CYS C 590 -16.14 18.04 21.16
CA CYS C 590 -15.50 16.73 21.29
C CYS C 590 -16.47 15.81 22.02
N ILE C 591 -16.98 14.83 21.28
CA ILE C 591 -17.96 13.89 21.81
C ILE C 591 -17.37 12.69 22.56
N ALA C 592 -16.26 12.16 22.06
CA ALA C 592 -15.65 11.00 22.71
C ALA C 592 -14.20 10.85 22.31
N VAL C 593 -13.42 10.28 23.22
CA VAL C 593 -12.02 10.05 22.97
C VAL C 593 -11.65 8.68 23.49
N GLN C 594 -10.63 8.08 22.89
CA GLN C 594 -10.19 6.76 23.30
C GLN C 594 -8.69 6.66 23.12
N VAL C 595 -8.00 6.08 24.09
CA VAL C 595 -6.58 5.90 23.97
C VAL C 595 -6.46 4.41 23.79
N VAL C 596 -5.91 4.02 22.64
CA VAL C 596 -5.76 2.63 22.28
C VAL C 596 -4.30 2.20 22.25
N ARG C 597 -4.06 0.92 22.51
CA ARG C 597 -2.71 0.37 22.46
C ARG C 597 -2.41 0.02 21.02
N ILE C 598 -1.24 0.40 20.51
CA ILE C 598 -0.91 0.06 19.12
C ILE C 598 -0.52 -1.44 19.09
N LEU D 3 42.66 38.20 13.96
CA LEU D 3 42.92 38.42 12.51
C LEU D 3 43.54 37.18 11.84
N THR D 4 44.21 36.34 12.63
CA THR D 4 44.87 35.11 12.14
C THR D 4 44.16 33.78 12.44
N ASP D 5 43.85 33.01 11.39
CA ASP D 5 43.10 31.76 11.52
C ASP D 5 43.42 30.85 12.69
N GLU D 6 44.70 30.67 13.00
CA GLU D 6 45.04 29.79 14.11
C GLU D 6 44.55 30.32 15.45
N GLU D 7 44.64 31.62 15.65
CA GLU D 7 44.21 32.20 16.91
C GLU D 7 42.72 32.49 16.98
N LYS D 8 42.12 32.73 15.82
CA LYS D 8 40.70 33.02 15.71
C LYS D 8 39.90 31.80 16.16
N TYR D 9 40.39 30.61 15.84
CA TYR D 9 39.70 29.38 16.19
C TYR D 9 40.42 28.64 17.32
N ARG D 10 41.26 29.35 18.05
CA ARG D 10 42.04 28.77 19.14
C ARG D 10 41.23 28.09 20.25
N ASP D 11 40.13 28.71 20.65
CA ASP D 11 39.31 28.15 21.73
C ASP D 11 38.17 27.25 21.26
N CYS D 12 37.99 27.13 19.96
CA CYS D 12 36.94 26.30 19.41
C CYS D 12 37.17 24.81 19.64
N GLU D 13 36.09 24.06 19.73
CA GLU D 13 36.20 22.65 19.95
C GLU D 13 36.53 21.99 18.62
N ARG D 14 37.45 21.03 18.63
CA ARG D 14 37.83 20.34 17.40
C ARG D 14 36.78 19.29 17.02
N PHE D 15 36.59 19.10 15.71
CA PHE D 15 35.64 18.12 15.23
C PHE D 15 36.22 16.71 15.43
N LYS D 16 35.49 15.88 16.16
CA LYS D 16 35.94 14.52 16.40
C LYS D 16 34.92 13.56 15.84
N CYS D 17 35.41 12.48 15.25
CA CYS D 17 34.55 11.46 14.69
C CYS D 17 35.33 10.16 14.64
N PRO D 18 34.81 9.11 15.27
CA PRO D 18 35.47 7.81 15.29
C PRO D 18 35.34 7.06 13.96
N CYS D 19 36.43 6.40 13.56
CA CYS D 19 36.47 5.63 12.32
C CYS D 19 35.38 4.57 12.39
N PRO D 20 34.48 4.53 11.38
CA PRO D 20 33.40 3.54 11.38
C PRO D 20 33.96 2.12 11.28
N THR D 21 35.21 2.02 10.86
CA THR D 21 35.84 0.73 10.71
C THR D 21 36.68 0.31 11.93
N CYS D 22 37.83 0.94 12.13
CA CYS D 22 38.68 0.55 13.25
C CYS D 22 38.19 1.04 14.60
N GLY D 23 37.45 2.14 14.62
CA GLY D 23 36.94 2.65 15.87
C GLY D 23 37.71 3.78 16.53
N THR D 24 38.95 4.04 16.12
CA THR D 24 39.71 5.10 16.74
C THR D 24 39.15 6.49 16.42
N GLU D 25 39.26 7.39 17.40
CA GLU D 25 38.76 8.74 17.25
C GLU D 25 39.69 9.64 16.42
N ASN D 26 39.20 10.12 15.29
CA ASN D 26 39.97 11.02 14.45
C ASN D 26 39.60 12.45 14.83
N ILE D 27 40.57 13.34 14.79
CA ILE D 27 40.35 14.73 15.14
C ILE D 27 40.68 15.63 13.96
N TYR D 28 39.79 16.56 13.66
CA TYR D 28 40.02 17.46 12.53
C TYR D 28 40.05 18.92 12.92
N ASP D 29 41.04 19.65 12.42
CA ASP D 29 41.17 21.06 12.74
C ASP D 29 41.56 21.86 11.52
N ASN D 30 41.75 21.17 10.39
CA ASN D 30 42.12 21.84 9.16
C ASN D 30 41.81 20.93 7.99
N VAL D 31 41.72 21.51 6.79
CA VAL D 31 41.46 20.73 5.58
C VAL D 31 42.64 19.79 5.36
N PHE D 32 43.83 20.30 5.62
CA PHE D 32 45.06 19.56 5.43
C PHE D 32 45.68 19.07 6.71
N ASP D 33 46.44 17.98 6.58
CA ASP D 33 47.12 17.37 7.71
C ASP D 33 48.60 17.34 7.39
N GLY D 34 49.41 17.87 8.30
CA GLY D 34 50.83 17.87 8.06
C GLY D 34 51.31 19.12 7.34
N SER D 35 52.59 19.14 7.01
CA SER D 35 53.19 20.30 6.37
C SER D 35 53.74 20.14 4.95
N GLY D 36 53.85 21.30 4.28
CA GLY D 36 54.37 21.42 2.93
C GLY D 36 54.26 20.33 1.86
N THR D 37 55.25 19.45 1.81
CA THR D 37 55.29 18.39 0.81
C THR D 37 54.53 17.11 1.16
N ASP D 38 54.62 16.67 2.40
CA ASP D 38 53.91 15.46 2.81
C ASP D 38 52.53 15.79 3.35
N MET D 39 51.99 16.89 2.87
CA MET D 39 50.68 17.39 3.27
C MET D 39 49.61 16.59 2.56
N GLU D 40 48.71 15.99 3.33
CA GLU D 40 47.62 15.20 2.76
C GLU D 40 46.33 15.74 3.36
N PRO D 41 45.21 15.62 2.65
CA PRO D 41 43.97 16.12 3.22
C PRO D 41 43.71 15.25 4.46
N SER D 42 43.51 15.87 5.63
CA SER D 42 43.28 15.14 6.88
C SER D 42 42.27 14.00 6.76
N LEU D 43 41.32 14.18 5.84
CA LEU D 43 40.27 13.22 5.58
C LEU D 43 40.70 12.07 4.66
N TYR D 44 41.97 12.06 4.27
CA TYR D 44 42.51 11.02 3.39
C TYR D 44 42.72 9.70 4.10
N ARG D 45 43.32 9.75 5.28
CA ARG D 45 43.57 8.52 6.02
C ARG D 45 43.19 8.57 7.47
N CYS D 46 42.91 7.40 8.01
CA CYS D 46 42.55 7.25 9.40
C CYS D 46 43.78 7.66 10.19
N SER D 47 43.64 7.91 11.48
CA SER D 47 44.80 8.29 12.27
C SER D 47 45.46 7.03 12.82
N ASN D 48 44.69 5.94 12.83
CA ASN D 48 45.20 4.64 13.26
C ASN D 48 45.91 4.13 12.02
N ILE D 49 47.20 3.81 12.15
CA ILE D 49 47.95 3.35 11.00
C ILE D 49 47.60 1.93 10.54
N ASP D 50 46.98 1.15 11.43
CA ASP D 50 46.58 -0.22 11.10
C ASP D 50 45.16 -0.29 10.54
N CYS D 51 44.62 0.88 10.21
CA CYS D 51 43.30 0.97 9.61
C CYS D 51 43.58 1.55 8.23
N LYS D 52 43.10 0.88 7.20
CA LYS D 52 43.32 1.33 5.83
C LYS D 52 42.06 1.94 5.24
N ALA D 53 41.11 2.28 6.10
CA ALA D 53 39.86 2.89 5.66
C ALA D 53 40.10 4.39 5.50
N SER D 54 39.49 4.97 4.47
CA SER D 54 39.63 6.40 4.24
C SER D 54 38.36 7.11 4.73
N PRO D 55 38.51 8.14 5.57
CA PRO D 55 37.33 8.86 6.06
C PRO D 55 36.48 9.39 4.93
N LEU D 56 37.10 9.64 3.78
CA LEU D 56 36.40 10.14 2.61
C LEU D 56 35.36 9.13 2.16
N THR D 57 35.48 7.92 2.65
CA THR D 57 34.55 6.85 2.31
C THR D 57 33.31 6.90 3.20
N PHE D 58 33.44 7.57 4.34
CA PHE D 58 32.34 7.64 5.28
C PHE D 58 31.78 9.06 5.45
N THR D 59 31.72 9.78 4.33
CA THR D 59 31.20 11.14 4.32
C THR D 59 29.81 11.22 4.97
N VAL D 60 29.01 10.19 4.78
CA VAL D 60 27.67 10.17 5.36
C VAL D 60 27.76 10.20 6.90
N GLN D 61 28.60 9.36 7.46
CA GLN D 61 28.77 9.32 8.91
C GLN D 61 29.35 10.61 9.47
N LEU D 62 30.20 11.30 8.71
CA LEU D 62 30.79 12.55 9.18
C LEU D 62 29.73 13.64 9.21
N SER D 63 28.92 13.71 8.16
CA SER D 63 27.87 14.71 8.09
C SER D 63 26.92 14.50 9.27
N ASN D 64 26.54 13.25 9.52
CA ASN D 64 25.64 12.99 10.63
C ASN D 64 26.24 13.44 11.93
N LYS D 65 27.54 13.22 12.11
CA LYS D 65 28.22 13.62 13.32
C LYS D 65 28.25 15.16 13.43
N LEU D 66 28.51 15.84 12.33
CA LEU D 66 28.52 17.31 12.36
C LEU D 66 27.19 17.85 12.85
N ILE D 67 26.11 17.27 12.35
CA ILE D 67 24.77 17.66 12.76
C ILE D 67 24.60 17.49 14.27
N MET D 68 24.99 16.32 14.78
CA MET D 68 24.93 16.03 16.21
C MET D 68 25.64 17.11 17.00
N ASP D 69 26.86 17.43 16.59
CA ASP D 69 27.70 18.45 17.24
C ASP D 69 27.09 19.85 17.14
N ILE D 70 26.69 20.23 15.94
CA ILE D 70 26.11 21.54 15.75
C ILE D 70 24.89 21.71 16.65
N ARG D 71 24.09 20.65 16.81
CA ARG D 71 22.91 20.74 17.68
C ARG D 71 23.34 21.03 19.09
N ARG D 72 24.36 20.30 19.55
CA ARG D 72 24.91 20.43 20.87
C ARG D 72 25.33 21.86 21.21
N PHE D 73 25.95 22.54 20.24
CA PHE D 73 26.43 23.91 20.43
C PHE D 73 25.30 24.90 20.49
N ILE D 74 24.35 24.76 19.57
CA ILE D 74 23.23 25.66 19.53
C ILE D 74 22.42 25.50 20.80
N LYS D 75 22.31 24.28 21.31
CA LYS D 75 21.55 24.06 22.52
C LYS D 75 22.29 24.60 23.74
N LYS D 76 23.62 24.56 23.66
CA LYS D 76 24.45 25.04 24.74
C LYS D 76 24.32 26.56 24.81
N TYR D 77 24.29 27.20 23.64
CA TYR D 77 24.13 28.65 23.59
C TYR D 77 22.78 29.03 24.19
N TYR D 78 21.72 28.37 23.72
CA TYR D 78 20.36 28.66 24.17
C TYR D 78 20.05 28.27 25.61
N ASP D 79 20.92 27.49 26.25
CA ASP D 79 20.65 27.13 27.65
C ASP D 79 20.69 28.41 28.48
N GLY D 80 21.35 29.42 27.94
CA GLY D 80 21.44 30.70 28.60
C GLY D 80 22.12 30.80 29.95
N TRP D 81 23.12 29.96 30.23
CA TRP D 81 23.81 30.04 31.51
C TRP D 81 24.46 31.41 31.60
N LEU D 82 24.28 32.06 32.74
CA LEU D 82 24.84 33.39 33.00
C LEU D 82 25.70 33.28 34.25
N ILE D 83 26.80 34.01 34.27
CA ILE D 83 27.69 33.98 35.43
C ILE D 83 28.15 35.39 35.80
N CYS D 84 28.09 35.69 37.10
CA CYS D 84 28.47 37.01 37.59
C CYS D 84 29.94 37.32 37.33
N GLU D 85 30.21 38.55 36.91
CA GLU D 85 31.58 38.96 36.62
C GLU D 85 32.43 39.23 37.86
N GLU D 86 31.80 39.35 39.01
CA GLU D 86 32.55 39.59 40.24
C GLU D 86 33.15 38.28 40.73
N PRO D 87 34.49 38.18 40.76
CA PRO D 87 35.24 36.99 41.19
C PRO D 87 34.84 36.44 42.55
N THR D 88 34.32 37.30 43.41
CA THR D 88 33.91 36.89 44.75
C THR D 88 32.49 36.37 44.78
N CYS D 89 31.75 36.56 43.69
CA CYS D 89 30.37 36.11 43.60
C CYS D 89 30.28 34.88 42.70
N ARG D 90 30.50 35.08 41.41
CA ARG D 90 30.48 33.99 40.44
C ARG D 90 29.16 33.21 40.47
N ASN D 91 28.08 33.92 40.82
CA ASN D 91 26.76 33.33 40.86
C ASN D 91 26.46 32.83 39.44
N ARG D 92 25.93 31.62 39.33
CA ARG D 92 25.63 31.01 38.03
C ARG D 92 24.14 30.71 37.92
N THR D 93 23.49 31.28 36.91
CA THR D 93 22.06 31.05 36.75
C THR D 93 21.59 31.01 35.30
N ARG D 94 20.43 30.39 35.08
CA ARG D 94 19.85 30.33 33.75
C ARG D 94 18.64 31.24 33.70
N HIS D 95 18.42 31.95 34.81
CA HIS D 95 17.30 32.86 34.94
C HIS D 95 17.72 34.30 34.66
N LEU D 96 17.37 34.82 33.49
CA LEU D 96 17.71 36.22 33.17
C LEU D 96 16.86 37.15 34.05
N PRO D 97 17.52 38.00 34.85
CA PRO D 97 16.80 38.92 35.72
C PRO D 97 16.26 40.11 34.93
N LEU D 98 15.04 40.52 35.24
CA LEU D 98 14.42 41.64 34.54
C LEU D 98 15.02 42.97 34.95
N GLN D 99 15.79 42.95 36.02
CA GLN D 99 16.43 44.13 36.56
C GLN D 99 17.81 44.25 35.92
N PHE D 100 17.93 45.22 35.02
CA PHE D 100 19.17 45.47 34.31
C PHE D 100 19.87 46.70 34.84
N SER D 101 21.20 46.69 34.78
CA SER D 101 21.98 47.84 35.20
C SER D 101 22.40 48.44 33.86
N ARG D 102 23.33 49.38 33.89
CA ARG D 102 23.75 50.00 32.64
C ARG D 102 24.44 49.05 31.66
N THR D 103 25.10 48.02 32.17
CA THR D 103 25.80 47.09 31.30
C THR D 103 25.18 45.71 31.16
N GLY D 104 23.94 45.55 31.60
CA GLY D 104 23.28 44.26 31.47
C GLY D 104 22.60 43.74 32.70
N PRO D 105 22.16 42.48 32.69
CA PRO D 105 21.49 41.87 33.84
C PRO D 105 22.27 42.08 35.14
N LEU D 106 21.55 42.42 36.20
CA LEU D 106 22.16 42.67 37.50
C LEU D 106 22.10 41.38 38.32
N CYS D 107 23.27 40.91 38.75
CA CYS D 107 23.35 39.69 39.56
C CYS D 107 22.44 39.84 40.78
N PRO D 108 21.57 38.85 41.01
CA PRO D 108 20.68 38.95 42.17
C PRO D 108 21.33 38.49 43.48
N ALA D 109 22.49 37.81 43.39
CA ALA D 109 23.22 37.36 44.57
C ALA D 109 23.85 38.61 45.19
N CYS D 110 24.95 39.06 44.58
CA CYS D 110 25.57 40.30 45.02
C CYS D 110 24.70 41.23 44.19
N MET D 111 24.42 42.45 44.62
CA MET D 111 23.58 43.28 43.78
C MET D 111 24.37 44.38 43.12
N LYS D 112 25.65 44.13 42.88
CA LYS D 112 26.46 45.16 42.23
C LYS D 112 27.36 44.67 41.10
N ALA D 113 26.98 43.57 40.47
CA ALA D 113 27.77 43.06 39.36
C ALA D 113 26.85 42.63 38.23
N THR D 114 27.40 42.60 37.02
CA THR D 114 26.63 42.22 35.85
C THR D 114 26.83 40.73 35.53
N LEU D 115 25.77 40.08 35.09
CA LEU D 115 25.83 38.67 34.71
C LEU D 115 26.28 38.60 33.26
N GLN D 116 27.20 37.67 32.98
CA GLN D 116 27.72 37.51 31.63
C GLN D 116 27.37 36.13 31.07
N PRO D 117 27.06 36.05 29.77
CA PRO D 117 26.73 34.76 29.18
C PRO D 117 27.93 33.82 29.32
N GLU D 118 27.70 32.60 29.77
CA GLU D 118 28.78 31.62 29.94
C GLU D 118 29.31 31.19 28.57
N TYR D 119 28.41 31.03 27.62
CA TYR D 119 28.77 30.64 26.25
C TYR D 119 28.16 31.72 25.36
N SER D 120 28.95 32.74 25.06
CA SER D 120 28.50 33.89 24.28
C SER D 120 28.13 33.59 22.85
N ASP D 121 27.40 34.51 22.23
CA ASP D 121 26.99 34.34 20.86
C ASP D 121 28.19 34.46 19.95
N LYS D 122 29.20 35.18 20.37
CA LYS D 122 30.38 35.29 19.54
C LYS D 122 31.14 33.96 19.56
N SER D 123 31.08 33.24 20.67
CA SER D 123 31.77 31.95 20.77
C SER D 123 31.10 30.92 19.88
N LEU D 124 29.76 30.90 19.91
CA LEU D 124 28.99 29.97 19.11
C LEU D 124 29.24 30.21 17.64
N TYR D 125 29.19 31.49 17.25
CA TYR D 125 29.40 31.89 15.86
C TYR D 125 30.81 31.48 15.39
N THR D 126 31.82 31.68 16.23
CA THR D 126 33.18 31.32 15.88
C THR D 126 33.25 29.81 15.70
N GLN D 127 32.62 29.07 16.60
CA GLN D 127 32.60 27.60 16.54
C GLN D 127 32.03 27.08 15.23
N LEU D 128 30.94 27.70 14.77
CA LEU D 128 30.31 27.27 13.54
C LEU D 128 31.22 27.60 12.37
N CYS D 129 31.87 28.75 12.44
CA CYS D 129 32.77 29.15 11.37
C CYS D 129 33.96 28.20 11.29
N PHE D 130 34.37 27.66 12.43
CA PHE D 130 35.47 26.73 12.48
C PHE D 130 35.06 25.44 11.79
N TYR D 131 33.88 24.95 12.11
CA TYR D 131 33.37 23.72 11.51
C TYR D 131 33.19 23.85 10.01
N ARG D 132 33.13 25.09 9.55
CA ARG D 132 32.97 25.40 8.14
C ARG D 132 34.38 25.51 7.52
N TYR D 133 35.29 26.08 8.28
CA TYR D 133 36.68 26.27 7.85
C TYR D 133 37.46 24.97 7.66
N ILE D 134 37.19 23.98 8.50
CA ILE D 134 37.92 22.73 8.40
C ILE D 134 37.49 21.89 7.20
N PHE D 135 36.49 22.35 6.47
CA PHE D 135 36.01 21.62 5.29
C PHE D 135 35.94 22.52 4.06
N ASP D 136 36.40 23.76 4.20
CA ASP D 136 36.42 24.70 3.08
C ASP D 136 37.69 24.41 2.29
N ALA D 137 37.65 23.39 1.44
CA ALA D 137 38.82 23.00 0.66
C ALA D 137 39.27 24.06 -0.32
N GLU D 138 38.31 24.70 -0.98
CA GLU D 138 38.64 25.72 -1.97
C GLU D 138 39.50 26.81 -1.31
N CYS D 139 39.12 27.19 -0.10
CA CYS D 139 39.81 28.22 0.65
C CYS D 139 41.18 27.77 1.14
N ALA D 140 41.28 26.55 1.64
CA ALA D 140 42.56 26.02 2.13
C ALA D 140 43.55 25.90 0.98
N LEU D 141 43.03 25.85 -0.25
CA LEU D 141 43.85 25.73 -1.45
C LEU D 141 44.30 27.11 -1.95
N GLU D 142 43.41 28.10 -1.83
CA GLU D 142 43.74 29.46 -2.25
C GLU D 142 44.74 30.08 -1.27
N LYS D 143 44.94 29.39 -0.14
CA LYS D 143 45.86 29.83 0.90
C LYS D 143 47.25 29.25 0.63
N LEU D 144 47.44 28.74 -0.58
CA LEU D 144 48.73 28.21 -1.00
C LEU D 144 49.28 29.21 -2.02
N THR D 145 50.53 29.61 -1.81
CA THR D 145 51.20 30.60 -2.63
C THR D 145 51.45 30.24 -4.10
N THR D 146 52.12 29.10 -4.32
CA THR D 146 52.47 28.66 -5.66
C THR D 146 51.41 27.76 -6.29
N ASP D 147 50.97 28.12 -7.49
CA ASP D 147 49.96 27.35 -8.21
C ASP D 147 50.44 25.92 -8.50
N HIS D 148 51.74 25.68 -8.35
CA HIS D 148 52.27 24.34 -8.58
C HIS D 148 51.90 23.47 -7.38
N GLU D 149 52.27 23.92 -6.18
CA GLU D 149 51.96 23.17 -4.97
C GLU D 149 50.47 22.83 -4.93
N LYS D 150 49.64 23.81 -5.25
CA LYS D 150 48.19 23.63 -5.27
C LYS D 150 47.74 22.56 -6.26
N ASP D 151 47.98 22.79 -7.55
CA ASP D 151 47.54 21.86 -8.59
C ASP D 151 48.07 20.44 -8.52
N LYS D 152 49.26 20.23 -7.93
CA LYS D 152 49.78 18.88 -7.81
C LYS D 152 48.85 18.18 -6.83
N LEU D 153 48.49 18.93 -5.81
CA LEU D 153 47.60 18.51 -4.73
C LEU D 153 46.16 18.39 -5.25
N LYS D 154 45.74 19.39 -6.04
CA LYS D 154 44.40 19.43 -6.62
C LYS D 154 44.19 18.26 -7.57
N LYS D 155 45.26 17.85 -8.25
CA LYS D 155 45.17 16.75 -9.18
C LYS D 155 45.30 15.41 -8.48
N GLN D 156 46.04 15.38 -7.38
CA GLN D 156 46.25 14.16 -6.63
C GLN D 156 45.05 13.72 -5.75
N PHE D 157 44.45 14.66 -5.02
CA PHE D 157 43.35 14.34 -4.12
C PHE D 157 41.99 14.96 -4.40
N PHE D 158 41.97 16.23 -4.80
CA PHE D 158 40.70 16.93 -5.01
C PHE D 158 40.03 16.81 -6.37
N THR D 159 39.43 15.65 -6.60
CA THR D 159 38.69 15.38 -7.83
C THR D 159 37.39 16.15 -7.69
N PRO D 160 36.64 16.33 -8.78
CA PRO D 160 35.39 17.08 -8.67
C PRO D 160 34.43 16.48 -7.64
N LYS D 161 34.49 15.16 -7.47
CA LYS D 161 33.63 14.47 -6.52
C LYS D 161 34.06 14.73 -5.08
N VAL D 162 35.36 14.68 -4.84
CA VAL D 162 35.87 14.92 -3.51
C VAL D 162 35.57 16.35 -3.13
N LEU D 163 35.73 17.27 -4.08
CA LEU D 163 35.43 18.67 -3.80
C LEU D 163 33.97 18.79 -3.42
N GLN D 164 33.12 17.97 -4.03
CA GLN D 164 31.70 18.02 -3.72
C GLN D 164 31.47 17.55 -2.29
N ASP D 165 32.15 16.46 -1.90
CA ASP D 165 32.02 15.94 -0.56
C ASP D 165 32.36 16.99 0.49
N TYR D 166 33.43 17.74 0.23
CA TYR D 166 33.86 18.79 1.15
C TYR D 166 32.81 19.89 1.20
N ARG D 167 32.34 20.34 0.04
CA ARG D 167 31.32 21.39 -0.02
C ARG D 167 30.12 20.98 0.84
N LYS D 168 29.74 19.72 0.72
CA LYS D 168 28.61 19.19 1.47
C LYS D 168 28.85 19.33 2.97
N LEU D 169 29.96 18.78 3.46
CA LEU D 169 30.26 18.86 4.88
C LEU D 169 30.35 20.31 5.32
N LYS D 170 31.00 21.13 4.51
CA LYS D 170 31.19 22.54 4.81
C LYS D 170 29.86 23.28 4.98
N ASN D 171 28.85 22.88 4.24
CA ASN D 171 27.56 23.55 4.36
C ASN D 171 26.57 22.82 5.26
N THR D 172 27.03 21.80 5.97
CA THR D 172 26.15 21.06 6.88
C THR D 172 25.64 22.10 7.87
N ALA D 173 26.47 23.10 8.11
CA ALA D 173 26.15 24.19 9.03
C ALA D 173 24.77 24.78 8.76
N GLU D 174 24.65 25.55 7.69
CA GLU D 174 23.37 26.17 7.43
C GLU D 174 22.43 25.34 6.56
N GLN D 175 22.78 24.08 6.31
CA GLN D 175 21.96 23.19 5.48
C GLN D 175 20.71 22.69 6.16
N PHE D 176 20.80 22.37 7.46
CA PHE D 176 19.61 21.86 8.15
C PHE D 176 18.96 22.83 9.16
N LEU D 177 19.53 24.02 9.31
CA LEU D 177 19.00 25.03 10.23
C LEU D 177 18.08 26.01 9.50
N SER D 178 17.11 26.54 10.22
CA SER D 178 16.16 27.52 9.67
C SER D 178 16.61 28.88 10.20
N ARG D 179 17.24 28.83 11.37
CA ARG D 179 17.74 30.02 12.05
C ARG D 179 19.06 30.51 11.42
N SER D 180 19.19 31.84 11.25
CA SER D 180 20.35 32.51 10.66
C SER D 180 20.59 32.21 9.17
N PRO E 157 39.93 5.35 -9.33
CA PRO E 157 38.79 5.45 -10.26
C PRO E 157 38.63 6.83 -10.89
N SER E 158 38.31 6.83 -12.18
CA SER E 158 38.12 8.05 -12.94
C SER E 158 39.44 8.81 -13.00
N GLN E 159 40.51 8.12 -12.60
CA GLN E 159 41.87 8.67 -12.59
C GLN E 159 42.21 9.33 -13.93
N LYS E 160 42.15 8.55 -15.00
CA LYS E 160 42.44 9.04 -16.34
C LYS E 160 41.62 10.27 -16.71
N TYR E 161 40.32 10.20 -16.48
CA TYR E 161 39.43 11.32 -16.80
C TYR E 161 39.76 12.62 -16.11
N ASN E 162 40.06 12.57 -14.81
CA ASN E 162 40.36 13.79 -14.07
C ASN E 162 41.71 14.41 -14.41
N SER E 163 42.61 13.62 -14.96
CA SER E 163 43.93 14.12 -15.33
C SER E 163 44.01 14.57 -16.79
N ARG E 164 42.88 14.52 -17.49
CA ARG E 164 42.86 14.95 -18.88
C ARG E 164 43.38 16.38 -18.98
N SER E 165 43.81 16.79 -20.16
CA SER E 165 44.32 18.13 -20.36
C SER E 165 43.66 18.83 -21.55
N ASN E 166 42.70 18.15 -22.18
CA ASN E 166 41.99 18.69 -23.35
C ASN E 166 40.83 19.58 -22.96
N ARG E 167 40.43 19.50 -21.70
CA ARG E 167 39.31 20.25 -21.17
C ARG E 167 38.99 21.57 -21.88
N GLY E 168 37.74 21.73 -22.32
CA GLY E 168 37.34 22.98 -22.97
C GLY E 168 37.64 23.13 -24.44
N GLU E 169 38.44 22.22 -24.98
CA GLU E 169 38.82 22.27 -26.40
C GLU E 169 37.63 22.20 -27.34
N VAL E 170 37.57 23.13 -28.29
CA VAL E 170 36.49 23.13 -29.26
C VAL E 170 36.94 22.23 -30.42
N VAL E 171 36.28 21.08 -30.56
CA VAL E 171 36.64 20.09 -31.58
C VAL E 171 35.90 20.21 -32.91
N THR E 172 34.84 21.02 -32.93
CA THR E 172 34.08 21.21 -34.16
C THR E 172 33.36 22.52 -34.08
N SER E 173 33.28 23.22 -35.21
CA SER E 173 32.61 24.52 -35.28
C SER E 173 31.70 24.55 -36.47
N PHE E 174 30.53 25.16 -36.32
CA PHE E 174 29.59 25.27 -37.41
C PHE E 174 29.09 26.70 -37.36
N GLY E 175 28.80 27.26 -38.53
CA GLY E 175 28.31 28.62 -38.62
C GLY E 175 29.32 29.65 -38.15
N LEU E 176 28.77 30.80 -37.77
CA LEU E 176 29.53 31.94 -37.29
C LEU E 176 29.79 31.75 -35.80
N ALA E 177 30.57 30.73 -35.48
CA ALA E 177 30.90 30.37 -34.11
C ALA E 177 31.85 31.35 -33.43
N GLN E 178 32.42 32.25 -34.21
CA GLN E 178 33.28 33.29 -33.67
C GLN E 178 32.26 34.41 -33.66
N GLY E 179 32.48 35.48 -32.91
CA GLY E 179 31.49 36.54 -32.95
C GLY E 179 30.22 36.25 -32.15
N VAL E 180 30.28 35.24 -31.29
CA VAL E 180 29.18 34.90 -30.40
C VAL E 180 29.85 34.46 -29.13
N SER E 181 29.40 35.02 -28.01
CA SER E 181 29.96 34.64 -26.73
C SER E 181 29.12 33.45 -26.32
N TRP E 182 29.79 32.38 -25.92
CA TRP E 182 29.05 31.21 -25.50
C TRP E 182 28.57 31.39 -24.07
N SER E 183 27.64 32.34 -23.95
CA SER E 183 26.98 32.70 -22.71
C SER E 183 25.52 32.93 -23.06
N GLY E 184 24.63 32.46 -22.21
CA GLY E 184 23.22 32.66 -22.43
C GLY E 184 22.84 33.75 -21.46
N ARG E 185 21.60 34.23 -21.51
CA ARG E 185 21.19 35.25 -20.58
C ARG E 185 20.70 34.59 -19.30
N GLY E 186 20.91 33.29 -19.19
CA GLY E 186 20.47 32.56 -18.02
C GLY E 186 18.97 32.37 -18.06
N GLY E 187 18.28 32.77 -16.99
CA GLY E 187 16.84 32.64 -16.96
C GLY E 187 16.17 33.83 -17.62
N ALA E 188 16.95 34.89 -17.80
CA ALA E 188 16.48 36.15 -18.39
C ALA E 188 15.55 36.08 -19.60
N GLY E 189 14.60 37.01 -19.59
CA GLY E 189 13.65 37.14 -20.67
C GLY E 189 12.70 36.00 -21.00
N ASN E 190 12.21 36.09 -22.23
CA ASN E 190 11.27 35.14 -22.80
C ASN E 190 11.90 33.84 -23.28
N ILE E 191 11.59 32.76 -22.60
CA ILE E 191 12.06 31.45 -23.00
C ILE E 191 10.77 30.66 -23.12
N SER E 192 10.48 30.20 -24.33
CA SER E 192 9.25 29.46 -24.57
C SER E 192 9.53 28.02 -24.98
N LEU E 193 9.23 27.08 -24.10
CA LEU E 193 9.45 25.65 -24.40
C LEU E 193 8.13 24.92 -24.56
N LYS E 194 7.83 24.49 -25.77
CA LYS E 194 6.59 23.79 -26.03
C LYS E 194 6.89 22.42 -26.62
N VAL E 195 6.23 21.38 -26.11
CA VAL E 195 6.42 20.05 -26.66
C VAL E 195 5.43 19.89 -27.80
N LEU E 196 5.88 19.39 -28.94
CA LEU E 196 4.98 19.18 -30.07
C LEU E 196 4.62 17.72 -30.21
N GLY E 197 3.61 17.45 -31.01
CA GLY E 197 3.17 16.10 -31.26
C GLY E 197 2.59 16.07 -32.65
N CYS E 198 2.26 14.90 -33.15
CA CYS E 198 1.67 14.78 -34.48
C CYS E 198 0.37 14.02 -34.38
N PRO E 199 -0.73 14.76 -34.15
CA PRO E 199 -2.09 14.26 -34.01
C PRO E 199 -2.37 13.01 -34.80
N GLU E 200 -3.26 12.18 -34.25
CA GLU E 200 -3.63 10.91 -34.85
C GLU E 200 -5.08 10.56 -34.48
N ALA E 201 -5.78 9.92 -35.41
CA ALA E 201 -7.17 9.53 -35.20
C ALA E 201 -7.47 8.21 -35.88
N LEU E 202 -6.42 7.42 -36.11
CA LEU E 202 -6.54 6.11 -36.75
C LEU E 202 -6.66 4.97 -35.73
N THR E 203 -5.87 5.05 -34.68
CA THR E 203 -5.82 4.04 -33.62
C THR E 203 -7.13 3.85 -32.82
N GLY E 204 -7.41 2.59 -32.47
CA GLY E 204 -8.62 2.23 -31.74
C GLY E 204 -8.64 2.52 -30.25
N SER E 205 -9.79 2.29 -29.62
CA SER E 205 -9.97 2.57 -28.19
C SER E 205 -9.20 1.79 -27.12
N TYR E 206 -9.01 0.48 -27.30
CA TYR E 206 -8.24 -0.22 -26.28
C TYR E 206 -7.19 -1.18 -26.80
N LYS E 207 -5.99 -1.03 -26.25
CA LYS E 207 -4.82 -1.83 -26.60
C LYS E 207 -4.51 -2.88 -25.53
N SER E 208 -3.79 -3.92 -25.93
CA SER E 208 -3.34 -4.98 -25.01
C SER E 208 -1.93 -4.47 -24.69
N MET E 209 -1.44 -4.60 -23.46
CA MET E 209 -0.11 -4.04 -23.22
C MET E 209 1.07 -4.97 -23.48
N PHE E 210 0.82 -5.88 -24.41
CA PHE E 210 1.77 -6.84 -24.94
C PHE E 210 1.21 -6.84 -26.35
N GLN E 211 2.03 -6.51 -27.34
CA GLN E 211 1.57 -6.39 -28.72
C GLN E 211 1.08 -7.65 -29.38
N LYS E 212 0.04 -7.52 -30.19
CA LYS E 212 -0.47 -8.66 -30.93
C LYS E 212 0.11 -8.48 -32.34
N LEU E 213 0.64 -9.54 -32.91
CA LEU E 213 1.22 -9.48 -34.25
C LEU E 213 0.34 -8.73 -35.25
N PRO E 214 -0.98 -9.00 -35.26
CA PRO E 214 -1.84 -8.31 -36.21
C PRO E 214 -1.75 -6.79 -36.07
N ASP E 215 -1.44 -6.31 -34.86
CA ASP E 215 -1.34 -4.88 -34.61
C ASP E 215 -0.03 -4.32 -35.18
N ILE E 216 1.04 -5.08 -35.02
CA ILE E 216 2.34 -4.65 -35.54
C ILE E 216 2.21 -4.55 -37.06
N ARG E 217 1.62 -5.59 -37.64
CA ARG E 217 1.40 -5.68 -39.07
C ARG E 217 0.67 -4.42 -39.56
N GLU E 218 -0.33 -4.01 -38.81
CA GLU E 218 -1.10 -2.84 -39.17
C GLU E 218 -0.26 -1.59 -39.17
N VAL E 219 0.62 -1.45 -38.20
CA VAL E 219 1.47 -0.27 -38.12
C VAL E 219 2.45 -0.23 -39.28
N LEU E 220 3.05 -1.39 -39.61
CA LEU E 220 3.99 -1.44 -40.72
C LEU E 220 3.31 -1.18 -42.07
N THR E 221 2.12 -1.72 -42.29
CA THR E 221 1.41 -1.49 -43.53
C THR E 221 1.08 -0.01 -43.72
N CYS E 222 0.59 0.62 -42.67
CA CYS E 222 0.25 2.04 -42.73
C CYS E 222 1.49 2.87 -42.96
N LYS E 223 2.61 2.42 -42.44
CA LYS E 223 3.84 3.15 -42.65
C LYS E 223 4.08 3.25 -44.16
N ILE E 224 4.01 2.09 -44.83
CA ILE E 224 4.24 1.99 -46.25
C ILE E 224 3.20 2.75 -47.06
N GLU E 225 1.94 2.41 -46.82
CA GLU E 225 0.84 3.03 -47.52
C GLU E 225 0.71 4.54 -47.35
N GLU E 226 0.90 5.02 -46.12
CA GLU E 226 0.82 6.45 -45.87
C GLU E 226 1.92 7.23 -46.58
N LEU E 227 3.16 6.80 -46.45
CA LEU E 227 4.26 7.50 -47.08
C LEU E 227 4.17 7.33 -48.59
N GLY E 228 3.78 6.14 -49.02
CA GLY E 228 3.66 5.90 -50.45
C GLY E 228 2.63 6.81 -51.09
N SER E 229 1.57 7.09 -50.35
CA SER E 229 0.53 7.95 -50.89
C SER E 229 1.04 9.36 -51.13
N GLU E 230 1.95 9.81 -50.28
CA GLU E 230 2.52 11.14 -50.42
C GLU E 230 3.57 11.20 -51.52
N LEU E 231 4.41 10.17 -51.58
CA LEU E 231 5.43 10.08 -52.60
C LEU E 231 4.77 10.02 -53.98
N LYS E 232 3.69 9.26 -54.07
CA LYS E 232 2.95 9.12 -55.31
C LYS E 232 2.40 10.44 -55.83
N GLU E 233 2.02 11.31 -54.91
CA GLU E 233 1.46 12.62 -55.27
C GLU E 233 2.58 13.57 -55.67
N HIS E 234 3.68 13.49 -54.94
CA HIS E 234 4.84 14.33 -55.18
C HIS E 234 5.46 14.03 -56.54
N TYR E 235 5.74 12.77 -56.83
CA TYR E 235 6.34 12.37 -58.09
C TYR E 235 5.28 12.09 -59.15
N LYS E 236 4.05 12.50 -58.89
CA LYS E 236 2.96 12.27 -59.83
C LYS E 236 2.97 10.89 -60.48
N ILE E 237 3.13 9.83 -59.68
CA ILE E 237 3.13 8.47 -60.19
C ILE E 237 1.67 8.20 -60.52
N GLU E 238 1.41 7.44 -61.56
CA GLU E 238 0.03 7.17 -61.95
C GLU E 238 -0.58 5.98 -61.23
N ALA E 239 0.19 4.91 -61.11
CA ALA E 239 -0.31 3.71 -60.45
C ALA E 239 0.79 2.81 -59.91
N PHE E 240 0.49 2.15 -58.80
CA PHE E 240 1.43 1.22 -58.21
C PHE E 240 1.00 -0.17 -58.67
N THR E 241 1.97 -0.94 -59.14
CA THR E 241 1.72 -2.29 -59.62
C THR E 241 1.93 -3.30 -58.49
N PRO E 242 1.16 -4.38 -58.47
CA PRO E 242 1.32 -5.37 -57.42
C PRO E 242 2.70 -5.98 -57.63
N LEU E 243 3.46 -6.20 -56.56
CA LEU E 243 4.80 -6.77 -56.71
C LEU E 243 4.83 -8.10 -57.46
N LEU E 244 3.80 -8.93 -57.30
CA LEU E 244 3.76 -10.22 -57.97
C LEU E 244 3.17 -10.25 -59.39
N ALA E 245 2.74 -9.10 -59.89
CA ALA E 245 2.16 -9.05 -61.22
C ALA E 245 3.28 -8.91 -62.23
N PRO E 246 3.44 -9.90 -63.12
CA PRO E 246 4.51 -9.81 -64.11
C PRO E 246 4.10 -8.88 -65.26
N ALA E 247 5.07 -8.18 -65.83
CA ALA E 247 4.81 -7.25 -66.91
C ALA E 247 6.04 -7.15 -67.77
N GLN E 248 5.84 -6.76 -69.02
CA GLN E 248 6.94 -6.63 -69.96
C GLN E 248 7.46 -5.20 -69.90
N GLU E 249 6.56 -4.27 -69.63
CA GLU E 249 6.93 -2.87 -69.55
C GLU E 249 7.35 -2.54 -68.12
N PRO E 250 8.14 -1.47 -67.94
CA PRO E 250 8.58 -1.09 -66.60
C PRO E 250 7.41 -0.84 -65.65
N VAL E 251 7.61 -1.18 -64.39
CA VAL E 251 6.58 -1.01 -63.37
C VAL E 251 7.11 -0.16 -62.22
N THR E 252 6.20 0.45 -61.48
CA THR E 252 6.56 1.28 -60.34
C THR E 252 6.06 0.56 -59.10
N LEU E 253 6.96 0.07 -58.27
CA LEU E 253 6.60 -0.65 -57.08
C LEU E 253 6.79 0.12 -55.78
N LEU E 254 5.85 -0.06 -54.85
CA LEU E 254 5.89 0.57 -53.53
C LEU E 254 6.10 -0.54 -52.52
N GLY E 255 7.04 -0.34 -51.60
CA GLY E 255 7.28 -1.38 -50.61
C GLY E 255 8.26 -0.96 -49.55
N GLN E 256 8.64 -1.93 -48.71
CA GLN E 256 9.57 -1.71 -47.61
C GLN E 256 10.80 -2.57 -47.87
N ILE E 257 11.98 -1.97 -47.83
CA ILE E 257 13.20 -2.72 -48.06
C ILE E 257 13.40 -3.74 -46.95
N GLY E 258 14.03 -4.84 -47.27
CA GLY E 258 14.28 -5.85 -46.28
C GLY E 258 15.43 -6.72 -46.71
N CYS E 259 15.87 -7.59 -45.81
CA CYS E 259 16.94 -8.53 -46.11
C CYS E 259 16.34 -9.93 -46.14
N ASP E 260 16.83 -10.78 -47.04
CA ASP E 260 16.30 -12.14 -47.13
C ASP E 260 16.83 -13.09 -46.06
N SER E 261 17.66 -12.58 -45.15
CA SER E 261 18.22 -13.42 -44.07
C SER E 261 18.26 -12.64 -42.75
N ASN E 262 18.79 -13.28 -41.71
CA ASN E 262 18.88 -12.60 -40.42
C ASN E 262 20.19 -11.83 -40.32
N GLY E 263 20.96 -11.82 -41.41
CA GLY E 263 22.23 -11.14 -41.39
C GLY E 263 22.21 -9.70 -41.86
N LYS E 264 23.41 -9.20 -42.15
CA LYS E 264 23.59 -7.83 -42.62
C LYS E 264 23.11 -7.76 -44.07
N LEU E 265 22.50 -6.63 -44.42
CA LEU E 265 22.00 -6.39 -45.75
C LEU E 265 23.19 -6.26 -46.69
N ASN E 266 23.09 -6.83 -47.90
CA ASN E 266 24.17 -6.70 -48.89
C ASN E 266 23.48 -6.58 -50.25
N ASN E 267 24.21 -6.13 -51.27
CA ASN E 267 23.61 -5.92 -52.59
C ASN E 267 23.02 -7.15 -53.26
N LYS E 268 23.03 -8.29 -52.57
CA LYS E 268 22.47 -9.52 -53.14
C LYS E 268 21.28 -10.02 -52.33
N SER E 269 21.12 -9.49 -51.13
CA SER E 269 20.05 -9.93 -50.24
C SER E 269 18.83 -9.03 -50.14
N VAL E 270 18.83 -7.92 -50.87
CA VAL E 270 17.70 -7.02 -50.82
C VAL E 270 16.41 -7.64 -51.34
N ILE E 271 15.33 -7.44 -50.57
CA ILE E 271 14.01 -7.91 -50.98
C ILE E 271 13.10 -6.72 -50.76
N LEU E 272 11.99 -6.69 -51.48
CA LEU E 272 11.05 -5.59 -51.35
C LEU E 272 9.72 -6.16 -50.89
N GLU E 273 9.25 -5.72 -49.74
CA GLU E 273 8.00 -6.21 -49.20
C GLU E 273 6.94 -5.19 -49.53
N GLY E 274 5.89 -5.63 -50.21
CA GLY E 274 4.85 -4.71 -50.60
C GLY E 274 3.83 -4.39 -49.55
N ASP E 275 3.10 -3.31 -49.78
CA ASP E 275 2.05 -2.86 -48.87
C ASP E 275 0.93 -3.90 -49.00
N ARG E 276 -0.02 -3.87 -48.08
CA ARG E 276 -1.13 -4.81 -48.14
C ARG E 276 -2.12 -4.36 -49.21
N GLU E 277 -2.40 -3.07 -49.22
CA GLU E 277 -3.36 -2.51 -50.15
C GLU E 277 -3.16 -2.82 -51.62
N HIS E 278 -1.91 -2.92 -52.07
CA HIS E 278 -1.65 -3.20 -53.48
C HIS E 278 -1.08 -4.55 -53.78
N SER E 279 -0.23 -5.08 -52.90
CA SER E 279 0.40 -6.35 -53.16
C SER E 279 0.10 -7.45 -52.15
N SER E 280 -0.86 -7.20 -51.26
CA SER E 280 -1.20 -8.19 -50.24
C SER E 280 0.03 -8.62 -49.43
N GLY E 281 0.97 -7.69 -49.25
CA GLY E 281 2.17 -7.94 -48.47
C GLY E 281 3.20 -8.91 -49.01
N ALA E 282 3.16 -9.20 -50.31
CA ALA E 282 4.12 -10.13 -50.91
C ALA E 282 5.53 -9.55 -51.02
N GLN E 283 6.51 -10.45 -51.12
CA GLN E 283 7.91 -10.07 -51.24
C GLN E 283 8.49 -10.55 -52.56
N ILE E 284 9.50 -9.83 -53.05
CA ILE E 284 10.19 -10.22 -54.28
C ILE E 284 11.62 -9.76 -54.14
N PRO E 285 12.58 -10.54 -54.65
CA PRO E 285 13.97 -10.11 -54.53
C PRO E 285 14.17 -8.93 -55.46
N VAL E 286 15.18 -8.11 -55.17
CA VAL E 286 15.47 -6.97 -56.04
C VAL E 286 16.90 -7.08 -56.52
N ASP E 287 17.08 -6.98 -57.84
CA ASP E 287 18.39 -7.04 -58.48
C ASP E 287 18.84 -5.60 -58.64
N LEU E 288 20.00 -5.28 -58.07
CA LEU E 288 20.54 -3.93 -58.11
C LEU E 288 21.69 -3.71 -59.10
N SER E 289 21.98 -4.72 -59.92
CA SER E 289 23.06 -4.64 -60.89
C SER E 289 22.94 -3.49 -61.89
N GLU E 290 21.72 -3.10 -62.26
CA GLU E 290 21.55 -2.03 -63.22
C GLU E 290 21.24 -0.71 -62.54
N LEU E 291 21.34 -0.68 -61.22
CA LEU E 291 21.06 0.54 -60.46
C LEU E 291 22.34 1.33 -60.27
N LYS E 292 22.42 2.49 -60.92
CA LYS E 292 23.60 3.33 -60.78
C LYS E 292 23.75 3.84 -59.35
N GLU E 293 22.72 4.48 -58.81
CA GLU E 293 22.83 5.00 -57.45
C GLU E 293 21.78 4.48 -56.47
N TYR E 294 22.21 4.23 -55.24
CA TYR E 294 21.30 3.77 -54.22
C TYR E 294 21.91 3.75 -52.83
N SER E 295 21.04 3.96 -51.85
CA SER E 295 21.37 3.92 -50.43
C SER E 295 20.13 3.23 -49.90
N LEU E 296 20.29 2.04 -49.35
CA LEU E 296 19.17 1.29 -48.83
C LEU E 296 19.43 0.73 -47.45
N PHE E 297 18.36 0.53 -46.69
CA PHE E 297 18.45 -0.02 -45.34
C PHE E 297 17.12 -0.69 -45.03
N PRO E 298 17.14 -1.75 -44.22
CA PRO E 298 15.92 -2.49 -43.87
C PRO E 298 14.89 -1.60 -43.19
N GLY E 299 13.65 -1.65 -43.65
CA GLY E 299 12.59 -0.83 -43.07
C GLY E 299 12.25 0.39 -43.92
N GLN E 300 13.16 0.75 -44.83
CA GLN E 300 13.00 1.89 -45.70
C GLN E 300 11.84 1.78 -46.66
N VAL E 301 10.94 2.75 -46.63
CA VAL E 301 9.82 2.75 -47.56
C VAL E 301 10.36 3.39 -48.82
N VAL E 302 10.18 2.73 -49.96
CA VAL E 302 10.70 3.27 -51.19
C VAL E 302 9.75 3.04 -52.35
N ILE E 303 10.00 3.75 -53.44
CA ILE E 303 9.24 3.57 -54.67
C ILE E 303 10.35 3.22 -55.67
N MET E 304 10.24 2.06 -56.29
CA MET E 304 11.25 1.64 -57.26
C MET E 304 10.62 1.37 -58.61
N GLU E 305 11.40 1.63 -59.65
CA GLU E 305 10.98 1.40 -61.02
C GLU E 305 11.93 0.37 -61.61
N GLY E 306 11.40 -0.52 -62.43
CA GLY E 306 12.24 -1.53 -63.05
C GLY E 306 11.43 -2.52 -63.85
N ILE E 307 12.06 -3.64 -64.19
CA ILE E 307 11.40 -4.67 -64.95
C ILE E 307 11.23 -5.93 -64.14
N ASN E 308 10.01 -6.44 -64.11
CA ASN E 308 9.68 -7.67 -63.41
C ASN E 308 8.84 -8.46 -64.40
N THR E 309 9.53 -9.16 -65.29
CA THR E 309 8.87 -9.91 -66.34
C THR E 309 8.24 -11.22 -65.92
N THR E 310 8.85 -11.87 -64.93
CA THR E 310 8.35 -13.15 -64.42
C THR E 310 7.51 -12.94 -63.17
N GLY E 311 7.68 -11.80 -62.53
CA GLY E 311 6.94 -11.50 -61.31
C GLY E 311 7.65 -12.05 -60.10
N ARG E 312 8.89 -12.49 -60.26
CA ARG E 312 9.64 -13.07 -59.16
C ARG E 312 10.91 -12.31 -58.85
N LYS E 313 11.11 -11.20 -59.55
CA LYS E 313 12.30 -10.43 -59.33
C LYS E 313 12.19 -9.09 -60.02
N LEU E 314 12.70 -8.06 -59.37
CA LEU E 314 12.64 -6.74 -59.93
C LEU E 314 14.04 -6.31 -60.27
N VAL E 315 14.27 -5.99 -61.53
CA VAL E 315 15.56 -5.50 -61.95
C VAL E 315 15.31 -3.99 -61.88
N ALA E 316 15.79 -3.39 -60.80
CA ALA E 316 15.60 -1.98 -60.54
C ALA E 316 16.38 -1.09 -61.47
N THR E 317 15.70 -0.08 -62.01
CA THR E 317 16.36 0.84 -62.91
C THR E 317 16.31 2.24 -62.32
N LYS E 318 15.43 2.44 -61.35
CA LYS E 318 15.29 3.74 -60.71
C LYS E 318 14.79 3.63 -59.28
N LEU E 319 15.41 4.37 -58.39
CA LEU E 319 15.00 4.39 -56.99
C LEU E 319 14.68 5.83 -56.67
N TYR E 320 13.40 6.16 -56.60
CA TYR E 320 13.02 7.53 -56.31
C TYR E 320 13.69 8.02 -55.04
N GLU E 321 13.97 9.31 -54.98
CA GLU E 321 14.63 9.90 -53.84
C GLU E 321 13.63 10.23 -52.73
N GLY E 322 14.06 10.10 -51.49
CA GLY E 322 13.18 10.39 -50.38
C GLY E 322 12.73 11.84 -50.36
N VAL E 323 11.50 12.05 -49.90
CA VAL E 323 10.95 13.40 -49.82
C VAL E 323 10.79 13.79 -48.35
N PRO E 324 11.41 14.90 -47.94
CA PRO E 324 11.32 15.35 -46.54
C PRO E 324 10.03 16.11 -46.30
N LEU E 325 9.73 16.35 -45.03
CA LEU E 325 8.54 17.10 -44.66
C LEU E 325 8.90 18.57 -44.68
N PRO E 326 7.91 19.45 -44.85
CA PRO E 326 8.25 20.87 -44.85
C PRO E 326 8.73 21.31 -43.46
N PHE E 327 9.48 22.40 -43.41
CA PHE E 327 9.98 22.90 -42.14
C PHE E 327 8.82 23.57 -41.43
N TYR E 328 9.00 23.86 -40.15
CA TYR E 328 7.97 24.54 -39.39
C TYR E 328 7.88 25.97 -39.94
N GLN E 329 6.67 26.45 -40.17
CA GLN E 329 6.50 27.81 -40.67
C GLN E 329 6.33 28.69 -39.44
N PRO E 330 7.31 29.59 -39.20
CA PRO E 330 7.21 30.46 -38.02
C PRO E 330 6.12 31.52 -38.11
N THR E 331 5.53 31.81 -36.96
CA THR E 331 4.50 32.84 -36.88
C THR E 331 5.33 34.12 -36.69
N GLU E 332 4.68 35.28 -36.68
CA GLU E 332 5.40 36.55 -36.55
C GLU E 332 6.10 36.70 -35.18
N GLU E 333 5.43 36.24 -34.13
CA GLU E 333 5.96 36.32 -32.77
C GLU E 333 7.32 35.63 -32.63
N ASP E 334 7.46 34.49 -33.30
CA ASP E 334 8.69 33.71 -33.25
C ASP E 334 9.91 34.50 -33.75
N ALA E 335 9.68 35.50 -34.59
CA ALA E 335 10.75 36.34 -35.12
C ALA E 335 11.15 37.39 -34.06
N ASP E 336 10.31 37.52 -33.03
CA ASP E 336 10.52 38.47 -31.94
C ASP E 336 11.38 37.91 -30.81
N PHE E 337 11.84 36.67 -30.93
CA PHE E 337 12.67 36.05 -29.91
C PHE E 337 14.10 36.60 -29.98
N GLU E 338 14.75 36.70 -28.83
CA GLU E 338 16.12 37.18 -28.78
C GLU E 338 17.03 35.96 -28.93
N GLN E 339 18.33 36.18 -29.02
CA GLN E 339 19.26 35.08 -29.15
C GLN E 339 19.13 34.18 -27.91
N SER E 340 19.31 32.88 -28.11
CA SER E 340 19.26 31.92 -27.02
C SER E 340 20.44 31.01 -27.21
N MET E 341 20.99 30.52 -26.11
CA MET E 341 22.13 29.62 -26.15
C MET E 341 21.61 28.30 -25.58
N VAL E 342 21.81 27.21 -26.29
CA VAL E 342 21.34 25.92 -25.82
C VAL E 342 22.50 24.94 -25.64
N LEU E 343 22.60 24.35 -24.46
CA LEU E 343 23.66 23.38 -24.21
C LEU E 343 23.03 22.00 -24.35
N VAL E 344 23.79 21.05 -24.89
CA VAL E 344 23.32 19.70 -25.12
C VAL E 344 24.35 18.70 -24.62
N ALA E 345 23.90 17.66 -23.94
CA ALA E 345 24.80 16.64 -23.41
C ALA E 345 24.11 15.28 -23.28
N CYS E 346 24.88 14.21 -23.43
CA CYS E 346 24.33 12.86 -23.37
C CYS E 346 25.19 11.97 -22.48
N GLY E 347 24.55 11.05 -21.76
CA GLY E 347 25.27 10.16 -20.87
C GLY E 347 25.99 9.07 -21.62
N PRO E 348 26.75 8.20 -20.93
CA PRO E 348 27.00 8.13 -19.48
C PRO E 348 27.58 9.41 -18.90
N TYR E 349 27.39 9.59 -17.58
CA TYR E 349 27.89 10.77 -16.89
C TYR E 349 28.93 10.40 -15.84
N THR E 350 29.37 9.15 -15.87
CA THR E 350 30.39 8.66 -14.95
C THR E 350 31.30 7.72 -15.73
N THR E 351 32.59 7.69 -15.40
CA THR E 351 33.48 6.80 -16.12
C THR E 351 33.07 5.36 -15.85
N SER E 352 33.46 4.47 -16.76
CA SER E 352 33.11 3.06 -16.66
C SER E 352 33.68 2.33 -15.46
N ASP E 353 34.63 2.94 -14.76
CA ASP E 353 35.24 2.30 -13.61
C ASP E 353 34.84 2.89 -12.27
N SER E 354 34.08 3.99 -12.30
CA SER E 354 33.65 4.62 -11.06
C SER E 354 32.18 4.97 -11.02
N ILE E 355 31.73 5.40 -9.85
CA ILE E 355 30.36 5.82 -9.67
C ILE E 355 30.46 7.16 -8.99
N THR E 356 31.53 7.88 -9.32
CA THR E 356 31.80 9.20 -8.75
C THR E 356 31.16 10.33 -9.54
N TYR E 357 30.66 10.02 -10.73
CA TYR E 357 30.02 11.02 -11.57
C TYR E 357 30.80 12.31 -11.70
N ASP E 358 32.13 12.18 -11.74
CA ASP E 358 33.00 13.34 -11.88
C ASP E 358 32.67 14.16 -13.12
N PRO E 359 32.43 13.49 -14.26
CA PRO E 359 32.09 14.23 -15.48
C PRO E 359 30.81 15.05 -15.31
N LEU E 360 29.83 14.49 -14.59
CA LEU E 360 28.57 15.18 -14.35
C LEU E 360 28.81 16.45 -13.54
N LEU E 361 29.64 16.34 -12.51
CA LEU E 361 29.96 17.51 -11.69
C LEU E 361 30.64 18.57 -12.56
N ASP E 362 31.54 18.14 -13.45
CA ASP E 362 32.21 19.08 -14.33
C ASP E 362 31.21 19.76 -15.28
N LEU E 363 30.27 18.99 -15.81
CA LEU E 363 29.27 19.56 -16.71
C LEU E 363 28.41 20.58 -15.95
N ILE E 364 28.19 20.33 -14.67
CA ILE E 364 27.39 21.24 -13.86
C ILE E 364 28.12 22.57 -13.72
N ALA E 365 29.43 22.50 -13.51
CA ALA E 365 30.25 23.70 -13.38
C ALA E 365 30.15 24.50 -14.67
N VAL E 366 30.19 23.79 -15.79
CA VAL E 366 30.09 24.45 -17.09
C VAL E 366 28.76 25.19 -17.22
N ILE E 367 27.66 24.52 -16.86
CA ILE E 367 26.36 25.14 -16.96
C ILE E 367 26.26 26.42 -16.14
N ASN E 368 26.80 26.40 -14.93
CA ASN E 368 26.78 27.58 -14.07
C ASN E 368 27.62 28.73 -14.60
N HIS E 369 28.75 28.40 -15.20
CA HIS E 369 29.68 29.38 -15.78
C HIS E 369 29.13 30.03 -17.04
N ASP E 370 28.74 29.18 -18.01
CA ASP E 370 28.22 29.65 -19.28
C ASP E 370 26.77 30.13 -19.17
N ARG E 371 26.07 29.68 -18.13
CA ARG E 371 24.69 30.05 -17.90
C ARG E 371 23.82 30.04 -19.16
N PRO E 372 23.71 28.87 -19.82
CA PRO E 372 22.91 28.76 -21.04
C PRO E 372 21.43 28.89 -20.73
N ASP E 373 20.64 29.27 -21.72
CA ASP E 373 19.20 29.42 -21.51
C ASP E 373 18.52 28.06 -21.30
N VAL E 374 18.96 27.05 -22.05
CA VAL E 374 18.40 25.73 -21.94
C VAL E 374 19.46 24.64 -21.96
N CYS E 375 19.26 23.59 -21.18
CA CYS E 375 20.17 22.44 -21.14
C CYS E 375 19.35 21.22 -21.46
N ILE E 376 19.71 20.51 -22.52
CA ILE E 376 19.00 19.31 -22.86
C ILE E 376 19.92 18.16 -22.48
N LEU E 377 19.55 17.43 -21.43
CA LEU E 377 20.38 16.31 -20.98
C LEU E 377 19.75 14.94 -21.31
N PHE E 378 20.45 14.17 -22.15
CA PHE E 378 20.00 12.84 -22.55
C PHE E 378 20.57 11.79 -21.62
N GLY E 379 19.80 10.73 -21.38
CA GLY E 379 20.29 9.66 -20.52
C GLY E 379 21.24 8.77 -21.28
N PRO E 380 21.74 7.69 -20.68
CA PRO E 380 21.51 7.19 -19.32
C PRO E 380 22.10 7.99 -18.18
N PHE E 381 21.37 8.05 -17.08
CA PHE E 381 21.85 8.75 -15.91
C PHE E 381 22.32 7.65 -14.98
N LEU E 382 21.61 6.53 -15.01
CA LEU E 382 21.99 5.35 -14.24
C LEU E 382 21.97 4.27 -15.31
N ASP E 383 23.11 4.13 -15.97
CA ASP E 383 23.30 3.19 -17.09
C ASP E 383 23.20 1.72 -16.75
N ALA E 384 22.31 1.03 -17.44
CA ALA E 384 22.09 -0.40 -17.24
C ALA E 384 23.28 -1.22 -17.66
N LYS E 385 24.18 -0.63 -18.44
CA LYS E 385 25.35 -1.34 -18.93
C LYS E 385 26.58 -1.10 -18.08
N HIS E 386 26.46 -0.23 -17.09
CA HIS E 386 27.61 0.04 -16.24
C HIS E 386 27.94 -1.23 -15.48
N GLU E 387 29.22 -1.58 -15.38
CA GLU E 387 29.61 -2.78 -14.68
C GLU E 387 28.98 -2.92 -13.29
N GLN E 388 28.95 -1.83 -12.53
CA GLN E 388 28.39 -1.90 -11.19
C GLN E 388 26.88 -1.93 -11.11
N VAL E 389 26.20 -1.58 -12.19
CA VAL E 389 24.74 -1.60 -12.19
C VAL E 389 24.30 -3.01 -12.60
N GLU E 390 24.98 -3.55 -13.59
CA GLU E 390 24.67 -4.87 -14.12
C GLU E 390 24.86 -5.96 -13.08
N ASN E 391 25.94 -5.87 -12.30
CA ASN E 391 26.26 -6.88 -11.30
C ASN E 391 25.52 -6.71 -9.99
N CYS E 392 24.62 -5.73 -9.95
CA CYS E 392 23.84 -5.45 -8.75
C CYS E 392 24.73 -5.45 -7.51
N LEU E 393 25.78 -4.64 -7.58
CA LEU E 393 26.73 -4.52 -6.49
C LEU E 393 26.40 -3.27 -5.68
N LEU E 394 25.60 -2.39 -6.27
CA LEU E 394 25.21 -1.16 -5.60
C LEU E 394 24.50 -1.51 -4.31
N THR E 395 24.44 -0.56 -3.38
CA THR E 395 23.79 -0.80 -2.11
C THR E 395 22.61 0.11 -1.88
N SER E 396 22.05 0.62 -2.97
CA SER E 396 20.87 1.49 -2.89
C SER E 396 19.96 1.14 -4.04
N PRO E 397 18.65 1.36 -3.89
CA PRO E 397 17.75 1.04 -5.00
C PRO E 397 18.14 1.85 -6.24
N PHE E 398 17.82 1.34 -7.43
CA PHE E 398 18.17 2.08 -8.63
C PHE E 398 17.43 3.41 -8.66
N GLU E 399 16.14 3.36 -8.36
CA GLU E 399 15.28 4.54 -8.36
C GLU E 399 15.84 5.65 -7.49
N ASP E 400 16.44 5.27 -6.36
CA ASP E 400 17.00 6.25 -5.42
C ASP E 400 18.27 6.88 -5.97
N ILE E 401 19.13 6.06 -6.55
CA ILE E 401 20.36 6.56 -7.13
C ILE E 401 19.98 7.51 -8.26
N PHE E 402 18.99 7.13 -9.05
CA PHE E 402 18.55 7.97 -10.15
C PHE E 402 18.08 9.34 -9.63
N LYS E 403 17.23 9.35 -8.61
CA LYS E 403 16.72 10.61 -8.07
C LYS E 403 17.84 11.53 -7.55
N GLN E 404 18.87 10.91 -6.99
CA GLN E 404 20.01 11.64 -6.43
C GLN E 404 20.74 12.34 -7.56
N CYS E 405 20.91 11.63 -8.66
CA CYS E 405 21.58 12.16 -9.81
C CYS E 405 20.83 13.39 -10.28
N LEU E 406 19.52 13.25 -10.40
CA LEU E 406 18.66 14.33 -10.84
C LEU E 406 18.72 15.50 -9.88
N ARG E 407 18.75 15.19 -8.59
CA ARG E 407 18.79 16.22 -7.55
C ARG E 407 20.09 17.02 -7.66
N THR E 408 21.22 16.33 -7.80
CA THR E 408 22.51 16.98 -7.95
C THR E 408 22.49 17.99 -9.09
N ILE E 409 21.93 17.60 -10.23
CA ILE E 409 21.86 18.49 -11.37
C ILE E 409 20.87 19.65 -11.14
N ILE E 410 19.67 19.33 -10.66
CA ILE E 410 18.66 20.36 -10.46
C ILE E 410 19.08 21.40 -9.44
N GLU E 411 19.65 20.91 -8.35
CA GLU E 411 20.11 21.78 -7.29
C GLU E 411 21.39 22.47 -7.68
N GLY E 412 22.39 21.67 -8.07
CA GLY E 412 23.67 22.22 -8.46
C GLY E 412 23.64 23.30 -9.53
N THR E 413 22.53 23.46 -10.25
CA THR E 413 22.45 24.47 -11.30
C THR E 413 21.32 25.46 -11.07
N ARG E 414 20.84 25.54 -9.84
CA ARG E 414 19.76 26.47 -9.51
C ARG E 414 20.11 27.89 -9.86
N SER E 415 21.33 28.29 -9.48
CA SER E 415 21.84 29.63 -9.68
C SER E 415 22.03 30.10 -11.13
N SER E 416 22.22 29.17 -12.04
CA SER E 416 22.44 29.51 -13.44
C SER E 416 21.20 30.05 -14.15
N GLY E 417 20.03 29.67 -13.66
CA GLY E 417 18.80 30.14 -14.29
C GLY E 417 18.50 29.41 -15.57
N SER E 418 19.22 28.33 -15.85
CA SER E 418 18.98 27.55 -17.07
C SER E 418 17.83 26.59 -16.88
N HIS E 419 17.05 26.41 -17.95
CA HIS E 419 15.92 25.49 -17.94
C HIS E 419 16.45 24.14 -18.36
N LEU E 420 16.29 23.14 -17.49
CA LEU E 420 16.76 21.79 -17.76
C LEU E 420 15.70 20.95 -18.45
N VAL E 421 16.09 20.23 -19.49
CA VAL E 421 15.18 19.35 -20.21
C VAL E 421 15.81 17.97 -20.22
N PHE E 422 15.19 17.06 -19.48
CA PHE E 422 15.67 15.70 -19.35
C PHE E 422 15.03 14.74 -20.34
N VAL E 423 15.85 14.03 -21.10
CA VAL E 423 15.35 13.07 -22.07
C VAL E 423 15.82 11.68 -21.63
N PRO E 424 14.89 10.73 -21.49
CA PRO E 424 15.24 9.36 -21.07
C PRO E 424 15.95 8.54 -22.11
N SER E 425 16.57 7.47 -21.66
CA SER E 425 17.27 6.55 -22.54
C SER E 425 16.81 5.14 -22.27
N LEU E 426 16.93 4.27 -23.27
CA LEU E 426 16.55 2.89 -23.10
C LEU E 426 17.57 2.20 -22.21
N ARG E 427 18.61 2.92 -21.83
CA ARG E 427 19.64 2.36 -20.96
C ARG E 427 19.48 2.81 -19.52
N ASP E 428 18.49 3.67 -19.26
CA ASP E 428 18.23 4.12 -17.89
C ASP E 428 17.56 2.96 -17.17
N VAL E 429 18.37 2.18 -16.44
CA VAL E 429 17.89 0.99 -15.76
C VAL E 429 16.58 1.06 -14.94
N HIS E 430 16.35 2.17 -14.26
CA HIS E 430 15.16 2.27 -13.42
C HIS E 430 13.90 2.63 -14.20
N HIS E 431 14.06 2.96 -15.46
CA HIS E 431 12.93 3.38 -16.28
C HIS E 431 12.41 2.35 -17.28
N GLU E 432 11.16 2.55 -17.69
CA GLU E 432 10.46 1.74 -18.69
C GLU E 432 11.46 1.38 -19.79
N PRO E 433 11.66 0.09 -20.08
CA PRO E 433 12.63 -0.27 -21.13
C PRO E 433 12.15 -0.30 -22.58
N VAL E 434 10.88 -0.04 -22.83
CA VAL E 434 10.36 -0.10 -24.20
C VAL E 434 10.25 1.28 -24.84
N TYR E 435 10.55 1.33 -26.13
CA TYR E 435 10.52 2.55 -26.93
C TYR E 435 9.20 2.63 -27.68
N PRO E 436 8.60 3.83 -27.78
CA PRO E 436 9.05 5.11 -27.25
C PRO E 436 8.86 5.14 -25.74
N GLN E 437 9.69 5.91 -25.04
CA GLN E 437 9.61 6.02 -23.60
C GLN E 437 8.91 7.28 -23.12
N PRO E 438 8.13 7.17 -22.03
CA PRO E 438 7.43 8.34 -21.48
C PRO E 438 8.43 9.07 -20.59
N PRO E 439 8.10 10.29 -20.17
CA PRO E 439 8.96 11.12 -19.32
C PRO E 439 9.31 10.44 -18.01
N PHE E 440 10.41 10.88 -17.40
CA PHE E 440 10.84 10.37 -16.11
C PHE E 440 9.82 10.87 -15.11
N SER E 441 9.78 10.21 -13.95
CA SER E 441 8.90 10.64 -12.87
C SER E 441 9.77 11.16 -11.75
N TYR E 442 9.60 12.43 -11.45
CA TYR E 442 10.36 13.10 -10.40
C TYR E 442 9.45 14.17 -9.78
N SER E 443 9.05 13.97 -8.53
CA SER E 443 8.16 14.92 -7.88
C SER E 443 8.86 15.81 -6.87
N ASP E 444 10.03 15.39 -6.44
CA ASP E 444 10.79 16.14 -5.44
C ASP E 444 11.27 17.48 -5.98
N LEU E 445 10.34 18.40 -6.19
CA LEU E 445 10.66 19.71 -6.72
C LEU E 445 9.97 20.86 -6.00
N SER E 446 10.72 21.91 -5.72
CA SER E 446 10.17 23.10 -5.09
C SER E 446 9.24 23.67 -6.15
N ARG E 447 8.60 24.79 -5.88
CA ARG E 447 7.70 25.38 -6.87
C ARG E 447 8.56 26.20 -7.84
N GLU E 448 9.77 26.54 -7.39
CA GLU E 448 10.70 27.30 -8.21
C GLU E 448 11.32 26.35 -9.22
N ASP E 449 11.86 25.24 -8.71
CA ASP E 449 12.48 24.25 -9.58
C ASP E 449 11.53 23.83 -10.68
N LYS E 450 10.25 23.69 -10.35
CA LYS E 450 9.25 23.30 -11.32
C LYS E 450 9.18 24.23 -12.54
N LYS E 451 9.62 25.47 -12.39
CA LYS E 451 9.60 26.40 -13.50
C LYS E 451 10.94 26.33 -14.23
N GLN E 452 11.85 25.55 -13.68
CA GLN E 452 13.18 25.39 -14.22
C GLN E 452 13.45 23.98 -14.75
N VAL E 453 12.56 23.03 -14.46
CA VAL E 453 12.79 21.66 -14.91
C VAL E 453 11.68 21.10 -15.77
N GLN E 454 12.07 20.35 -16.80
CA GLN E 454 11.09 19.74 -17.68
C GLN E 454 11.48 18.31 -18.01
N PHE E 455 10.50 17.41 -17.99
CA PHE E 455 10.74 16.02 -18.32
C PHE E 455 9.97 15.70 -19.56
N VAL E 456 10.68 15.40 -20.63
CA VAL E 456 10.05 15.06 -21.88
C VAL E 456 10.22 13.58 -22.17
N SER E 457 9.58 13.13 -23.23
CA SER E 457 9.66 11.74 -23.63
C SER E 457 10.86 11.48 -24.55
N GLU E 458 10.96 10.25 -25.00
CA GLU E 458 12.03 9.84 -25.90
C GLU E 458 11.34 9.00 -26.96
N PRO E 459 11.29 9.48 -28.21
CA PRO E 459 11.83 10.73 -28.73
C PRO E 459 10.95 11.94 -28.36
N CYS E 460 11.40 13.12 -28.74
CA CYS E 460 10.66 14.32 -28.45
C CYS E 460 10.96 15.42 -29.47
N SER E 461 9.91 16.09 -29.95
CA SER E 461 10.05 17.21 -30.85
C SER E 461 9.76 18.39 -29.96
N LEU E 462 10.76 19.23 -29.72
CA LEU E 462 10.63 20.35 -28.80
C LEU E 462 10.84 21.69 -29.48
N SER E 463 9.97 22.66 -29.17
CA SER E 463 10.11 24.00 -29.73
C SER E 463 10.77 24.90 -28.70
N ILE E 464 11.92 25.46 -29.05
CA ILE E 464 12.63 26.34 -28.15
C ILE E 464 12.69 27.70 -28.80
N ASN E 465 11.96 28.65 -28.25
CA ASN E 465 11.93 30.00 -28.82
C ASN E 465 11.58 29.94 -30.31
N GLY E 466 10.61 29.12 -30.67
CA GLY E 466 10.21 29.03 -32.06
C GLY E 466 11.04 28.11 -32.93
N VAL E 467 12.20 27.68 -32.44
CA VAL E 467 13.05 26.76 -33.18
C VAL E 467 12.67 25.32 -32.85
N ILE E 468 12.42 24.50 -33.85
CA ILE E 468 12.07 23.11 -33.62
C ILE E 468 13.29 22.20 -33.48
N PHE E 469 13.32 21.47 -32.37
CA PHE E 469 14.41 20.53 -32.08
C PHE E 469 13.89 19.12 -32.12
N GLY E 470 14.58 18.25 -32.83
CA GLY E 470 14.21 16.85 -32.86
C GLY E 470 15.18 16.27 -31.86
N LEU E 471 14.68 15.51 -30.89
CA LEU E 471 15.55 14.95 -29.87
C LEU E 471 15.37 13.46 -29.69
N THR E 472 16.47 12.74 -29.68
CA THR E 472 16.42 11.31 -29.45
C THR E 472 17.72 10.84 -28.81
N SER E 473 17.60 10.01 -27.78
CA SER E 473 18.75 9.49 -27.08
C SER E 473 19.17 8.12 -27.61
N THR E 474 18.33 7.54 -28.45
CA THR E 474 18.60 6.22 -29.04
C THR E 474 19.62 6.35 -30.17
N ASP E 475 20.61 5.46 -30.18
CA ASP E 475 21.67 5.51 -31.19
C ASP E 475 21.22 5.02 -32.56
N LEU E 476 20.30 5.76 -33.16
CA LEU E 476 19.79 5.44 -34.49
C LEU E 476 20.87 5.45 -35.57
N LEU E 477 21.80 6.39 -35.50
CA LEU E 477 22.85 6.48 -36.50
C LEU E 477 23.69 5.22 -36.51
N PHE E 478 24.16 4.82 -35.35
CA PHE E 478 24.99 3.64 -35.26
C PHE E 478 24.23 2.39 -35.69
N HIS E 479 22.93 2.37 -35.44
CA HIS E 479 22.11 1.22 -35.79
C HIS E 479 21.82 1.15 -37.27
N LEU E 480 21.46 2.31 -37.82
CA LEU E 480 21.13 2.40 -39.22
C LEU E 480 22.41 2.30 -40.06
N GLY E 481 23.48 2.89 -39.56
CA GLY E 481 24.73 2.83 -40.30
C GLY E 481 25.28 1.43 -40.44
N ALA E 482 25.01 0.57 -39.48
CA ALA E 482 25.52 -0.79 -39.52
C ALA E 482 24.71 -1.66 -40.47
N GLU E 483 23.58 -1.15 -40.94
CA GLU E 483 22.71 -1.93 -41.80
C GLU E 483 22.49 -1.35 -43.18
N GLU E 484 23.06 -0.19 -43.46
CA GLU E 484 22.87 0.44 -44.76
C GLU E 484 23.88 -0.01 -45.82
N ILE E 485 23.43 -0.08 -47.08
CA ILE E 485 24.28 -0.45 -48.21
C ILE E 485 24.17 0.67 -49.22
N SER E 486 25.26 0.95 -49.93
CA SER E 486 25.22 2.03 -50.91
C SER E 486 25.95 1.77 -52.22
N SER E 487 25.57 2.52 -53.26
CA SER E 487 26.17 2.44 -54.59
C SER E 487 27.54 3.09 -54.54
N SER E 488 27.70 4.00 -53.59
CA SER E 488 28.94 4.73 -53.38
C SER E 488 28.81 5.57 -52.11
N SER E 492 28.52 9.94 -50.68
CA SER E 492 29.94 10.21 -50.41
C SER E 492 30.17 10.19 -48.89
N ASP E 493 29.44 11.06 -48.19
CA ASP E 493 29.53 11.14 -46.74
C ASP E 493 28.47 10.22 -46.17
N ARG E 494 28.91 9.16 -45.53
CA ARG E 494 28.01 8.18 -44.94
C ARG E 494 26.92 8.77 -44.04
N PHE E 495 27.34 9.55 -43.06
CA PHE E 495 26.40 10.16 -42.12
C PHE E 495 25.35 11.03 -42.78
N SER E 496 25.74 11.79 -43.78
CA SER E 496 24.78 12.65 -44.45
C SER E 496 23.71 11.79 -45.10
N ARG E 497 24.10 10.59 -45.54
CA ARG E 497 23.17 9.68 -46.17
C ARG E 497 22.16 9.18 -45.16
N ILE E 498 22.66 8.77 -44.01
CA ILE E 498 21.84 8.28 -42.93
C ILE E 498 20.93 9.36 -42.39
N LEU E 499 21.46 10.57 -42.23
CA LEU E 499 20.65 11.67 -41.72
C LEU E 499 19.55 12.00 -42.72
N LYS E 500 19.87 11.86 -44.00
CA LYS E 500 18.92 12.14 -45.07
C LYS E 500 17.76 11.14 -44.98
N HIS E 501 18.08 9.90 -44.59
CA HIS E 501 17.06 8.85 -44.46
C HIS E 501 16.10 9.13 -43.29
N ILE E 502 16.63 9.71 -42.22
CA ILE E 502 15.81 10.02 -41.06
C ILE E 502 14.85 11.13 -41.41
N LEU E 503 15.34 12.12 -42.14
CA LEU E 503 14.53 13.25 -42.55
C LEU E 503 13.55 12.95 -43.69
N THR E 504 13.72 11.82 -44.37
CA THR E 504 12.81 11.48 -45.46
C THR E 504 11.87 10.34 -45.13
N GLN E 505 12.15 9.63 -44.05
CA GLN E 505 11.28 8.53 -43.66
C GLN E 505 10.26 8.99 -42.62
N ARG E 506 10.42 10.23 -42.16
CA ARG E 506 9.49 10.81 -41.22
C ARG E 506 9.29 10.10 -39.88
N SER E 507 10.32 9.41 -39.41
CA SER E 507 10.25 8.70 -38.15
C SER E 507 11.55 8.87 -37.40
N TYR E 508 11.50 8.77 -36.08
CA TYR E 508 12.70 8.90 -35.26
C TYR E 508 13.46 7.60 -35.19
N TYR E 509 12.87 6.56 -35.77
CA TYR E 509 13.50 5.24 -35.81
C TYR E 509 12.89 4.44 -36.95
N PRO E 510 13.34 4.70 -38.20
CA PRO E 510 12.84 4.01 -39.40
C PRO E 510 13.39 2.60 -39.61
N LEU E 511 14.49 2.25 -38.95
CA LEU E 511 15.06 0.91 -39.12
C LEU E 511 14.11 -0.20 -38.66
N TYR E 512 13.86 -1.17 -39.52
CA TYR E 512 12.98 -2.28 -39.18
C TYR E 512 13.40 -3.54 -39.91
N PRO E 513 13.62 -4.64 -39.17
CA PRO E 513 13.48 -4.71 -37.71
C PRO E 513 14.50 -3.79 -37.04
N PRO E 514 14.27 -3.43 -35.77
CA PRO E 514 15.21 -2.55 -35.08
C PRO E 514 16.46 -3.34 -34.66
N GLN E 515 17.48 -2.65 -34.16
CA GLN E 515 18.67 -3.36 -33.73
C GLN E 515 18.20 -4.39 -32.70
N GLU E 516 18.86 -5.53 -32.64
CA GLU E 516 18.42 -6.56 -31.74
C GLU E 516 18.61 -6.36 -30.24
N ASP E 517 17.71 -5.64 -29.62
CA ASP E 517 17.72 -5.43 -28.17
C ASP E 517 17.04 -4.11 -27.92
N MET E 518 16.54 -3.56 -29.01
CA MET E 518 15.79 -2.34 -28.95
C MET E 518 14.37 -2.83 -28.95
N ALA E 519 13.66 -2.56 -27.86
CA ALA E 519 12.27 -2.98 -27.73
C ALA E 519 11.36 -1.86 -28.22
N ILE E 520 10.54 -2.16 -29.21
CA ILE E 520 9.63 -1.14 -29.71
C ILE E 520 8.19 -1.55 -29.66
N ASP E 521 7.38 -0.75 -28.98
CA ASP E 521 5.95 -1.02 -28.95
C ASP E 521 5.49 -0.24 -30.18
N TYR E 522 5.21 -0.95 -31.27
CA TYR E 522 4.84 -0.31 -32.51
C TYR E 522 3.57 0.50 -32.53
N GLU E 523 2.58 0.18 -31.69
CA GLU E 523 1.37 0.97 -31.71
C GLU E 523 1.65 2.33 -31.09
N SER E 524 2.54 2.35 -30.10
CA SER E 524 2.90 3.59 -29.43
C SER E 524 3.82 4.37 -30.37
N PHE E 525 4.70 3.65 -31.05
CA PHE E 525 5.64 4.21 -31.99
C PHE E 525 4.85 5.01 -33.04
N TYR E 526 3.80 4.39 -33.54
CA TYR E 526 2.97 5.00 -34.56
C TYR E 526 2.44 6.34 -34.13
N VAL E 527 2.10 6.43 -32.85
CA VAL E 527 1.52 7.65 -32.30
C VAL E 527 2.51 8.67 -31.79
N TYR E 528 3.60 8.21 -31.19
CA TYR E 528 4.55 9.14 -30.58
C TYR E 528 5.97 9.26 -31.15
N ALA E 529 6.32 8.48 -32.16
CA ALA E 529 7.68 8.58 -32.66
C ALA E 529 7.80 9.08 -34.10
N GLN E 530 6.78 9.77 -34.58
CA GLN E 530 6.81 10.31 -35.94
C GLN E 530 7.35 11.72 -35.90
N LEU E 531 7.88 12.21 -37.00
CA LEU E 531 8.38 13.59 -37.04
C LEU E 531 7.21 14.48 -37.47
N PRO E 532 6.93 15.56 -36.73
CA PRO E 532 5.82 16.45 -37.09
C PRO E 532 6.16 17.35 -38.28
N VAL E 533 7.45 17.67 -38.42
CA VAL E 533 7.96 18.52 -39.48
C VAL E 533 9.44 18.22 -39.58
N THR E 534 10.12 18.77 -40.58
CA THR E 534 11.57 18.58 -40.66
C THR E 534 12.07 19.57 -39.63
N PRO E 535 12.73 19.08 -38.57
CA PRO E 535 13.24 19.99 -37.54
C PRO E 535 14.30 20.97 -38.05
N ASP E 536 14.49 22.04 -37.30
CA ASP E 536 15.48 23.06 -37.62
C ASP E 536 16.78 22.52 -37.10
N VAL E 537 16.69 21.84 -35.97
CA VAL E 537 17.87 21.25 -35.34
C VAL E 537 17.51 19.83 -34.94
N LEU E 538 18.42 18.90 -35.17
CA LEU E 538 18.22 17.50 -34.82
C LEU E 538 19.37 17.11 -33.90
N ILE E 539 19.07 16.72 -32.67
CA ILE E 539 20.12 16.30 -31.76
C ILE E 539 20.10 14.78 -31.70
N ILE E 540 21.06 14.14 -32.35
CA ILE E 540 21.15 12.68 -32.36
C ILE E 540 22.46 12.21 -31.79
N PRO E 541 22.60 12.23 -30.46
CA PRO E 541 23.87 11.78 -29.86
C PRO E 541 24.09 10.31 -30.23
N SER E 542 25.34 9.96 -30.57
CA SER E 542 25.65 8.60 -30.97
C SER E 542 27.01 8.14 -30.46
N GLU E 543 27.32 6.86 -30.65
CA GLU E 543 28.61 6.29 -30.25
C GLU E 543 29.63 6.69 -31.31
N LEU E 544 29.11 7.06 -32.47
CA LEU E 544 29.93 7.50 -33.59
C LEU E 544 30.55 8.84 -33.25
N ARG E 545 31.56 9.23 -34.01
CA ARG E 545 32.25 10.49 -33.74
C ARG E 545 31.31 11.68 -33.82
N TYR E 546 31.50 12.62 -32.91
CA TYR E 546 30.71 13.83 -32.85
C TYR E 546 30.78 14.53 -34.20
N PHE E 547 29.80 15.38 -34.48
CA PHE E 547 29.76 16.11 -35.74
C PHE E 547 28.60 17.08 -35.79
N VAL E 548 28.63 17.95 -36.78
CA VAL E 548 27.57 18.92 -36.97
C VAL E 548 27.46 19.04 -38.47
N LYS E 549 26.37 18.53 -39.05
CA LYS E 549 26.17 18.58 -40.48
C LYS E 549 24.87 19.26 -40.85
N ASP E 550 24.86 19.98 -41.96
CA ASP E 550 23.64 20.59 -42.42
C ASP E 550 23.13 19.63 -43.46
N VAL E 551 21.96 19.05 -43.22
CA VAL E 551 21.36 18.10 -44.17
C VAL E 551 19.96 18.55 -44.50
N LEU E 552 19.72 18.81 -45.78
CA LEU E 552 18.40 19.26 -46.23
C LEU E 552 17.89 20.46 -45.46
N GLY E 553 18.79 21.35 -45.03
CA GLY E 553 18.35 22.53 -44.31
C GLY E 553 18.18 22.38 -42.81
N CYS E 554 18.58 21.22 -42.31
CA CYS E 554 18.48 20.93 -40.89
C CYS E 554 19.88 20.76 -40.31
N VAL E 555 20.17 21.46 -39.23
CA VAL E 555 21.47 21.33 -38.60
C VAL E 555 21.43 20.11 -37.69
N CYS E 556 22.14 19.07 -38.08
CA CYS E 556 22.16 17.84 -37.32
C CYS E 556 23.40 17.80 -36.45
N VAL E 557 23.17 17.69 -35.15
CA VAL E 557 24.24 17.67 -34.18
C VAL E 557 24.36 16.36 -33.45
N ASN E 558 25.56 15.78 -33.47
CA ASN E 558 25.83 14.56 -32.70
C ASN E 558 26.89 15.07 -31.74
N PRO E 559 26.48 15.48 -30.54
CA PRO E 559 27.42 15.99 -29.55
C PRO E 559 28.30 14.89 -28.97
N GLY E 560 28.05 13.65 -29.35
CA GLY E 560 28.83 12.56 -28.80
C GLY E 560 28.43 12.34 -27.36
N ARG E 561 29.09 11.42 -26.68
CA ARG E 561 28.79 11.14 -25.28
C ARG E 561 29.69 11.99 -24.40
N LEU E 562 29.25 12.25 -23.17
CA LEU E 562 30.05 13.05 -22.25
C LEU E 562 31.20 12.20 -21.71
N THR E 563 31.01 10.90 -21.76
CA THR E 563 32.02 9.97 -21.26
C THR E 563 32.14 8.80 -22.20
N LYS E 564 33.36 8.41 -22.55
CA LYS E 564 33.57 7.24 -23.38
C LYS E 564 34.58 6.35 -22.67
N GLY E 565 34.08 5.31 -22.03
CA GLY E 565 34.96 4.39 -21.32
C GLY E 565 35.51 5.00 -20.04
N GLN E 566 36.81 5.25 -20.03
CA GLN E 566 37.43 5.84 -18.86
C GLN E 566 37.96 7.21 -19.23
N VAL E 567 37.62 7.65 -20.44
CA VAL E 567 38.09 8.92 -20.95
C VAL E 567 37.00 9.98 -21.08
N GLY E 568 37.40 11.24 -21.02
CA GLY E 568 36.43 12.31 -21.13
C GLY E 568 35.79 12.34 -22.50
N GLY E 569 34.55 12.81 -22.54
CA GLY E 569 33.86 12.88 -23.80
C GLY E 569 33.67 14.32 -24.25
N THR E 570 32.48 14.60 -24.75
CA THR E 570 32.18 15.94 -25.26
C THR E 570 30.71 16.29 -25.04
N PHE E 571 30.37 17.55 -25.28
CA PHE E 571 29.00 18.03 -25.20
C PHE E 571 28.94 19.11 -26.27
N ALA E 572 27.83 19.81 -26.40
CA ALA E 572 27.76 20.83 -27.44
C ALA E 572 26.90 22.03 -27.08
N ARG E 573 27.16 23.14 -27.74
CA ARG E 573 26.41 24.37 -27.48
C ARG E 573 25.93 24.91 -28.82
N LEU E 574 24.69 25.40 -28.84
CA LEU E 574 24.16 25.97 -30.06
C LEU E 574 23.79 27.42 -29.77
N TYR E 575 23.75 28.24 -30.82
CA TYR E 575 23.36 29.63 -30.64
C TYR E 575 22.19 29.79 -31.58
N LEU E 576 21.08 30.31 -31.09
CA LEU E 576 19.90 30.46 -31.94
C LEU E 576 19.32 31.87 -31.99
N ARG E 577 18.73 32.20 -33.14
CA ARG E 577 18.07 33.49 -33.35
C ARG E 577 17.45 33.45 -34.74
N ARG E 578 16.13 33.36 -34.78
CA ARG E 578 15.41 33.30 -36.04
C ARG E 578 15.47 34.66 -36.76
N PRO E 579 16.08 34.70 -37.96
CA PRO E 579 16.25 35.89 -38.79
C PRO E 579 15.00 36.59 -39.32
N ALA E 580 15.22 37.73 -39.96
CA ALA E 580 14.16 38.56 -40.54
C ALA E 580 13.43 37.84 -41.68
N ALA E 581 12.11 37.80 -41.53
CA ALA E 581 11.17 37.16 -42.45
C ALA E 581 11.46 36.92 -43.94
N ASP E 582 11.66 37.98 -44.74
CA ASP E 582 11.83 37.75 -46.17
C ASP E 582 13.17 37.50 -46.87
N GLY E 583 13.05 36.75 -47.97
CA GLY E 583 14.19 36.37 -48.79
C GLY E 583 14.01 34.90 -49.14
N ALA E 584 15.02 34.30 -49.77
CA ALA E 584 14.96 32.88 -50.12
C ALA E 584 14.75 32.15 -48.79
N GLU E 585 13.48 31.95 -48.47
CA GLU E 585 13.02 31.31 -47.24
C GLU E 585 14.00 30.79 -46.19
N ARG E 586 14.42 29.54 -46.35
CA ARG E 586 15.29 28.94 -45.37
C ARG E 586 16.49 29.74 -44.94
N GLN E 587 16.39 30.22 -43.72
CA GLN E 587 17.45 30.93 -43.03
C GLN E 587 17.40 30.17 -41.72
N SER E 588 18.33 29.23 -41.59
CA SER E 588 18.42 28.40 -40.40
C SER E 588 18.46 29.24 -39.13
N PRO E 589 17.54 29.00 -38.19
CA PRO E 589 17.56 29.79 -36.96
C PRO E 589 18.79 29.46 -36.15
N CYS E 590 19.45 28.37 -36.53
CA CYS E 590 20.65 27.96 -35.84
C CYS E 590 21.83 28.68 -36.46
N ILE E 591 22.42 29.60 -35.70
CA ILE E 591 23.54 30.41 -36.17
C ILE E 591 24.92 29.77 -36.01
N ALA E 592 25.13 29.04 -34.93
CA ALA E 592 26.43 28.44 -34.72
C ALA E 592 26.35 27.30 -33.73
N VAL E 593 27.25 26.33 -33.89
CA VAL E 593 27.28 25.19 -33.00
C VAL E 593 28.73 24.86 -32.71
N GLN E 594 28.98 24.28 -31.55
CA GLN E 594 30.33 23.93 -31.16
C GLN E 594 30.28 22.65 -30.36
N VAL E 595 31.23 21.75 -30.60
CA VAL E 595 31.28 20.53 -29.83
C VAL E 595 32.54 20.74 -29.02
N VAL E 596 32.36 20.75 -27.70
CA VAL E 596 33.45 20.99 -26.76
C VAL E 596 33.78 19.75 -25.95
N ARG E 597 35.04 19.63 -25.57
CA ARG E 597 35.46 18.49 -24.76
C ARG E 597 35.14 18.86 -23.34
N ILE E 598 34.54 17.94 -22.60
CA ILE E 598 34.25 18.25 -21.21
C ILE E 598 35.62 18.12 -20.55
N GLN F 2 -9.19 -25.03 -12.29
CA GLN F 2 -7.94 -24.24 -12.26
C GLN F 2 -6.69 -25.13 -12.29
N LEU F 3 -5.64 -24.59 -12.90
CA LEU F 3 -4.35 -25.27 -13.01
C LEU F 3 -3.73 -25.20 -11.62
N THR F 4 -2.81 -26.11 -11.31
CA THR F 4 -2.19 -26.02 -10.01
C THR F 4 -1.01 -25.04 -10.19
N ASP F 5 -0.70 -24.28 -9.14
CA ASP F 5 0.42 -23.33 -9.16
C ASP F 5 1.74 -23.95 -9.62
N GLU F 6 1.98 -25.19 -9.26
CA GLU F 6 3.23 -25.84 -9.65
C GLU F 6 3.37 -26.05 -11.15
N GLU F 7 2.26 -26.39 -11.81
CA GLU F 7 2.32 -26.61 -13.26
C GLU F 7 2.18 -25.33 -14.08
N LYS F 8 1.47 -24.35 -13.50
CA LYS F 8 1.26 -23.07 -14.15
C LYS F 8 2.58 -22.34 -14.35
N TYR F 9 3.49 -22.48 -13.36
CA TYR F 9 4.79 -21.83 -13.43
C TYR F 9 5.90 -22.82 -13.71
N ARG F 10 5.54 -23.98 -14.24
CA ARG F 10 6.51 -25.03 -14.53
C ARG F 10 7.63 -24.64 -15.50
N ASP F 11 7.30 -23.92 -16.56
CA ASP F 11 8.31 -23.54 -17.53
C ASP F 11 8.98 -22.20 -17.27
N CYS F 12 8.52 -21.48 -16.26
CA CYS F 12 9.08 -20.18 -15.93
C CYS F 12 10.51 -20.27 -15.42
N GLU F 13 11.28 -19.22 -15.63
CA GLU F 13 12.64 -19.19 -15.16
C GLU F 13 12.62 -18.85 -13.68
N ARG F 14 13.43 -19.54 -12.89
CA ARG F 14 13.49 -19.28 -11.45
C ARG F 14 14.32 -18.04 -11.17
N PHE F 15 13.95 -17.32 -10.12
CA PHE F 15 14.68 -16.12 -9.76
C PHE F 15 15.99 -16.50 -9.09
N LYS F 16 17.09 -16.01 -9.65
CA LYS F 16 18.40 -16.31 -9.09
C LYS F 16 19.05 -15.01 -8.68
N CYS F 17 19.76 -15.06 -7.56
CA CYS F 17 20.46 -13.89 -7.05
C CYS F 17 21.56 -14.39 -6.12
N PRO F 18 22.82 -14.01 -6.40
CA PRO F 18 23.96 -14.43 -5.59
C PRO F 18 24.05 -13.66 -4.27
N CYS F 19 24.41 -14.39 -3.22
CA CYS F 19 24.55 -13.80 -1.88
C CYS F 19 25.59 -12.67 -1.95
N PRO F 20 25.22 -11.46 -1.51
CA PRO F 20 26.17 -10.34 -1.55
C PRO F 20 27.37 -10.58 -0.66
N THR F 21 27.21 -11.53 0.26
CA THR F 21 28.26 -11.88 1.20
C THR F 21 29.13 -13.04 0.75
N CYS F 22 28.60 -14.25 0.83
CA CYS F 22 29.37 -15.44 0.44
C CYS F 22 29.56 -15.62 -1.07
N GLY F 23 28.63 -15.10 -1.86
CA GLY F 23 28.74 -15.20 -3.30
C GLY F 23 27.98 -16.33 -3.98
N THR F 24 27.53 -17.32 -3.21
CA THR F 24 26.79 -18.43 -3.80
C THR F 24 25.43 -18.00 -4.36
N GLU F 25 25.06 -18.61 -5.48
CA GLU F 25 23.81 -18.31 -6.15
C GLU F 25 22.60 -18.96 -5.46
N ASN F 26 21.69 -18.13 -4.98
CA ASN F 26 20.48 -18.63 -4.32
C ASN F 26 19.39 -18.67 -5.39
N ILE F 27 18.52 -19.67 -5.31
CA ILE F 27 17.44 -19.78 -6.27
C ILE F 27 16.08 -19.75 -5.55
N TYR F 28 15.15 -18.95 -6.06
CA TYR F 28 13.85 -18.83 -5.43
C TYR F 28 12.73 -19.26 -6.36
N ASP F 29 11.78 -20.00 -5.81
CA ASP F 29 10.65 -20.49 -6.60
C ASP F 29 9.37 -20.47 -5.79
N ASN F 30 9.47 -20.05 -4.53
CA ASN F 30 8.31 -19.98 -3.66
C ASN F 30 8.65 -19.10 -2.47
N VAL F 31 7.61 -18.62 -1.79
CA VAL F 31 7.83 -17.80 -0.61
C VAL F 31 8.50 -18.63 0.47
N PHE F 32 8.07 -19.88 0.57
CA PHE F 32 8.60 -20.81 1.56
C PHE F 32 9.58 -21.82 1.01
N ASP F 33 10.44 -22.31 1.89
CA ASP F 33 11.46 -23.28 1.54
C ASP F 33 11.26 -24.49 2.44
N GLY F 34 11.16 -25.66 1.84
CA GLY F 34 10.97 -26.83 2.66
C GLY F 34 9.51 -27.13 2.93
N SER F 35 9.28 -28.17 3.73
CA SER F 35 7.92 -28.61 4.03
C SER F 35 7.42 -28.50 5.47
N GLY F 36 6.08 -28.52 5.57
CA GLY F 36 5.37 -28.47 6.84
C GLY F 36 5.87 -27.76 8.08
N THR F 37 6.61 -28.49 8.91
CA THR F 37 7.13 -27.95 10.17
C THR F 37 8.47 -27.22 10.08
N ASP F 38 9.37 -27.73 9.25
CA ASP F 38 10.68 -27.12 9.13
C ASP F 38 10.68 -26.13 7.98
N MET F 39 9.49 -25.62 7.69
CA MET F 39 9.30 -24.67 6.61
C MET F 39 9.77 -23.29 7.07
N GLU F 40 10.66 -22.69 6.29
CA GLU F 40 11.19 -21.37 6.60
C GLU F 40 11.06 -20.53 5.34
N PRO F 41 10.89 -19.21 5.48
CA PRO F 41 10.79 -18.40 4.27
C PRO F 41 12.13 -18.56 3.53
N SER F 42 12.08 -18.93 2.26
CA SER F 42 13.30 -19.13 1.46
C SER F 42 14.31 -17.99 1.59
N LEU F 43 13.80 -16.80 1.85
CA LEU F 43 14.62 -15.60 1.99
C LEU F 43 15.23 -15.46 3.39
N TYR F 44 15.00 -16.44 4.25
CA TYR F 44 15.51 -16.41 5.63
C TYR F 44 17.00 -16.71 5.69
N ARG F 45 17.44 -17.74 4.99
CA ARG F 45 18.86 -18.08 5.02
C ARG F 45 19.47 -18.32 3.67
N CYS F 46 20.78 -18.12 3.61
CA CYS F 46 21.54 -18.32 2.39
C CYS F 46 21.44 -19.81 2.13
N SER F 47 21.79 -20.25 0.92
CA SER F 47 21.73 -21.68 0.63
C SER F 47 23.07 -22.31 0.99
N ASN F 48 24.09 -21.46 1.11
CA ASN F 48 25.42 -21.89 1.50
C ASN F 48 25.31 -21.96 3.02
N ILE F 49 25.58 -23.12 3.60
CA ILE F 49 25.46 -23.27 5.05
C ILE F 49 26.55 -22.56 5.86
N ASP F 50 27.67 -22.24 5.19
CA ASP F 50 28.77 -21.56 5.84
C ASP F 50 28.66 -20.05 5.72
N CYS F 51 27.49 -19.59 5.28
CA CYS F 51 27.19 -18.17 5.16
C CYS F 51 26.06 -17.94 6.15
N LYS F 52 26.25 -17.00 7.06
CA LYS F 52 25.24 -16.71 8.05
C LYS F 52 24.48 -15.43 7.73
N ALA F 53 24.60 -14.98 6.49
CA ALA F 53 23.91 -13.77 6.06
C ALA F 53 22.49 -14.13 5.66
N SER F 54 21.54 -13.25 5.96
CA SER F 54 20.15 -13.50 5.62
C SER F 54 19.81 -12.66 4.41
N PRO F 55 19.24 -13.28 3.36
CA PRO F 55 18.87 -12.52 2.16
C PRO F 55 17.94 -11.36 2.47
N LEU F 56 17.16 -11.50 3.54
CA LEU F 56 16.24 -10.44 3.96
C LEU F 56 17.01 -9.17 4.32
N THR F 57 18.32 -9.30 4.48
CA THR F 57 19.17 -8.17 4.82
C THR F 57 19.58 -7.42 3.54
N PHE F 58 19.46 -8.11 2.41
CA PHE F 58 19.85 -7.51 1.14
C PHE F 58 18.69 -7.31 0.18
N THR F 59 17.57 -6.89 0.74
CA THR F 59 16.36 -6.63 -0.02
C THR F 59 16.63 -5.64 -1.18
N VAL F 60 17.51 -4.68 -0.94
CA VAL F 60 17.85 -3.72 -1.97
C VAL F 60 18.48 -4.43 -3.17
N GLN F 61 19.45 -5.29 -2.91
CA GLN F 61 20.12 -6.03 -3.99
C GLN F 61 19.18 -6.99 -4.72
N LEU F 62 18.17 -7.50 -4.03
CA LEU F 62 17.24 -8.41 -4.68
C LEU F 62 16.32 -7.63 -5.62
N SER F 63 15.86 -6.49 -5.15
CA SER F 63 14.99 -5.66 -5.97
C SER F 63 15.73 -5.23 -7.23
N ASN F 64 16.98 -4.84 -7.09
CA ASN F 64 17.75 -4.42 -8.25
C ASN F 64 17.88 -5.58 -9.21
N LYS F 65 18.09 -6.79 -8.68
CA LYS F 65 18.24 -7.95 -9.54
C LYS F 65 16.93 -8.26 -10.27
N LEU F 66 15.80 -8.17 -9.56
CA LEU F 66 14.51 -8.41 -10.19
C LEU F 66 14.29 -7.48 -11.39
N ILE F 67 14.66 -6.22 -11.21
CA ILE F 67 14.54 -5.21 -12.27
C ILE F 67 15.36 -5.66 -13.49
N MET F 68 16.61 -6.05 -13.25
CA MET F 68 17.51 -6.53 -14.29
C MET F 68 16.85 -7.66 -15.09
N ASP F 69 16.31 -8.64 -14.35
CA ASP F 69 15.65 -9.80 -14.95
C ASP F 69 14.38 -9.43 -15.69
N ILE F 70 13.52 -8.66 -15.05
CA ILE F 70 12.30 -8.25 -15.70
C ILE F 70 12.61 -7.54 -17.02
N ARG F 71 13.68 -6.72 -17.06
CA ARG F 71 14.03 -6.02 -18.29
C ARG F 71 14.37 -7.05 -19.36
N ARG F 72 15.16 -8.03 -18.97
CA ARG F 72 15.59 -9.09 -19.87
C ARG F 72 14.42 -9.80 -20.54
N PHE F 73 13.37 -10.05 -19.77
CA PHE F 73 12.21 -10.77 -20.31
C PHE F 73 11.38 -9.93 -21.24
N ILE F 74 11.15 -8.68 -20.86
CA ILE F 74 10.38 -7.81 -21.69
C ILE F 74 11.13 -7.55 -22.99
N LYS F 75 12.45 -7.50 -22.92
CA LYS F 75 13.22 -7.26 -24.13
C LYS F 75 13.23 -8.49 -25.01
N LYS F 76 13.18 -9.65 -24.37
CA LYS F 76 13.17 -10.92 -25.07
C LYS F 76 11.86 -11.01 -25.84
N TYR F 77 10.77 -10.62 -25.18
CA TYR F 77 9.47 -10.67 -25.81
C TYR F 77 9.43 -9.75 -27.01
N TYR F 78 9.92 -8.53 -26.82
CA TYR F 78 9.91 -7.54 -27.88
C TYR F 78 10.88 -7.78 -29.01
N ASP F 79 11.83 -8.69 -28.83
CA ASP F 79 12.77 -8.97 -29.92
C ASP F 79 11.99 -9.54 -31.09
N GLY F 80 10.79 -10.05 -30.80
CA GLY F 80 9.92 -10.60 -31.82
C GLY F 80 10.39 -11.80 -32.64
N TRP F 81 11.23 -12.67 -32.08
CA TRP F 81 11.68 -13.84 -32.84
C TRP F 81 10.49 -14.70 -33.20
N LEU F 82 10.39 -15.06 -34.47
CA LEU F 82 9.29 -15.88 -34.99
C LEU F 82 9.92 -17.15 -35.55
N ILE F 83 9.20 -18.26 -35.43
CA ILE F 83 9.70 -19.53 -35.94
C ILE F 83 8.55 -20.28 -36.65
N CYS F 84 8.86 -20.82 -37.83
CA CYS F 84 7.86 -21.56 -38.61
C CYS F 84 7.40 -22.83 -37.90
N GLU F 85 6.10 -23.09 -37.94
CA GLU F 85 5.54 -24.26 -37.28
C GLU F 85 5.79 -25.57 -38.01
N GLU F 86 6.21 -25.49 -39.27
CA GLU F 86 6.50 -26.71 -40.03
C GLU F 86 7.86 -27.25 -39.61
N PRO F 87 7.89 -28.46 -39.02
CA PRO F 87 9.11 -29.13 -38.55
C PRO F 87 10.22 -29.25 -39.58
N THR F 88 9.86 -29.26 -40.85
CA THR F 88 10.84 -29.37 -41.93
C THR F 88 11.40 -28.02 -42.36
N CYS F 89 10.77 -26.94 -41.89
CA CYS F 89 11.21 -25.59 -42.22
C CYS F 89 11.93 -24.96 -41.04
N ARG F 90 11.17 -24.65 -39.99
CA ARG F 90 11.71 -24.07 -38.77
C ARG F 90 12.50 -22.79 -39.05
N ASN F 91 12.06 -22.04 -40.06
CA ASN F 91 12.69 -20.78 -40.43
C ASN F 91 12.53 -19.86 -39.21
N ARG F 92 13.61 -19.18 -38.85
CA ARG F 92 13.60 -18.28 -37.69
C ARG F 92 13.90 -16.85 -38.10
N THR F 93 12.98 -15.94 -37.83
CA THR F 93 13.18 -14.55 -38.21
C THR F 93 12.59 -13.54 -37.22
N ARG F 94 13.09 -12.31 -37.29
CA ARG F 94 12.59 -11.22 -36.45
C ARG F 94 11.80 -10.26 -37.34
N HIS F 95 11.71 -10.61 -38.61
CA HIS F 95 11.02 -9.79 -39.58
C HIS F 95 9.59 -10.27 -39.79
N LEU F 96 8.62 -9.55 -39.22
CA LEU F 96 7.22 -9.94 -39.38
C LEU F 96 6.79 -9.68 -40.82
N PRO F 97 6.38 -10.73 -41.55
CA PRO F 97 5.94 -10.58 -42.94
C PRO F 97 4.55 -9.96 -43.03
N LEU F 98 4.37 -9.03 -43.98
CA LEU F 98 3.09 -8.36 -44.14
C LEU F 98 2.05 -9.26 -44.76
N GLN F 99 2.52 -10.39 -45.28
CA GLN F 99 1.62 -11.34 -45.90
C GLN F 99 1.17 -12.35 -44.87
N PHE F 100 -0.11 -12.23 -44.49
CA PHE F 100 -0.72 -13.10 -43.50
C PHE F 100 -1.61 -14.15 -44.13
N SER F 101 -1.68 -15.31 -43.50
CA SER F 101 -2.55 -16.36 -43.97
C SER F 101 -3.70 -16.28 -42.97
N ARG F 102 -4.57 -17.26 -42.99
CA ARG F 102 -5.71 -17.27 -42.08
C ARG F 102 -5.31 -17.33 -40.60
N THR F 103 -4.19 -17.97 -40.29
CA THR F 103 -3.78 -18.10 -38.90
C THR F 103 -2.58 -17.26 -38.47
N GLY F 104 -2.17 -16.31 -39.30
CA GLY F 104 -1.04 -15.48 -38.93
C GLY F 104 0.00 -15.29 -40.02
N PRO F 105 1.16 -14.71 -39.66
CA PRO F 105 2.23 -14.48 -40.64
C PRO F 105 2.57 -15.74 -41.43
N LEU F 106 2.74 -15.58 -42.73
CA LEU F 106 3.08 -16.69 -43.60
C LEU F 106 4.59 -16.80 -43.75
N CYS F 107 5.14 -17.96 -43.39
CA CYS F 107 6.58 -18.17 -43.51
C CYS F 107 7.03 -17.84 -44.93
N PRO F 108 8.07 -17.02 -45.07
CA PRO F 108 8.53 -16.70 -46.42
C PRO F 108 9.48 -17.76 -47.00
N ALA F 109 9.98 -18.67 -46.17
CA ALA F 109 10.88 -19.73 -46.63
C ALA F 109 9.99 -20.74 -47.36
N CYS F 110 9.26 -21.56 -46.60
CA CYS F 110 8.30 -22.48 -47.19
C CYS F 110 7.17 -21.48 -47.29
N MET F 111 6.26 -21.60 -48.23
CA MET F 111 5.20 -20.61 -48.26
C MET F 111 3.86 -21.22 -47.86
N LYS F 112 3.91 -22.23 -47.00
CA LYS F 112 2.68 -22.88 -46.58
C LYS F 112 2.57 -23.14 -45.08
N ALA F 113 3.30 -22.38 -44.28
CA ALA F 113 3.23 -22.57 -42.85
C ALA F 113 3.18 -21.21 -42.16
N THR F 114 2.64 -21.20 -40.94
CA THR F 114 2.52 -19.97 -40.17
C THR F 114 3.70 -19.81 -39.20
N LEU F 115 4.15 -18.58 -39.05
CA LEU F 115 5.24 -18.26 -38.13
C LEU F 115 4.65 -18.07 -36.74
N GLN F 116 5.31 -18.64 -35.74
CA GLN F 116 4.85 -18.54 -34.36
C GLN F 116 5.86 -17.80 -33.49
N PRO F 117 5.37 -16.96 -32.56
CA PRO F 117 6.28 -16.22 -31.69
C PRO F 117 7.12 -17.23 -30.90
N GLU F 118 8.43 -17.02 -30.85
CA GLU F 118 9.31 -17.91 -30.12
C GLU F 118 9.08 -17.77 -28.62
N TYR F 119 8.86 -16.53 -28.17
CA TYR F 119 8.59 -16.26 -26.76
C TYR F 119 7.25 -15.51 -26.76
N SER F 120 6.17 -16.27 -26.60
CA SER F 120 4.83 -15.72 -26.62
C SER F 120 4.50 -14.77 -25.50
N ASP F 121 3.44 -13.99 -25.70
CA ASP F 121 3.01 -13.02 -24.72
C ASP F 121 2.45 -13.75 -23.51
N LYS F 122 1.94 -14.95 -23.72
CA LYS F 122 1.40 -15.69 -22.58
C LYS F 122 2.57 -16.20 -21.71
N SER F 123 3.71 -16.49 -22.33
CA SER F 123 4.86 -16.95 -21.56
C SER F 123 5.44 -15.80 -20.73
N LEU F 124 5.51 -14.62 -21.33
CA LEU F 124 6.06 -13.45 -20.64
C LEU F 124 5.16 -13.10 -19.46
N TYR F 125 3.85 -13.08 -19.70
CA TYR F 125 2.90 -12.76 -18.65
C TYR F 125 2.98 -13.78 -17.52
N THR F 126 3.12 -15.06 -17.85
CA THR F 126 3.22 -16.08 -16.81
C THR F 126 4.49 -15.86 -16.00
N GLN F 127 5.59 -15.54 -16.68
CA GLN F 127 6.87 -15.29 -16.03
C GLN F 127 6.81 -14.15 -15.03
N LEU F 128 6.10 -13.09 -15.38
CA LEU F 128 5.96 -11.94 -14.48
C LEU F 128 5.10 -12.32 -13.30
N CYS F 129 4.09 -13.15 -13.55
CA CYS F 129 3.22 -13.59 -12.46
C CYS F 129 3.99 -14.47 -11.49
N PHE F 130 4.94 -15.23 -12.03
CA PHE F 130 5.75 -16.11 -11.22
C PHE F 130 6.63 -15.26 -10.30
N TYR F 131 7.26 -14.23 -10.86
CA TYR F 131 8.12 -13.36 -10.07
C TYR F 131 7.34 -12.60 -9.01
N ARG F 132 6.02 -12.57 -9.17
CA ARG F 132 5.16 -11.88 -8.23
C ARG F 132 4.70 -12.90 -7.19
N TYR F 133 4.49 -14.14 -7.64
CA TYR F 133 4.06 -15.23 -6.78
C TYR F 133 5.13 -15.66 -5.75
N ILE F 134 6.39 -15.63 -6.12
CA ILE F 134 7.45 -16.05 -5.20
C ILE F 134 7.68 -15.05 -4.09
N PHE F 135 6.98 -13.92 -4.12
CA PHE F 135 7.14 -12.89 -3.10
C PHE F 135 5.81 -12.46 -2.52
N ASP F 136 4.75 -13.15 -2.92
CA ASP F 136 3.43 -12.83 -2.41
C ASP F 136 3.28 -13.62 -1.11
N ALA F 137 3.84 -13.08 -0.02
CA ALA F 137 3.78 -13.74 1.27
C ALA F 137 2.37 -13.91 1.81
N GLU F 138 1.54 -12.87 1.69
CA GLU F 138 0.18 -12.93 2.18
C GLU F 138 -0.58 -14.10 1.55
N CYS F 139 -0.34 -14.32 0.27
CA CYS F 139 -1.00 -15.38 -0.47
C CYS F 139 -0.45 -16.76 -0.07
N ALA F 140 0.86 -16.88 0.08
CA ALA F 140 1.48 -18.15 0.45
C ALA F 140 1.03 -18.56 1.85
N LEU F 141 0.58 -17.58 2.63
CA LEU F 141 0.12 -17.82 3.99
C LEU F 141 -1.35 -18.23 4.01
N GLU F 142 -2.14 -17.63 3.13
CA GLU F 142 -3.56 -17.95 3.03
C GLU F 142 -3.74 -19.33 2.44
N LYS F 143 -2.65 -19.87 1.89
CA LYS F 143 -2.66 -21.20 1.29
C LYS F 143 -2.32 -22.26 2.32
N LEU F 144 -2.40 -21.86 3.60
CA LEU F 144 -2.14 -22.78 4.70
C LEU F 144 -3.50 -23.02 5.34
N THR F 145 -3.82 -24.28 5.54
CA THR F 145 -5.11 -24.71 6.09
C THR F 145 -5.45 -24.25 7.51
N THR F 146 -4.60 -24.61 8.45
CA THR F 146 -4.81 -24.27 9.86
C THR F 146 -4.23 -22.93 10.26
N ASP F 147 -5.05 -22.10 10.91
CA ASP F 147 -4.60 -20.79 11.35
C ASP F 147 -3.48 -20.90 12.38
N HIS F 148 -3.26 -22.10 12.93
CA HIS F 148 -2.17 -22.24 13.89
C HIS F 148 -0.85 -22.32 13.15
N GLU F 149 -0.76 -23.19 12.15
CA GLU F 149 0.46 -23.30 11.36
C GLU F 149 0.85 -21.92 10.85
N LYS F 150 -0.13 -21.19 10.33
CA LYS F 150 0.10 -19.85 9.79
C LYS F 150 0.65 -18.88 10.84
N ASP F 151 -0.14 -18.61 11.88
CA ASP F 151 0.26 -17.66 12.90
C ASP F 151 1.55 -17.97 13.66
N LYS F 152 1.92 -19.24 13.79
CA LYS F 152 3.17 -19.54 14.47
C LYS F 152 4.27 -19.01 13.57
N LEU F 153 4.06 -19.20 12.28
CA LEU F 153 4.95 -18.77 11.20
C LEU F 153 4.92 -17.25 11.06
N LYS F 154 3.71 -16.70 11.10
CA LYS F 154 3.47 -15.25 10.98
C LYS F 154 4.14 -14.52 12.15
N LYS F 155 4.12 -15.13 13.32
CA LYS F 155 4.72 -14.54 14.50
C LYS F 155 6.23 -14.73 14.53
N GLN F 156 6.69 -15.84 13.96
CA GLN F 156 8.12 -16.13 13.95
C GLN F 156 8.93 -15.35 12.92
N PHE F 157 8.45 -15.25 11.68
CA PHE F 157 9.20 -14.56 10.63
C PHE F 157 8.58 -13.32 9.99
N PHE F 158 7.27 -13.34 9.80
CA PHE F 158 6.61 -12.22 9.14
C PHE F 158 6.17 -11.02 9.97
N THR F 159 7.15 -10.22 10.40
CA THR F 159 6.89 -9.02 11.17
C THR F 159 6.31 -8.02 10.17
N PRO F 160 5.74 -6.90 10.66
CA PRO F 160 5.18 -5.94 9.73
C PRO F 160 6.21 -5.42 8.73
N LYS F 161 7.45 -5.32 9.18
CA LYS F 161 8.53 -4.84 8.34
C LYS F 161 8.93 -5.86 7.26
N VAL F 162 8.98 -7.13 7.63
CA VAL F 162 9.33 -8.17 6.68
C VAL F 162 8.23 -8.26 5.63
N LEU F 163 6.98 -8.16 6.07
CA LEU F 163 5.85 -8.20 5.16
C LEU F 163 5.97 -7.06 4.17
N GLN F 164 6.50 -5.93 4.62
CA GLN F 164 6.66 -4.78 3.76
C GLN F 164 7.71 -5.09 2.71
N ASP F 165 8.80 -5.71 3.13
CA ASP F 165 9.86 -6.06 2.21
C ASP F 165 9.37 -6.96 1.10
N TYR F 166 8.52 -7.91 1.46
CA TYR F 166 7.97 -8.83 0.48
C TYR F 166 7.06 -8.08 -0.46
N ARG F 167 6.19 -7.24 0.08
CA ARG F 167 5.28 -6.46 -0.75
C ARG F 167 6.09 -5.68 -1.78
N LYS F 168 7.19 -5.09 -1.32
CA LYS F 168 8.05 -4.31 -2.20
C LYS F 168 8.55 -5.15 -3.37
N LEU F 169 9.20 -6.27 -3.06
CA LEU F 169 9.72 -7.15 -4.09
C LEU F 169 8.62 -7.62 -5.01
N LYS F 170 7.49 -7.98 -4.41
CA LYS F 170 6.34 -8.47 -5.17
C LYS F 170 5.82 -7.47 -6.19
N ASN F 171 5.92 -6.20 -5.88
CA ASN F 171 5.44 -5.21 -6.82
C ASN F 171 6.53 -4.56 -7.67
N THR F 172 7.72 -5.14 -7.62
CA THR F 172 8.82 -4.61 -8.41
C THR F 172 8.36 -4.69 -9.84
N ALA F 173 7.52 -5.69 -10.10
CA ALA F 173 6.96 -5.94 -11.42
C ALA F 173 6.29 -4.70 -11.97
N GLU F 174 5.11 -4.54 -11.36
CA GLU F 174 4.08 -3.54 -11.53
C GLU F 174 4.35 -2.35 -12.41
N GLN F 175 5.29 -1.49 -12.05
CA GLN F 175 5.53 -0.36 -12.93
C GLN F 175 6.84 -0.43 -13.68
N PHE F 176 6.68 -1.07 -14.84
CA PHE F 176 7.69 -1.32 -15.85
C PHE F 176 6.75 -1.70 -17.00
N LEU F 177 5.53 -1.16 -16.94
CA LEU F 177 4.48 -1.43 -17.92
C LEU F 177 4.08 -0.20 -18.75
N PRO G 157 -62.99 10.48 -31.89
CA PRO G 157 -61.89 10.22 -30.92
C PRO G 157 -61.83 8.73 -30.59
N SER G 158 -61.47 7.98 -31.63
CA SER G 158 -61.39 6.52 -31.73
C SER G 158 -62.73 6.06 -32.26
N GLN G 159 -63.55 7.04 -32.65
CA GLN G 159 -64.89 6.82 -33.19
C GLN G 159 -64.87 5.76 -34.28
N LYS G 160 -64.09 6.02 -35.33
CA LYS G 160 -63.97 5.11 -36.46
C LYS G 160 -63.57 3.70 -36.04
N TYR G 161 -62.54 3.61 -35.20
CA TYR G 161 -62.04 2.31 -34.74
C TYR G 161 -63.06 1.45 -34.00
N ASN G 162 -63.82 2.06 -33.10
CA ASN G 162 -64.81 1.32 -32.32
C ASN G 162 -66.04 0.89 -33.10
N SER G 163 -66.29 1.53 -34.23
CA SER G 163 -67.45 1.21 -35.06
C SER G 163 -67.09 0.24 -36.17
N ARG G 164 -65.82 -0.18 -36.22
CA ARG G 164 -65.37 -1.11 -37.25
C ARG G 164 -66.27 -2.34 -37.23
N SER G 165 -66.29 -3.09 -38.33
CA SER G 165 -67.11 -4.29 -38.40
C SER G 165 -66.31 -5.50 -38.87
N ASN G 166 -65.01 -5.31 -39.07
CA ASN G 166 -64.13 -6.39 -39.53
C ASN G 166 -63.63 -7.27 -38.40
N ARG G 167 -63.75 -6.77 -37.17
CA ARG G 167 -63.30 -7.49 -35.99
C ARG G 167 -63.21 -9.01 -36.08
N GLY G 168 -62.03 -9.54 -35.76
CA GLY G 168 -61.83 -10.99 -35.77
C GLY G 168 -61.55 -11.66 -37.09
N GLU G 169 -61.71 -10.92 -38.18
CA GLU G 169 -61.50 -11.43 -39.54
C GLU G 169 -60.08 -11.96 -39.74
N VAL G 170 -59.97 -13.19 -40.24
CA VAL G 170 -58.65 -13.76 -40.51
C VAL G 170 -58.24 -13.30 -41.90
N VAL G 171 -57.23 -12.44 -42.00
CA VAL G 171 -56.77 -11.90 -43.28
C VAL G 171 -55.66 -12.67 -43.98
N THR G 172 -55.01 -13.58 -43.26
CA THR G 172 -53.95 -14.38 -43.84
C THR G 172 -53.84 -15.67 -43.07
N SER G 173 -53.54 -16.74 -43.78
CA SER G 173 -53.41 -18.04 -43.16
C SER G 173 -52.15 -18.73 -43.69
N PHE G 174 -51.45 -19.42 -42.80
CA PHE G 174 -50.26 -20.16 -43.19
C PHE G 174 -50.36 -21.51 -42.51
N GLY G 175 -49.83 -22.55 -43.17
CA GLY G 175 -49.89 -23.88 -42.59
C GLY G 175 -51.27 -24.49 -42.83
N LEU G 176 -51.43 -25.79 -42.61
CA LEU G 176 -52.73 -26.37 -42.89
C LEU G 176 -53.81 -25.80 -41.97
N ALA G 177 -53.61 -24.54 -41.62
CA ALA G 177 -54.47 -23.74 -40.75
C ALA G 177 -55.73 -24.36 -40.16
N GLN G 178 -55.92 -24.04 -38.88
CA GLN G 178 -57.00 -24.53 -38.06
C GLN G 178 -58.36 -23.86 -38.18
N GLY G 179 -59.22 -24.22 -37.23
CA GLY G 179 -60.56 -23.69 -37.18
C GLY G 179 -60.53 -22.23 -36.77
N VAL G 180 -61.46 -21.83 -35.90
CA VAL G 180 -61.49 -20.46 -35.44
C VAL G 180 -61.33 -20.42 -33.92
N SER G 181 -61.42 -21.60 -33.31
CA SER G 181 -61.23 -21.70 -31.86
C SER G 181 -59.74 -21.88 -31.63
N TRP G 182 -58.98 -20.81 -31.77
CA TRP G 182 -57.57 -20.90 -31.50
C TRP G 182 -57.54 -20.84 -30.00
N SER G 183 -56.78 -21.73 -29.39
CA SER G 183 -56.76 -21.74 -27.95
C SER G 183 -55.46 -22.35 -27.46
N GLY G 184 -54.90 -21.74 -26.44
CA GLY G 184 -53.68 -22.26 -25.85
C GLY G 184 -54.15 -22.93 -24.59
N ARG G 185 -53.26 -23.62 -23.88
CA ARG G 185 -53.70 -24.27 -22.65
C ARG G 185 -53.57 -23.27 -21.50
N GLY G 186 -53.31 -22.02 -21.85
CA GLY G 186 -53.15 -20.97 -20.84
C GLY G 186 -51.80 -21.12 -20.17
N GLY G 187 -51.81 -21.18 -18.84
CA GLY G 187 -50.55 -21.33 -18.13
C GLY G 187 -50.15 -22.79 -18.02
N ALA G 188 -51.10 -23.66 -18.30
CA ALA G 188 -50.92 -25.12 -18.23
C ALA G 188 -49.63 -25.72 -18.77
N GLY G 189 -49.16 -26.73 -18.05
CA GLY G 189 -47.97 -27.46 -18.42
C GLY G 189 -46.63 -26.76 -18.49
N ASN G 190 -45.75 -27.38 -19.25
CA ASN G 190 -44.40 -26.89 -19.45
C ASN G 190 -44.27 -25.80 -20.50
N ILE G 191 -43.90 -24.62 -20.06
CA ILE G 191 -43.67 -23.50 -20.96
C ILE G 191 -42.25 -23.10 -20.60
N SER G 192 -41.36 -23.19 -21.57
CA SER G 192 -39.96 -22.85 -21.35
C SER G 192 -39.52 -21.66 -22.20
N LEU G 193 -39.29 -20.53 -21.54
CA LEU G 193 -38.86 -19.31 -22.23
C LEU G 193 -37.43 -18.98 -21.87
N LYS G 194 -36.52 -19.14 -22.83
CA LYS G 194 -35.12 -18.82 -22.58
C LYS G 194 -34.64 -17.76 -23.55
N VAL G 195 -33.96 -16.73 -23.04
CA VAL G 195 -33.42 -15.70 -23.90
C VAL G 195 -32.07 -16.23 -24.38
N LEU G 196 -31.87 -16.31 -25.69
CA LEU G 196 -30.60 -16.80 -26.19
C LEU G 196 -29.51 -15.77 -25.96
N GLY G 197 -28.41 -16.24 -25.37
CA GLY G 197 -27.33 -15.36 -24.99
C GLY G 197 -25.96 -15.16 -25.61
N CYS G 198 -25.57 -13.93 -25.30
CA CYS G 198 -24.40 -13.10 -25.57
C CYS G 198 -25.41 -11.95 -25.43
N PRO G 199 -26.41 -12.17 -24.53
CA PRO G 199 -27.65 -11.63 -23.93
C PRO G 199 -27.80 -10.19 -23.43
N GLU G 200 -27.30 -9.97 -22.21
CA GLU G 200 -27.29 -8.71 -21.45
C GLU G 200 -28.38 -7.62 -21.52
N ALA G 201 -28.50 -6.93 -20.39
CA ALA G 201 -29.47 -5.86 -20.18
C ALA G 201 -28.97 -4.59 -19.46
N LEU G 202 -28.26 -3.71 -20.18
CA LEU G 202 -27.75 -2.42 -19.67
C LEU G 202 -26.38 -2.44 -18.96
N LYS G 207 -22.84 1.68 -20.35
CA LYS G 207 -21.82 1.85 -21.39
C LYS G 207 -21.90 3.24 -22.01
N SER G 208 -20.75 3.78 -22.40
CA SER G 208 -20.70 5.11 -23.00
C SER G 208 -21.69 5.27 -24.14
N MET G 209 -22.12 6.50 -24.36
CA MET G 209 -23.08 6.81 -25.40
C MET G 209 -22.37 7.55 -26.53
N PHE G 210 -21.04 7.62 -26.42
CA PHE G 210 -20.23 8.28 -27.41
C PHE G 210 -19.35 7.25 -28.10
N GLN G 211 -19.59 7.04 -29.39
CA GLN G 211 -18.76 6.12 -30.17
C GLN G 211 -17.63 6.90 -30.81
N LYS G 212 -16.46 6.26 -30.90
CA LYS G 212 -15.31 6.87 -31.55
C LYS G 212 -15.28 6.27 -32.96
N LEU G 213 -15.13 7.09 -33.98
CA LEU G 213 -15.11 6.59 -35.36
C LEU G 213 -14.20 5.37 -35.53
N PRO G 214 -13.02 5.36 -34.91
CA PRO G 214 -12.15 4.20 -35.09
C PRO G 214 -12.82 2.92 -34.62
N ASP G 215 -13.73 3.03 -33.66
CA ASP G 215 -14.41 1.84 -33.16
C ASP G 215 -15.51 1.37 -34.09
N ILE G 216 -16.21 2.31 -34.71
CA ILE G 216 -17.24 1.95 -35.67
C ILE G 216 -16.54 1.24 -36.84
N ARG G 217 -15.43 1.81 -37.27
CA ARG G 217 -14.64 1.29 -38.37
C ARG G 217 -14.31 -0.17 -38.08
N GLU G 218 -13.88 -0.43 -36.84
CA GLU G 218 -13.52 -1.76 -36.43
C GLU G 218 -14.68 -2.73 -36.53
N VAL G 219 -15.87 -2.28 -36.14
CA VAL G 219 -17.02 -3.17 -36.20
C VAL G 219 -17.40 -3.50 -37.63
N LEU G 220 -17.35 -2.49 -38.51
CA LEU G 220 -17.69 -2.71 -39.91
C LEU G 220 -16.65 -3.60 -40.61
N THR G 221 -15.37 -3.44 -40.30
CA THR G 221 -14.35 -4.29 -40.93
C THR G 221 -14.55 -5.73 -40.53
N CYS G 222 -14.75 -5.97 -39.23
CA CYS G 222 -14.96 -7.33 -38.74
C CYS G 222 -16.22 -7.95 -39.32
N LYS G 223 -17.23 -7.14 -39.58
CA LYS G 223 -18.45 -7.65 -40.17
C LYS G 223 -18.06 -8.29 -41.51
N ILE G 224 -17.31 -7.54 -42.32
CA ILE G 224 -16.89 -8.01 -43.64
C ILE G 224 -15.93 -9.19 -43.57
N GLU G 225 -14.86 -9.02 -42.81
CA GLU G 225 -13.85 -10.05 -42.67
C GLU G 225 -14.38 -11.35 -42.08
N GLU G 226 -15.22 -11.25 -41.05
CA GLU G 226 -15.75 -12.45 -40.41
C GLU G 226 -16.67 -13.25 -41.34
N LEU G 227 -17.62 -12.57 -41.96
CA LEU G 227 -18.54 -13.27 -42.86
C LEU G 227 -17.78 -13.75 -44.08
N GLY G 228 -16.85 -12.94 -44.56
CA GLY G 228 -16.08 -13.32 -45.73
C GLY G 228 -15.28 -14.59 -45.49
N SER G 229 -14.76 -14.72 -44.27
CA SER G 229 -13.98 -15.88 -43.92
C SER G 229 -14.81 -17.15 -44.03
N GLU G 230 -16.09 -17.04 -43.67
CA GLU G 230 -17.01 -18.17 -43.71
C GLU G 230 -17.46 -18.49 -45.12
N LEU G 231 -17.75 -17.44 -45.89
CA LEU G 231 -18.17 -17.61 -47.27
C LEU G 231 -17.03 -18.22 -48.10
N LYS G 232 -15.81 -17.79 -47.80
CA LYS G 232 -14.63 -18.28 -48.49
C LYS G 232 -14.44 -19.78 -48.27
N GLU G 233 -14.78 -20.26 -47.08
CA GLU G 233 -14.64 -21.67 -46.74
C GLU G 233 -15.76 -22.48 -47.38
N HIS G 234 -16.95 -21.90 -47.39
CA HIS G 234 -18.12 -22.55 -47.95
C HIS G 234 -17.98 -22.74 -49.45
N TYR G 235 -17.66 -21.67 -50.16
CA TYR G 235 -17.50 -21.75 -51.61
C TYR G 235 -16.07 -22.10 -52.00
N LYS G 236 -15.28 -22.59 -51.05
CA LYS G 236 -13.90 -22.94 -51.33
C LYS G 236 -13.16 -21.97 -52.25
N ILE G 237 -13.24 -20.68 -51.94
CA ILE G 237 -12.55 -19.67 -52.71
C ILE G 237 -11.09 -19.83 -52.30
N GLU G 238 -10.17 -19.62 -53.23
CA GLU G 238 -8.75 -19.79 -52.91
C GLU G 238 -8.10 -18.53 -52.34
N ALA G 239 -8.44 -17.38 -52.91
CA ALA G 239 -7.86 -16.14 -52.44
C ALA G 239 -8.67 -14.92 -52.82
N PHE G 240 -8.63 -13.92 -51.94
CA PHE G 240 -9.33 -12.68 -52.20
C PHE G 240 -8.28 -11.72 -52.74
N THR G 241 -8.63 -11.03 -53.81
CA THR G 241 -7.74 -10.08 -54.43
C THR G 241 -8.05 -8.68 -53.90
N PRO G 242 -7.02 -7.85 -53.69
CA PRO G 242 -7.27 -6.49 -53.21
C PRO G 242 -8.11 -5.79 -54.27
N LEU G 243 -9.07 -4.98 -53.86
CA LEU G 243 -9.92 -4.29 -54.82
C LEU G 243 -9.16 -3.40 -55.80
N LEU G 244 -8.06 -2.81 -55.36
CA LEU G 244 -7.27 -1.92 -56.21
C LEU G 244 -6.19 -2.60 -57.06
N ALA G 245 -6.04 -3.91 -56.94
CA ALA G 245 -5.03 -4.62 -57.72
C ALA G 245 -5.60 -4.96 -59.10
N PRO G 246 -5.03 -4.39 -60.16
CA PRO G 246 -5.57 -4.72 -61.47
C PRO G 246 -5.11 -6.09 -61.95
N ALA G 247 -5.96 -6.77 -62.70
CA ALA G 247 -5.64 -8.08 -63.23
C ALA G 247 -6.36 -8.30 -64.55
N GLN G 248 -5.79 -9.16 -65.39
CA GLN G 248 -6.35 -9.46 -66.69
C GLN G 248 -7.33 -10.62 -66.53
N GLU G 249 -7.01 -11.52 -65.62
CA GLU G 249 -7.86 -12.67 -65.34
C GLU G 249 -8.91 -12.30 -64.29
N PRO G 250 -10.03 -13.03 -64.27
CA PRO G 250 -11.08 -12.76 -63.28
C PRO G 250 -10.57 -12.80 -61.85
N VAL G 251 -11.11 -11.94 -61.01
CA VAL G 251 -10.73 -11.89 -59.60
C VAL G 251 -11.94 -12.07 -58.71
N THR G 252 -11.70 -12.48 -57.47
CA THR G 252 -12.77 -12.69 -56.51
C THR G 252 -12.61 -11.63 -55.43
N LEU G 253 -13.55 -10.69 -55.35
CA LEU G 253 -13.47 -9.62 -54.38
C LEU G 253 -14.46 -9.72 -53.23
N LEU G 254 -13.97 -9.37 -52.03
CA LEU G 254 -14.78 -9.38 -50.81
C LEU G 254 -14.97 -7.93 -50.40
N GLY G 255 -16.19 -7.55 -50.09
CA GLY G 255 -16.43 -6.19 -49.67
C GLY G 255 -17.84 -5.95 -49.19
N GLN G 256 -18.15 -4.69 -48.95
CA GLN G 256 -19.46 -4.26 -48.48
C GLN G 256 -20.10 -3.38 -49.56
N ILE G 257 -21.30 -3.70 -49.97
CA ILE G 257 -21.96 -2.88 -50.98
C ILE G 257 -22.18 -1.48 -50.44
N GLY G 258 -22.22 -0.51 -51.33
CA GLY G 258 -22.44 0.86 -50.90
C GLY G 258 -22.94 1.67 -52.09
N CYS G 259 -23.34 2.90 -51.83
CA CYS G 259 -23.83 3.80 -52.87
C CYS G 259 -22.80 4.92 -52.95
N ASP G 260 -22.54 5.42 -54.16
CA ASP G 260 -21.59 6.50 -54.32
C ASP G 260 -22.13 7.89 -53.96
N SER G 261 -23.38 7.95 -53.51
CA SER G 261 -23.98 9.23 -53.14
C SER G 261 -24.86 9.07 -51.90
N ASN G 262 -25.48 10.17 -51.46
CA ASN G 262 -26.34 10.12 -50.28
C ASN G 262 -27.75 9.71 -50.67
N GLY G 263 -27.95 9.41 -51.94
CA GLY G 263 -29.28 9.03 -52.41
C GLY G 263 -29.57 7.55 -52.42
N LYS G 264 -30.64 7.19 -53.11
CA LYS G 264 -31.06 5.80 -53.23
C LYS G 264 -30.09 5.06 -54.14
N LEU G 265 -29.85 3.80 -53.81
CA LEU G 265 -28.94 2.97 -54.59
C LEU G 265 -29.63 2.68 -55.93
N ASN G 266 -28.85 2.67 -57.00
CA ASN G 266 -29.40 2.35 -58.34
C ASN G 266 -28.31 1.55 -59.07
N ASN G 267 -28.68 0.86 -60.15
CA ASN G 267 -27.72 0.03 -60.87
C ASN G 267 -26.50 0.75 -61.46
N LYS G 268 -26.36 2.04 -61.18
CA LYS G 268 -25.23 2.80 -61.68
C LYS G 268 -24.38 3.36 -60.55
N SER G 269 -24.91 3.36 -59.34
CA SER G 269 -24.21 3.92 -58.19
C SER G 269 -23.54 2.93 -57.25
N VAL G 270 -23.65 1.64 -57.55
CA VAL G 270 -23.07 0.63 -56.68
C VAL G 270 -21.56 0.74 -56.61
N ILE G 271 -21.03 0.68 -55.39
CA ILE G 271 -19.58 0.71 -55.18
C ILE G 271 -19.33 -0.43 -54.23
N LEU G 272 -18.11 -0.95 -54.21
CA LEU G 272 -17.78 -2.04 -53.32
C LEU G 272 -16.64 -1.57 -52.43
N GLU G 273 -16.88 -1.57 -51.12
CA GLU G 273 -15.88 -1.15 -50.18
C GLU G 273 -15.22 -2.41 -49.61
N GLY G 274 -13.91 -2.50 -49.78
CA GLY G 274 -13.21 -3.68 -49.31
C GLY G 274 -12.90 -3.70 -47.83
N ASP G 275 -12.65 -4.89 -47.30
CA ASP G 275 -12.31 -5.01 -45.90
C ASP G 275 -10.92 -4.40 -45.72
N ARG G 276 -10.50 -4.21 -44.47
CA ARG G 276 -9.19 -3.63 -44.23
C ARG G 276 -8.08 -4.65 -44.49
N GLU G 277 -8.30 -5.86 -44.01
CA GLU G 277 -7.34 -6.94 -44.13
C GLU G 277 -6.81 -7.25 -45.52
N HIS G 278 -7.66 -7.13 -46.54
CA HIS G 278 -7.21 -7.43 -47.88
C HIS G 278 -7.07 -6.21 -48.80
N SER G 279 -7.93 -5.22 -48.65
CA SER G 279 -7.89 -4.06 -49.52
C SER G 279 -7.66 -2.72 -48.84
N SER G 280 -7.30 -2.74 -47.57
CA SER G 280 -7.06 -1.50 -46.83
C SER G 280 -8.25 -0.55 -46.92
N GLY G 281 -9.44 -1.13 -47.02
CA GLY G 281 -10.67 -0.35 -47.07
C GLY G 281 -10.95 0.47 -48.31
N ALA G 282 -10.30 0.15 -49.42
CA ALA G 282 -10.52 0.90 -50.65
C ALA G 282 -11.86 0.62 -51.31
N GLN G 283 -12.35 1.57 -52.12
CA GLN G 283 -13.62 1.43 -52.82
C GLN G 283 -13.39 1.40 -54.33
N ILE G 284 -14.27 0.74 -55.06
CA ILE G 284 -14.19 0.71 -56.53
C ILE G 284 -15.62 0.61 -57.04
N PRO G 285 -15.94 1.32 -58.12
CA PRO G 285 -17.32 1.22 -58.62
C PRO G 285 -17.53 -0.16 -59.20
N VAL G 286 -18.79 -0.61 -59.24
CA VAL G 286 -19.07 -1.91 -59.80
C VAL G 286 -20.04 -1.77 -60.96
N ASP G 287 -19.67 -2.37 -62.09
CA ASP G 287 -20.48 -2.35 -63.29
C ASP G 287 -21.32 -3.62 -63.26
N LEU G 288 -22.65 -3.45 -63.31
CA LEU G 288 -23.57 -4.57 -63.25
C LEU G 288 -24.19 -4.97 -64.59
N SER G 289 -23.77 -4.32 -65.67
CA SER G 289 -24.31 -4.61 -67.00
C SER G 289 -24.20 -6.06 -67.45
N GLU G 290 -23.16 -6.77 -66.99
CA GLU G 290 -22.97 -8.16 -67.39
C GLU G 290 -23.48 -9.13 -66.33
N LEU G 291 -24.13 -8.60 -65.30
CA LEU G 291 -24.66 -9.43 -64.24
C LEU G 291 -26.10 -9.81 -64.51
N LYS G 292 -26.32 -11.09 -64.75
CA LYS G 292 -27.65 -11.61 -65.03
C LYS G 292 -28.58 -11.43 -63.84
N GLU G 293 -28.19 -11.95 -62.67
CA GLU G 293 -29.02 -11.83 -61.49
C GLU G 293 -28.33 -11.18 -60.31
N TYR G 294 -29.10 -10.36 -59.60
CA TYR G 294 -28.57 -9.70 -58.42
C TYR G 294 -29.65 -8.99 -57.60
N SER G 295 -29.40 -8.95 -56.30
CA SER G 295 -30.25 -8.27 -55.33
C SER G 295 -29.18 -7.66 -54.43
N LEU G 296 -29.13 -6.33 -54.40
CA LEU G 296 -28.11 -5.68 -53.59
C LEU G 296 -28.68 -4.56 -52.75
N PHE G 297 -28.01 -4.28 -51.64
CA PHE G 297 -28.44 -3.22 -50.74
C PHE G 297 -27.22 -2.74 -49.98
N PRO G 298 -27.19 -1.46 -49.61
CA PRO G 298 -26.06 -0.87 -48.88
C PRO G 298 -25.79 -1.57 -47.55
N GLY G 299 -24.54 -1.99 -47.35
CA GLY G 299 -24.18 -2.65 -46.11
C GLY G 299 -24.00 -4.14 -46.29
N GLN G 300 -24.50 -4.66 -47.41
CA GLN G 300 -24.42 -6.07 -47.71
C GLN G 300 -23.02 -6.59 -47.96
N VAL G 301 -22.62 -7.58 -47.18
CA VAL G 301 -21.31 -8.18 -47.39
C VAL G 301 -21.47 -9.16 -48.53
N VAL G 302 -20.61 -9.07 -49.54
CA VAL G 302 -20.72 -9.97 -50.68
C VAL G 302 -19.37 -10.40 -51.19
N ILE G 303 -19.38 -11.42 -52.03
CA ILE G 303 -18.19 -11.92 -52.67
C ILE G 303 -18.57 -11.82 -54.14
N MET G 304 -17.83 -11.05 -54.91
CA MET G 304 -18.12 -10.91 -56.32
C MET G 304 -16.95 -11.32 -57.17
N GLU G 305 -17.26 -11.83 -58.35
CA GLU G 305 -16.25 -12.26 -59.29
C GLU G 305 -16.45 -11.43 -60.55
N GLY G 306 -15.33 -11.05 -61.17
CA GLY G 306 -15.42 -10.24 -62.37
C GLY G 306 -14.06 -9.83 -62.89
N ILE G 307 -14.06 -8.86 -63.78
CA ILE G 307 -12.84 -8.36 -64.37
C ILE G 307 -12.58 -6.93 -63.94
N ASN G 308 -11.39 -6.70 -63.43
CA ASN G 308 -10.96 -5.38 -63.00
C ASN G 308 -9.56 -5.24 -63.61
N THR G 309 -9.52 -4.84 -64.87
CA THR G 309 -8.25 -4.71 -65.59
C THR G 309 -7.45 -3.46 -65.26
N THR G 310 -8.13 -2.37 -64.96
CA THR G 310 -7.46 -1.13 -64.64
C THR G 310 -7.33 -0.96 -63.14
N GLY G 311 -8.16 -1.69 -62.39
CA GLY G 311 -8.15 -1.60 -60.94
C GLY G 311 -9.03 -0.46 -60.45
N ARG G 312 -9.85 0.10 -61.33
CA ARG G 312 -10.73 1.19 -60.98
C ARG G 312 -12.20 0.87 -61.17
N LYS G 313 -12.48 -0.37 -61.53
CA LYS G 313 -13.84 -0.77 -61.77
C LYS G 313 -13.92 -2.28 -61.89
N LEU G 314 -14.99 -2.83 -61.35
CA LEU G 314 -15.19 -4.26 -61.42
C LEU G 314 -16.39 -4.51 -62.31
N VAL G 315 -16.18 -5.29 -63.36
CA VAL G 315 -17.26 -5.65 -64.25
C VAL G 315 -17.62 -7.01 -63.65
N ALA G 316 -18.69 -7.01 -62.85
CA ALA G 316 -19.14 -8.21 -62.19
C ALA G 316 -19.73 -9.24 -63.13
N THR G 317 -19.31 -10.49 -62.95
CA THR G 317 -19.80 -11.57 -63.78
C THR G 317 -20.50 -12.59 -62.89
N LYS G 318 -20.22 -12.54 -61.60
CA LYS G 318 -20.83 -13.46 -60.66
C LYS G 318 -20.96 -12.88 -59.27
N LEU G 319 -22.11 -13.07 -58.66
CA LEU G 319 -22.36 -12.60 -57.32
C LEU G 319 -22.74 -13.81 -56.48
N TYR G 320 -21.80 -14.33 -55.69
CA TYR G 320 -22.11 -15.49 -54.87
C TYR G 320 -23.36 -15.25 -54.04
N GLU G 321 -24.08 -16.34 -53.78
CA GLU G 321 -25.31 -16.29 -53.02
C GLU G 321 -25.03 -16.30 -51.53
N GLY G 322 -25.86 -15.60 -50.76
CA GLY G 322 -25.67 -15.56 -49.33
C GLY G 322 -25.83 -16.92 -48.69
N VAL G 323 -25.07 -17.17 -47.64
CA VAL G 323 -25.15 -18.43 -46.94
C VAL G 323 -25.73 -18.20 -45.55
N PRO G 324 -26.83 -18.89 -45.23
CA PRO G 324 -27.47 -18.75 -43.93
C PRO G 324 -26.76 -19.57 -42.86
N LEU G 325 -27.10 -19.32 -41.60
CA LEU G 325 -26.53 -20.06 -40.49
C LEU G 325 -27.36 -21.33 -40.30
N PRO G 326 -26.75 -22.37 -39.70
CA PRO G 326 -27.56 -23.57 -39.50
C PRO G 326 -28.69 -23.30 -38.52
N PHE G 327 -29.73 -24.13 -38.55
CA PHE G 327 -30.84 -23.99 -37.64
C PHE G 327 -30.39 -24.50 -36.28
N TYR G 328 -31.17 -24.21 -35.24
CA TYR G 328 -30.85 -24.70 -33.92
C TYR G 328 -31.06 -26.21 -33.96
N GLN G 329 -30.14 -26.98 -33.39
CA GLN G 329 -30.27 -28.43 -33.36
C GLN G 329 -30.96 -28.74 -32.04
N PRO G 330 -32.19 -29.28 -32.10
CA PRO G 330 -32.90 -29.60 -30.85
C PRO G 330 -32.33 -30.76 -30.07
N THR G 331 -32.41 -30.67 -28.75
CA THR G 331 -31.95 -31.74 -27.88
C THR G 331 -33.17 -32.66 -27.81
N GLU G 332 -33.04 -33.81 -27.16
CA GLU G 332 -34.16 -34.75 -27.08
C GLU G 332 -35.35 -34.22 -26.28
N GLU G 333 -35.06 -33.48 -25.20
CA GLU G 333 -36.10 -32.90 -24.34
C GLU G 333 -37.03 -31.99 -25.12
N ASP G 334 -36.47 -31.23 -26.04
CA ASP G 334 -37.24 -30.28 -26.85
C ASP G 334 -38.35 -30.96 -27.64
N ALA G 335 -38.17 -32.25 -27.94
CA ALA G 335 -39.16 -33.01 -28.69
C ALA G 335 -40.29 -33.45 -27.77
N ASP G 336 -40.07 -33.29 -26.46
CA ASP G 336 -41.04 -33.66 -25.42
C ASP G 336 -42.02 -32.54 -25.08
N PHE G 337 -41.91 -31.40 -25.75
CA PHE G 337 -42.81 -30.28 -25.48
C PHE G 337 -44.16 -30.53 -26.12
N GLU G 338 -45.22 -30.03 -25.49
CA GLU G 338 -46.55 -30.18 -26.03
C GLU G 338 -46.81 -29.00 -26.94
N GLN G 339 -47.95 -29.00 -27.61
CA GLN G 339 -48.28 -27.90 -28.50
C GLN G 339 -48.40 -26.61 -27.68
N SER G 340 -47.95 -25.51 -28.27
CA SER G 340 -48.03 -24.20 -27.63
C SER G 340 -48.62 -23.24 -28.63
N MET G 341 -49.38 -22.26 -28.14
CA MET G 341 -49.98 -21.26 -29.00
C MET G 341 -49.32 -19.95 -28.60
N VAL G 342 -48.80 -19.22 -29.58
CA VAL G 342 -48.13 -17.95 -29.31
C VAL G 342 -48.84 -16.79 -30.00
N LEU G 343 -49.17 -15.75 -29.25
CA LEU G 343 -49.82 -14.60 -29.85
C LEU G 343 -48.76 -13.52 -30.00
N VAL G 344 -48.83 -12.77 -31.09
CA VAL G 344 -47.86 -11.72 -31.38
C VAL G 344 -48.58 -10.44 -31.78
N ALA G 345 -48.10 -9.31 -31.28
CA ALA G 345 -48.71 -8.03 -31.61
C ALA G 345 -47.70 -6.89 -31.48
N CYS G 346 -47.89 -5.85 -32.28
CA CYS G 346 -46.98 -4.71 -32.29
C CYS G 346 -47.75 -3.40 -32.24
N GLY G 347 -47.18 -2.41 -31.56
CA GLY G 347 -47.83 -1.12 -31.45
C GLY G 347 -47.72 -0.31 -32.72
N PRO G 348 -48.32 0.90 -32.79
CA PRO G 348 -49.10 1.58 -31.75
C PRO G 348 -50.30 0.78 -31.25
N TYR G 349 -50.74 1.12 -30.04
CA TYR G 349 -51.86 0.45 -29.40
C TYR G 349 -53.03 1.40 -29.16
N THR G 350 -52.93 2.59 -29.74
CA THR G 350 -54.00 3.58 -29.64
C THR G 350 -54.11 4.24 -31.01
N THR G 351 -55.31 4.66 -31.38
CA THR G 351 -55.48 5.31 -32.67
C THR G 351 -54.74 6.65 -32.64
N SER G 352 -54.36 7.14 -33.81
CA SER G 352 -53.61 8.38 -33.95
C SER G 352 -54.30 9.64 -33.44
N ASP G 353 -55.60 9.55 -33.21
CA ASP G 353 -56.36 10.70 -32.75
C ASP G 353 -56.76 10.64 -31.28
N SER G 354 -56.52 9.51 -30.63
CA SER G 354 -56.90 9.37 -29.22
C SER G 354 -55.80 8.80 -28.35
N ILE G 355 -56.06 8.79 -27.06
CA ILE G 355 -55.12 8.25 -26.09
C ILE G 355 -55.95 7.33 -25.22
N THR G 356 -56.97 6.74 -25.82
CA THR G 356 -57.88 5.85 -25.11
C THR G 356 -57.43 4.40 -25.15
N TYR G 357 -56.42 4.11 -25.95
CA TYR G 357 -55.91 2.75 -26.07
C TYR G 357 -56.99 1.68 -26.22
N ASP G 358 -58.04 2.03 -26.95
CA ASP G 358 -59.13 1.09 -27.18
C ASP G 358 -58.61 -0.21 -27.82
N PRO G 359 -57.72 -0.10 -28.81
CA PRO G 359 -57.22 -1.33 -29.45
C PRO G 359 -56.50 -2.23 -28.44
N LEU G 360 -55.77 -1.63 -27.51
CA LEU G 360 -55.04 -2.38 -26.49
C LEU G 360 -56.02 -3.15 -25.62
N LEU G 361 -57.10 -2.50 -25.21
CA LEU G 361 -58.11 -3.13 -24.39
C LEU G 361 -58.74 -4.31 -25.17
N ASP G 362 -58.94 -4.13 -26.48
CA ASP G 362 -59.50 -5.21 -27.28
C ASP G 362 -58.53 -6.37 -27.36
N LEU G 363 -57.24 -6.06 -27.49
CA LEU G 363 -56.24 -7.13 -27.58
C LEU G 363 -56.17 -7.88 -26.26
N ILE G 364 -56.42 -7.17 -25.17
CA ILE G 364 -56.39 -7.80 -23.86
C ILE G 364 -57.56 -8.79 -23.76
N ALA G 365 -58.72 -8.39 -24.27
CA ALA G 365 -59.88 -9.27 -24.27
C ALA G 365 -59.56 -10.53 -25.04
N VAL G 366 -58.88 -10.36 -26.17
CA VAL G 366 -58.50 -11.50 -27.01
C VAL G 366 -57.59 -12.44 -26.24
N ILE G 367 -56.59 -11.90 -25.56
CA ILE G 367 -55.67 -12.76 -24.83
C ILE G 367 -56.39 -13.58 -23.77
N ASN G 368 -57.32 -12.96 -23.05
CA ASN G 368 -58.08 -13.67 -22.02
C ASN G 368 -58.99 -14.75 -22.59
N HIS G 369 -59.58 -14.48 -23.76
CA HIS G 369 -60.46 -15.45 -24.39
C HIS G 369 -59.71 -16.65 -24.98
N ASP G 370 -58.69 -16.37 -25.79
CA ASP G 370 -57.91 -17.42 -26.44
C ASP G 370 -56.89 -18.07 -25.50
N ARG G 371 -56.58 -17.35 -24.42
CA ARG G 371 -55.64 -17.82 -23.42
C ARG G 371 -54.39 -18.49 -24.02
N PRO G 372 -53.63 -17.73 -24.83
CA PRO G 372 -52.41 -18.27 -25.44
C PRO G 372 -51.33 -18.53 -24.40
N ASP G 373 -50.39 -19.41 -24.71
CA ASP G 373 -49.32 -19.71 -23.77
C ASP G 373 -48.36 -18.54 -23.59
N VAL G 374 -48.03 -17.89 -24.70
CA VAL G 374 -47.13 -16.75 -24.66
C VAL G 374 -47.64 -15.60 -25.52
N CYS G 375 -47.41 -14.37 -25.06
CA CYS G 375 -47.79 -13.18 -25.80
C CYS G 375 -46.52 -12.36 -25.96
N ILE G 376 -46.16 -12.07 -27.20
CA ILE G 376 -44.99 -11.24 -27.44
C ILE G 376 -45.53 -9.90 -27.90
N LEU G 377 -45.37 -8.88 -27.07
CA LEU G 377 -45.86 -7.55 -27.40
C LEU G 377 -44.72 -6.58 -27.73
N PHE G 378 -44.72 -6.09 -28.96
CA PHE G 378 -43.70 -5.14 -29.42
C PHE G 378 -44.17 -3.72 -29.23
N GLY G 379 -43.24 -2.81 -28.94
CA GLY G 379 -43.59 -1.41 -28.77
C GLY G 379 -43.77 -0.77 -30.12
N PRO G 380 -44.08 0.54 -30.19
CA PRO G 380 -44.24 1.49 -29.09
C PRO G 380 -45.50 1.35 -28.24
N PHE G 381 -45.36 1.61 -26.96
CA PHE G 381 -46.49 1.56 -26.05
C PHE G 381 -46.87 3.02 -25.84
N LEU G 382 -45.86 3.88 -25.77
CA LEU G 382 -46.07 5.31 -25.65
C LEU G 382 -45.24 5.83 -26.81
N ASP G 383 -45.87 5.87 -27.99
CA ASP G 383 -45.27 6.29 -29.25
C ASP G 383 -44.77 7.73 -29.32
N ALA G 384 -43.49 7.89 -29.63
CA ALA G 384 -42.86 9.20 -29.73
C ALA G 384 -43.41 10.00 -30.89
N LYS G 385 -44.04 9.32 -31.84
CA LYS G 385 -44.57 9.99 -33.00
C LYS G 385 -46.04 10.30 -32.91
N HIS G 386 -46.66 9.92 -31.80
CA HIS G 386 -48.07 10.21 -31.60
C HIS G 386 -48.21 11.71 -31.46
N GLU G 387 -49.18 12.30 -32.17
CA GLU G 387 -49.38 13.75 -32.12
C GLU G 387 -49.38 14.34 -30.71
N GLN G 388 -50.04 13.67 -29.77
CA GLN G 388 -50.11 14.18 -28.41
C GLN G 388 -48.85 13.97 -27.58
N VAL G 389 -47.97 13.07 -28.01
CA VAL G 389 -46.72 12.85 -27.30
C VAL G 389 -45.67 13.85 -27.77
N GLU G 390 -45.65 14.06 -29.08
CA GLU G 390 -44.69 14.99 -29.68
C GLU G 390 -44.89 16.42 -29.22
N ASN G 391 -46.15 16.84 -29.12
CA ASN G 391 -46.45 18.22 -28.73
C ASN G 391 -46.44 18.45 -27.25
N CYS G 392 -46.06 17.42 -26.49
CA CYS G 392 -46.00 17.52 -25.04
C CYS G 392 -47.25 18.19 -24.47
N LEU G 393 -48.40 17.65 -24.87
CA LEU G 393 -49.70 18.14 -24.42
C LEU G 393 -50.21 17.28 -23.27
N LEU G 394 -49.61 16.11 -23.10
CA LEU G 394 -50.00 15.21 -22.02
C LEU G 394 -49.79 15.92 -20.69
N THR G 395 -50.47 15.44 -19.66
CA THR G 395 -50.36 16.06 -18.35
C THR G 395 -49.77 15.11 -17.30
N SER G 396 -49.02 14.12 -17.77
CA SER G 396 -48.38 13.17 -16.87
C SER G 396 -47.02 12.82 -17.45
N PRO G 397 -46.05 12.47 -16.59
CA PRO G 397 -44.73 12.13 -17.12
C PRO G 397 -44.85 10.98 -18.10
N PHE G 398 -43.93 10.90 -19.05
CA PHE G 398 -43.98 9.82 -20.02
C PHE G 398 -43.82 8.49 -19.30
N GLU G 399 -42.84 8.43 -18.40
CA GLU G 399 -42.56 7.21 -17.66
C GLU G 399 -43.77 6.66 -16.94
N ASP G 400 -44.60 7.57 -16.42
CA ASP G 400 -45.79 7.18 -15.68
C ASP G 400 -46.85 6.62 -16.62
N ILE G 401 -47.05 7.28 -17.75
CA ILE G 401 -48.03 6.80 -18.71
C ILE G 401 -47.58 5.42 -19.19
N PHE G 402 -46.28 5.27 -19.41
CA PHE G 402 -45.75 3.99 -19.86
C PHE G 402 -46.09 2.89 -18.84
N LYS G 403 -45.77 3.13 -17.57
CA LYS G 403 -46.03 2.14 -16.53
C LYS G 403 -47.50 1.74 -16.44
N GLN G 404 -48.38 2.72 -16.66
CA GLN G 404 -49.83 2.48 -16.63
C GLN G 404 -50.23 1.51 -17.73
N CYS G 405 -49.67 1.73 -18.91
CA CYS G 405 -49.95 0.88 -20.06
C CYS G 405 -49.54 -0.54 -19.71
N LEU G 406 -48.34 -0.68 -19.18
CA LEU G 406 -47.83 -1.99 -18.80
C LEU G 406 -48.68 -2.63 -17.71
N ARG G 407 -49.14 -1.81 -16.75
CA ARG G 407 -49.97 -2.29 -15.65
C ARG G 407 -51.28 -2.85 -16.20
N THR G 408 -51.93 -2.07 -17.05
CA THR G 408 -53.18 -2.48 -17.66
C THR G 408 -53.06 -3.85 -18.31
N ILE G 409 -52.00 -4.07 -19.06
CA ILE G 409 -51.78 -5.34 -19.73
C ILE G 409 -51.45 -6.47 -18.74
N ILE G 410 -50.54 -6.21 -17.82
CA ILE G 410 -50.15 -7.24 -16.86
C ILE G 410 -51.30 -7.66 -15.96
N GLU G 411 -52.04 -6.67 -15.48
CA GLU G 411 -53.18 -6.91 -14.62
C GLU G 411 -54.34 -7.48 -15.43
N GLY G 412 -54.74 -6.74 -16.46
CA GLY G 412 -55.85 -7.18 -17.29
C GLY G 412 -55.77 -8.59 -17.85
N THR G 413 -54.59 -9.18 -17.82
CA THR G 413 -54.44 -10.52 -18.38
C THR G 413 -53.95 -11.54 -17.35
N ARG G 414 -54.10 -11.20 -16.07
CA ARG G 414 -53.66 -12.08 -15.01
C ARG G 414 -54.34 -13.45 -15.08
N SER G 415 -55.66 -13.42 -15.28
CA SER G 415 -56.47 -14.63 -15.34
C SER G 415 -56.20 -15.59 -16.50
N SER G 416 -55.64 -15.08 -17.60
CA SER G 416 -55.37 -15.92 -18.77
C SER G 416 -54.22 -16.91 -18.58
N GLY G 417 -53.33 -16.60 -17.67
CA GLY G 417 -52.20 -17.48 -17.44
C GLY G 417 -51.16 -17.42 -18.54
N SER G 418 -51.26 -16.41 -19.41
CA SER G 418 -50.30 -16.28 -20.50
C SER G 418 -49.04 -15.55 -20.04
N HIS G 419 -47.89 -16.01 -20.54
CA HIS G 419 -46.61 -15.38 -20.22
C HIS G 419 -46.42 -14.22 -21.18
N LEU G 420 -46.26 -13.02 -20.65
CA LEU G 420 -46.07 -11.85 -21.46
C LEU G 420 -44.59 -11.56 -21.72
N VAL G 421 -44.25 -11.29 -22.96
CA VAL G 421 -42.88 -10.95 -23.32
C VAL G 421 -42.93 -9.57 -24.01
N PHE G 422 -42.37 -8.58 -23.34
CA PHE G 422 -42.34 -7.21 -23.83
C PHE G 422 -41.06 -6.88 -24.58
N VAL G 423 -41.19 -6.39 -25.82
CA VAL G 423 -40.04 -6.02 -26.64
C VAL G 423 -40.12 -4.52 -26.88
N PRO G 424 -39.05 -3.79 -26.54
CA PRO G 424 -39.01 -2.33 -26.72
C PRO G 424 -38.90 -1.89 -28.16
N SER G 425 -39.21 -0.62 -28.41
CA SER G 425 -39.11 -0.06 -29.74
C SER G 425 -38.35 1.25 -29.65
N LEU G 426 -37.73 1.65 -30.76
CA LEU G 426 -36.99 2.89 -30.79
C LEU G 426 -37.96 4.06 -30.75
N ARG G 427 -39.26 3.75 -30.79
CA ARG G 427 -40.26 4.80 -30.75
C ARG G 427 -40.86 4.96 -29.38
N ASP G 428 -40.46 4.12 -28.43
CA ASP G 428 -40.97 4.23 -27.07
C ASP G 428 -40.29 5.44 -26.45
N VAL G 429 -40.99 6.56 -26.48
CA VAL G 429 -40.46 7.82 -25.99
C VAL G 429 -39.72 7.87 -24.65
N HIS G 430 -40.18 7.11 -23.67
CA HIS G 430 -39.56 7.13 -22.34
C HIS G 430 -38.30 6.28 -22.23
N HIS G 431 -38.04 5.48 -23.24
CA HIS G 431 -36.93 4.55 -23.24
C HIS G 431 -35.71 4.97 -24.08
N GLU G 432 -34.56 4.40 -23.73
CA GLU G 432 -33.28 4.63 -24.41
C GLU G 432 -33.53 4.66 -25.92
N PRO G 433 -33.11 5.73 -26.59
CA PRO G 433 -33.37 5.80 -28.04
C PRO G 433 -32.36 5.16 -29.00
N VAL G 434 -31.29 4.59 -28.48
CA VAL G 434 -30.29 3.98 -29.35
C VAL G 434 -30.43 2.47 -29.44
N TYR G 435 -30.17 1.94 -30.63
CA TYR G 435 -30.25 0.53 -30.93
C TYR G 435 -28.86 -0.08 -30.85
N PRO G 436 -28.73 -1.30 -30.31
CA PRO G 436 -29.78 -2.17 -29.78
C PRO G 436 -30.24 -1.62 -28.44
N GLN G 437 -31.50 -1.86 -28.08
CA GLN G 437 -32.06 -1.37 -26.83
C GLN G 437 -32.12 -2.42 -25.75
N PRO G 438 -31.88 -2.01 -24.49
CA PRO G 438 -31.93 -2.94 -23.37
C PRO G 438 -33.40 -3.08 -22.96
N PRO G 439 -33.72 -4.06 -22.09
CA PRO G 439 -35.09 -4.30 -21.62
C PRO G 439 -35.68 -3.10 -20.90
N PHE G 440 -37.00 -3.02 -20.89
CA PHE G 440 -37.70 -1.97 -20.18
C PHE G 440 -37.41 -2.18 -18.70
N SER G 441 -37.65 -1.15 -17.90
CA SER G 441 -37.48 -1.27 -16.47
C SER G 441 -38.85 -1.11 -15.84
N TYR G 442 -39.30 -2.17 -15.15
CA TYR G 442 -40.60 -2.19 -14.50
C TYR G 442 -40.45 -3.04 -13.26
N SER G 443 -40.57 -2.43 -12.09
CA SER G 443 -40.42 -3.17 -10.85
C SER G 443 -41.74 -3.44 -10.13
N ASP G 444 -42.77 -2.68 -10.50
CA ASP G 444 -44.08 -2.81 -9.86
C ASP G 444 -44.74 -4.16 -10.20
N LEU G 445 -44.19 -5.23 -9.65
CA LEU G 445 -44.71 -6.56 -9.92
C LEU G 445 -44.85 -7.42 -8.67
N SER G 446 -45.97 -8.12 -8.54
CA SER G 446 -46.19 -9.02 -7.42
C SER G 446 -45.19 -10.15 -7.66
N ARG G 447 -45.15 -11.14 -6.80
CA ARG G 447 -44.21 -12.23 -7.01
C ARG G 447 -44.82 -13.21 -8.00
N GLU G 448 -46.14 -13.10 -8.16
CA GLU G 448 -46.87 -13.96 -9.09
C GLU G 448 -46.62 -13.40 -10.50
N ASP G 449 -46.90 -12.10 -10.67
CA ASP G 449 -46.71 -11.45 -11.95
C ASP G 449 -45.30 -11.71 -12.48
N LYS G 450 -44.32 -11.69 -11.58
CA LYS G 450 -42.94 -11.92 -11.97
C LYS G 450 -42.71 -13.26 -12.69
N LYS G 451 -43.58 -14.23 -12.45
CA LYS G 451 -43.45 -15.53 -13.10
C LYS G 451 -44.22 -15.49 -14.41
N GLN G 452 -44.97 -14.41 -14.62
CA GLN G 452 -45.80 -14.26 -15.81
C GLN G 452 -45.30 -13.18 -16.77
N VAL G 453 -44.38 -12.34 -16.32
CA VAL G 453 -43.88 -11.26 -17.15
C VAL G 453 -42.37 -11.31 -17.43
N GLN G 454 -42.02 -11.00 -18.67
CA GLN G 454 -40.62 -11.00 -19.07
C GLN G 454 -40.31 -9.76 -19.92
N PHE G 455 -39.19 -9.12 -19.62
CA PHE G 455 -38.76 -7.94 -20.37
C PHE G 455 -37.48 -8.31 -21.10
N VAL G 456 -37.54 -8.34 -22.41
CA VAL G 456 -36.38 -8.68 -23.21
C VAL G 456 -35.89 -7.44 -23.93
N SER G 457 -34.76 -7.57 -24.60
CA SER G 457 -34.15 -6.47 -25.34
C SER G 457 -34.70 -6.39 -26.75
N GLU G 458 -34.16 -5.45 -27.51
CA GLU G 458 -34.54 -5.27 -28.90
C GLU G 458 -33.23 -5.08 -29.65
N PRO G 459 -32.85 -6.04 -30.52
CA PRO G 459 -33.52 -7.28 -30.89
C PRO G 459 -33.34 -8.37 -29.83
N CYS G 460 -34.00 -9.50 -30.05
CA CYS G 460 -33.94 -10.59 -29.11
C CYS G 460 -34.17 -11.93 -29.81
N SER G 461 -33.35 -12.91 -29.44
CA SER G 461 -33.47 -14.27 -29.97
C SER G 461 -34.02 -15.00 -28.77
N LEU G 462 -35.26 -15.47 -28.87
CA LEU G 462 -35.92 -16.14 -27.78
C LEU G 462 -36.28 -17.60 -28.08
N SER G 463 -36.05 -18.49 -27.11
CA SER G 463 -36.40 -19.89 -27.28
C SER G 463 -37.70 -20.14 -26.52
N ILE G 464 -38.71 -20.58 -27.25
CA ILE G 464 -40.01 -20.86 -26.66
C ILE G 464 -40.28 -22.34 -26.86
N ASN G 465 -40.21 -23.11 -25.77
CA ASN G 465 -40.47 -24.55 -25.88
C ASN G 465 -39.55 -25.18 -26.91
N GLY G 466 -38.29 -24.75 -26.94
CA GLY G 466 -37.35 -25.32 -27.89
C GLY G 466 -37.34 -24.70 -29.27
N VAL G 467 -38.37 -23.90 -29.58
CA VAL G 467 -38.45 -23.23 -30.87
C VAL G 467 -37.76 -21.86 -30.77
N ILE G 468 -36.85 -21.59 -31.71
CA ILE G 468 -36.14 -20.32 -31.71
C ILE G 468 -36.89 -19.21 -32.43
N PHE G 469 -37.11 -18.11 -31.74
CA PHE G 469 -37.80 -16.96 -32.30
C PHE G 469 -36.85 -15.79 -32.45
N GLY G 470 -36.84 -15.19 -33.64
CA GLY G 470 -36.03 -14.02 -33.86
C GLY G 470 -37.05 -12.90 -33.69
N LEU G 471 -36.75 -11.94 -32.81
CA LEU G 471 -37.70 -10.86 -32.57
C LEU G 471 -37.08 -9.48 -32.74
N THR G 472 -37.75 -8.62 -33.50
CA THR G 472 -37.28 -7.25 -33.67
C THR G 472 -38.47 -6.34 -33.94
N SER G 473 -38.48 -5.20 -33.28
CA SER G 473 -39.58 -4.25 -33.42
C SER G 473 -39.23 -3.18 -34.44
N THR G 474 -37.96 -3.15 -34.84
CA THR G 474 -37.48 -2.16 -35.81
C THR G 474 -37.93 -2.53 -37.22
N ASP G 475 -38.40 -1.54 -37.96
CA ASP G 475 -38.90 -1.80 -39.31
C ASP G 475 -37.80 -2.04 -40.34
N LEU G 476 -37.05 -3.11 -40.16
CA LEU G 476 -35.96 -3.46 -41.05
C LEU G 476 -36.43 -3.70 -42.49
N LEU G 477 -37.58 -4.35 -42.65
CA LEU G 477 -38.10 -4.64 -43.98
C LEU G 477 -38.34 -3.36 -44.78
N PHE G 478 -39.04 -2.42 -44.16
CA PHE G 478 -39.37 -1.16 -44.81
C PHE G 478 -38.12 -0.35 -45.12
N HIS G 479 -37.12 -0.46 -44.25
CA HIS G 479 -35.87 0.28 -44.44
C HIS G 479 -35.02 -0.34 -45.53
N LEU G 480 -34.89 -1.66 -45.48
CA LEU G 480 -34.09 -2.40 -46.43
C LEU G 480 -34.78 -2.42 -47.79
N GLY G 481 -36.10 -2.52 -47.77
CA GLY G 481 -36.84 -2.56 -49.02
C GLY G 481 -36.73 -1.27 -49.81
N ALA G 482 -36.58 -0.16 -49.09
CA ALA G 482 -36.48 1.13 -49.74
C ALA G 482 -35.12 1.38 -50.36
N GLU G 483 -34.15 0.53 -50.04
CA GLU G 483 -32.79 0.72 -50.54
C GLU G 483 -32.24 -0.42 -51.40
N GLU G 484 -33.03 -1.45 -51.61
CA GLU G 484 -32.56 -2.59 -52.38
C GLU G 484 -32.82 -2.44 -53.88
N ILE G 485 -31.89 -2.96 -54.68
CA ILE G 485 -32.02 -2.93 -56.14
C ILE G 485 -31.96 -4.37 -56.60
N SER G 486 -32.80 -4.71 -57.58
CA SER G 486 -32.86 -6.06 -58.10
C SER G 486 -32.77 -6.15 -59.63
N SER G 487 -32.23 -7.26 -60.12
CA SER G 487 -32.09 -7.51 -61.54
C SER G 487 -33.46 -7.87 -62.14
N SER G 488 -34.41 -8.20 -61.27
CA SER G 488 -35.77 -8.55 -61.70
C SER G 488 -36.70 -7.35 -61.53
N THR G 491 -42.19 -12.43 -61.40
CA THR G 491 -40.75 -12.59 -61.56
C THR G 491 -40.07 -12.82 -60.21
N SER G 492 -40.40 -11.98 -59.23
CA SER G 492 -39.79 -12.09 -57.91
C SER G 492 -40.63 -11.45 -56.81
N ASP G 493 -40.68 -12.15 -55.67
CA ASP G 493 -41.39 -11.67 -54.50
C ASP G 493 -40.39 -10.79 -53.74
N ARG G 494 -40.66 -9.49 -53.73
CA ARG G 494 -39.78 -8.54 -53.07
C ARG G 494 -39.43 -8.90 -51.62
N PHE G 495 -40.45 -9.13 -50.82
CA PHE G 495 -40.24 -9.46 -49.41
C PHE G 495 -39.41 -10.70 -49.18
N SER G 496 -39.60 -11.72 -50.01
CA SER G 496 -38.82 -12.95 -49.86
C SER G 496 -37.35 -12.63 -50.09
N ARG G 497 -37.08 -11.67 -50.97
CA ARG G 497 -35.72 -11.26 -51.27
C ARG G 497 -35.09 -10.58 -50.05
N ILE G 498 -35.85 -9.67 -49.45
CA ILE G 498 -35.39 -8.93 -48.28
C ILE G 498 -35.24 -9.84 -47.07
N LEU G 499 -36.16 -10.77 -46.90
CA LEU G 499 -36.08 -11.70 -45.77
C LEU G 499 -34.87 -12.62 -45.96
N LYS G 500 -34.55 -12.93 -47.22
CA LYS G 500 -33.42 -13.79 -47.52
C LYS G 500 -32.13 -13.07 -47.13
N HIS G 501 -32.11 -11.74 -47.31
CA HIS G 501 -30.94 -10.95 -46.97
C HIS G 501 -30.70 -10.92 -45.48
N ILE G 502 -31.78 -10.87 -44.70
CA ILE G 502 -31.66 -10.84 -43.27
C ILE G 502 -31.10 -12.15 -42.77
N LEU G 503 -31.56 -13.24 -43.38
CA LEU G 503 -31.11 -14.57 -42.98
C LEU G 503 -29.72 -14.92 -43.48
N THR G 504 -29.22 -14.20 -44.48
CA THR G 504 -27.89 -14.49 -45.00
C THR G 504 -26.81 -13.50 -44.56
N GLN G 505 -27.23 -12.36 -44.00
CA GLN G 505 -26.29 -11.38 -43.50
C GLN G 505 -26.03 -11.56 -42.01
N ARG G 506 -26.78 -12.46 -41.39
CA ARG G 506 -26.61 -12.78 -39.98
C ARG G 506 -26.73 -11.64 -38.98
N SER G 507 -27.51 -10.62 -39.33
CA SER G 507 -27.69 -9.47 -38.45
C SER G 507 -29.16 -9.10 -38.43
N TYR G 508 -29.60 -8.46 -37.35
CA TYR G 508 -30.99 -8.05 -37.22
C TYR G 508 -31.22 -6.72 -37.91
N TYR G 509 -30.13 -6.13 -38.37
CA TYR G 509 -30.19 -4.85 -39.09
C TYR G 509 -28.92 -4.69 -39.92
N PRO G 510 -28.87 -5.36 -41.09
CA PRO G 510 -27.73 -5.32 -42.01
C PRO G 510 -27.59 -4.04 -42.84
N LEU G 511 -28.65 -3.26 -42.94
CA LEU G 511 -28.60 -2.02 -43.71
C LEU G 511 -27.60 -1.04 -43.13
N TYR G 512 -26.69 -0.56 -43.99
CA TYR G 512 -25.68 0.40 -43.57
C TYR G 512 -25.29 1.33 -44.72
N PRO G 513 -25.40 2.65 -44.51
CA PRO G 513 -25.86 3.26 -43.26
C PRO G 513 -27.31 2.91 -42.99
N PRO G 514 -27.76 3.06 -41.74
CA PRO G 514 -29.14 2.73 -41.39
C PRO G 514 -30.08 3.83 -41.88
N GLN G 515 -31.38 3.59 -41.82
CA GLN G 515 -32.32 4.62 -42.24
C GLN G 515 -31.96 5.87 -41.44
N GLU G 516 -32.14 7.03 -42.02
CA GLU G 516 -31.76 8.26 -41.34
C GLU G 516 -32.60 8.71 -40.15
N ASP G 517 -32.35 8.14 -38.99
CA ASP G 517 -33.04 8.53 -37.75
C ASP G 517 -33.04 7.34 -36.85
N MET G 518 -32.37 6.31 -37.34
CA MET G 518 -32.21 5.10 -36.59
C MET G 518 -30.84 5.29 -35.99
N ALA G 519 -30.77 5.36 -34.67
CA ALA G 519 -29.49 5.54 -34.01
C ALA G 519 -28.91 4.20 -33.66
N ILE G 520 -27.71 3.91 -34.14
CA ILE G 520 -27.09 2.63 -33.81
C ILE G 520 -25.73 2.73 -33.16
N ASP G 521 -25.61 2.16 -31.97
CA ASP G 521 -24.32 2.13 -31.29
C ASP G 521 -23.72 0.86 -31.87
N TYR G 522 -22.79 1.03 -32.79
CA TYR G 522 -22.20 -0.12 -33.45
C TYR G 522 -21.39 -1.10 -32.61
N GLU G 523 -20.81 -0.64 -31.52
CA GLU G 523 -20.05 -1.57 -30.69
C GLU G 523 -21.03 -2.49 -29.98
N SER G 524 -22.19 -1.97 -29.61
CA SER G 524 -23.21 -2.76 -28.93
C SER G 524 -23.85 -3.69 -29.96
N PHE G 525 -24.08 -3.11 -31.15
CA PHE G 525 -24.67 -3.82 -32.26
C PHE G 525 -23.89 -5.10 -32.53
N TYR G 526 -22.58 -4.94 -32.56
CA TYR G 526 -21.67 -6.05 -32.82
C TYR G 526 -21.87 -7.20 -31.84
N VAL G 527 -22.12 -6.84 -30.59
CA VAL G 527 -22.28 -7.82 -29.53
C VAL G 527 -23.68 -8.35 -29.31
N TYR G 528 -24.68 -7.48 -29.50
CA TYR G 528 -26.06 -7.88 -29.23
C TYR G 528 -27.07 -7.97 -30.37
N ALA G 529 -26.69 -7.59 -31.59
CA ALA G 529 -27.67 -7.64 -32.67
C ALA G 529 -27.40 -8.65 -33.77
N GLN G 530 -26.57 -9.64 -33.47
CA GLN G 530 -26.26 -10.66 -34.46
C GLN G 530 -27.23 -11.83 -34.31
N LEU G 531 -27.43 -12.61 -35.37
CA LEU G 531 -28.30 -13.78 -35.27
C LEU G 531 -27.45 -14.98 -34.80
N PRO G 532 -27.88 -15.67 -33.75
CA PRO G 532 -27.13 -16.83 -33.24
C PRO G 532 -27.23 -18.05 -34.14
N VAL G 533 -28.38 -18.16 -34.81
CA VAL G 533 -28.68 -19.27 -35.72
C VAL G 533 -29.78 -18.79 -36.62
N THR G 534 -30.13 -19.56 -37.65
CA THR G 534 -31.26 -19.16 -38.49
C THR G 534 -32.46 -19.53 -37.64
N PRO G 535 -33.25 -18.55 -37.22
CA PRO G 535 -34.42 -18.85 -36.40
C PRO G 535 -35.46 -19.72 -37.08
N ASP G 536 -36.29 -20.38 -36.28
CA ASP G 536 -37.37 -21.24 -36.78
C ASP G 536 -38.50 -20.31 -37.15
N VAL G 537 -38.65 -19.25 -36.35
CA VAL G 537 -39.67 -18.25 -36.60
C VAL G 537 -39.03 -16.88 -36.44
N LEU G 538 -39.39 -15.98 -37.36
CA LEU G 538 -38.86 -14.63 -37.34
C LEU G 538 -40.05 -13.70 -37.27
N ILE G 539 -40.13 -12.89 -36.22
CA ILE G 539 -41.24 -11.94 -36.09
C ILE G 539 -40.73 -10.55 -36.44
N ILE G 540 -41.04 -10.08 -37.63
CA ILE G 540 -40.60 -8.76 -38.08
C ILE G 540 -41.80 -7.86 -38.39
N PRO G 541 -42.47 -7.33 -37.37
CA PRO G 541 -43.61 -6.45 -37.64
C PRO G 541 -43.16 -5.24 -38.45
N SER G 542 -43.94 -4.87 -39.45
CA SER G 542 -43.57 -3.74 -40.30
C SER G 542 -44.76 -2.85 -40.67
N GLU G 543 -44.48 -1.74 -41.34
CA GLU G 543 -45.54 -0.83 -41.81
C GLU G 543 -46.12 -1.43 -43.07
N LEU G 544 -45.35 -2.33 -43.67
CA LEU G 544 -45.76 -3.01 -44.88
C LEU G 544 -46.89 -3.96 -44.54
N ARG G 545 -47.59 -4.41 -45.57
CA ARG G 545 -48.71 -5.32 -45.39
C ARG G 545 -48.29 -6.60 -44.68
N TYR G 546 -49.15 -7.03 -43.77
CA TYR G 546 -48.93 -8.25 -43.01
C TYR G 546 -48.68 -9.41 -43.96
N PHE G 547 -48.05 -10.47 -43.45
CA PHE G 547 -47.77 -11.63 -44.29
C PHE G 547 -47.12 -12.73 -43.47
N VAL G 548 -47.05 -13.92 -44.06
CA VAL G 548 -46.40 -15.05 -43.44
C VAL G 548 -45.75 -15.79 -44.59
N LYS G 549 -44.42 -15.78 -44.63
CA LYS G 549 -43.69 -16.44 -45.71
C LYS G 549 -42.68 -17.40 -45.16
N ASP G 550 -42.46 -18.49 -45.88
CA ASP G 550 -41.46 -19.44 -45.48
C ASP G 550 -40.25 -19.10 -46.35
N VAL G 551 -39.18 -18.67 -45.71
CA VAL G 551 -37.96 -18.32 -46.43
C VAL G 551 -36.79 -19.12 -45.88
N LEU G 552 -36.18 -19.93 -46.74
CA LEU G 552 -35.05 -20.77 -46.34
C LEU G 552 -35.34 -21.62 -45.12
N GLY G 553 -36.58 -22.09 -44.99
CA GLY G 553 -36.93 -22.94 -43.87
C GLY G 553 -37.32 -22.21 -42.60
N CYS G 554 -37.45 -20.89 -42.70
CA CYS G 554 -37.83 -20.09 -41.56
C CYS G 554 -39.18 -19.46 -41.82
N VAL G 555 -40.12 -19.60 -40.89
CA VAL G 555 -41.43 -19.00 -41.06
C VAL G 555 -41.33 -17.54 -40.61
N CYS G 556 -41.42 -16.63 -41.57
CA CYS G 556 -41.31 -15.22 -41.28
C CYS G 556 -42.68 -14.60 -41.19
N VAL G 557 -42.97 -14.02 -40.03
CA VAL G 557 -44.26 -13.41 -39.77
C VAL G 557 -44.21 -11.91 -39.58
N ASN G 558 -45.01 -11.19 -40.36
CA ASN G 558 -45.11 -9.75 -40.20
C ASN G 558 -46.57 -9.61 -39.82
N PRO G 559 -46.85 -9.56 -38.51
CA PRO G 559 -48.22 -9.43 -38.02
C PRO G 559 -48.82 -8.07 -38.28
N GLY G 560 -48.01 -7.16 -38.82
CA GLY G 560 -48.50 -5.82 -39.06
C GLY G 560 -48.68 -5.13 -37.72
N ARG G 561 -49.16 -3.89 -37.76
CA ARG G 561 -49.39 -3.11 -36.53
C ARG G 561 -50.81 -3.39 -36.02
N LEU G 562 -51.02 -3.20 -34.73
CA LEU G 562 -52.33 -3.42 -34.14
C LEU G 562 -53.23 -2.25 -34.49
N THR G 563 -52.61 -1.11 -34.77
CA THR G 563 -53.33 0.09 -35.13
C THR G 563 -52.63 0.79 -36.28
N LYS G 564 -53.41 1.22 -37.27
CA LYS G 564 -52.86 1.96 -38.40
C LYS G 564 -53.66 3.24 -38.54
N GLY G 565 -53.13 4.34 -38.04
CA GLY G 565 -53.82 5.61 -38.13
C GLY G 565 -55.01 5.68 -37.21
N GLN G 566 -56.21 5.69 -37.79
CA GLN G 566 -57.43 5.76 -37.00
C GLN G 566 -58.20 4.47 -37.21
N VAL G 567 -57.58 3.55 -37.94
CA VAL G 567 -58.23 2.29 -38.24
C VAL G 567 -57.64 1.10 -37.49
N GLY G 568 -58.44 0.05 -37.33
CA GLY G 568 -57.96 -1.13 -36.64
C GLY G 568 -56.90 -1.84 -37.42
N GLY G 569 -55.97 -2.47 -36.71
CA GLY G 569 -54.89 -3.19 -37.35
C GLY G 569 -55.05 -4.69 -37.27
N THR G 570 -53.94 -5.36 -36.98
CA THR G 570 -53.92 -6.81 -36.92
C THR G 570 -52.89 -7.31 -35.90
N PHE G 571 -52.96 -8.60 -35.62
CA PHE G 571 -52.03 -9.25 -34.70
C PHE G 571 -51.91 -10.65 -35.28
N ALA G 572 -51.14 -11.53 -34.65
CA ALA G 572 -51.03 -12.87 -35.20
C ALA G 572 -50.89 -13.95 -34.14
N ARG G 573 -51.24 -15.17 -34.52
CA ARG G 573 -51.13 -16.30 -33.61
C ARG G 573 -50.43 -17.43 -34.32
N LEU G 574 -49.56 -18.12 -33.59
CA LEU G 574 -48.82 -19.24 -34.15
C LEU G 574 -49.11 -20.47 -33.33
N TYR G 575 -48.98 -21.63 -33.95
CA TYR G 575 -49.19 -22.90 -33.25
C TYR G 575 -47.86 -23.62 -33.40
N LEU G 576 -47.29 -24.09 -32.30
CA LEU G 576 -46.00 -24.77 -32.36
C LEU G 576 -45.97 -26.15 -31.74
N ARG G 577 -45.13 -27.02 -32.31
CA ARG G 577 -44.90 -28.36 -31.80
C ARG G 577 -43.83 -29.02 -32.64
N ARG G 578 -42.67 -29.19 -32.02
CA ARG G 578 -41.52 -29.79 -32.70
C ARG G 578 -41.77 -31.28 -32.95
N PRO G 579 -41.82 -31.68 -34.24
CA PRO G 579 -42.06 -33.05 -34.72
C PRO G 579 -41.04 -34.11 -34.33
N ALA G 580 -41.37 -35.36 -34.65
CA ALA G 580 -40.52 -36.53 -34.36
C ALA G 580 -39.20 -36.48 -35.13
N ALA G 581 -38.12 -36.61 -34.37
CA ALA G 581 -36.74 -36.58 -34.82
C ALA G 581 -36.30 -36.91 -36.26
N ASP G 582 -36.49 -38.14 -36.72
CA ASP G 582 -36.00 -38.52 -38.05
C ASP G 582 -36.76 -38.31 -39.36
N GLY G 583 -35.95 -38.12 -40.42
CA GLY G 583 -36.45 -37.90 -41.76
C GLY G 583 -35.66 -36.75 -42.35
N ALA G 584 -36.04 -36.28 -43.53
CA ALA G 584 -35.35 -35.16 -44.16
C ALA G 584 -35.45 -33.99 -43.17
N GLU G 585 -34.42 -33.93 -42.32
CA GLU G 585 -34.27 -32.93 -41.27
C GLU G 585 -35.37 -31.88 -41.02
N ARG G 586 -35.22 -30.74 -41.68
CA ARG G 586 -36.16 -29.66 -41.48
C ARG G 586 -37.63 -29.99 -41.53
N GLN G 587 -38.21 -29.94 -40.34
CA GLN G 587 -39.62 -30.13 -40.12
C GLN G 587 -39.84 -28.91 -39.25
N SER G 588 -40.35 -27.85 -39.85
CA SER G 588 -40.60 -26.63 -39.12
C SER G 588 -41.45 -26.85 -37.88
N PRO G 589 -40.96 -26.43 -36.72
CA PRO G 589 -41.76 -26.64 -35.50
C PRO G 589 -43.01 -25.76 -35.54
N CYS G 590 -43.04 -24.82 -36.47
CA CYS G 590 -44.19 -23.94 -36.61
C CYS G 590 -45.19 -24.64 -37.52
N ILE G 591 -46.33 -25.06 -36.95
CA ILE G 591 -47.37 -25.77 -37.66
C ILE G 591 -48.36 -24.88 -38.41
N ALA G 592 -48.71 -23.75 -37.81
CA ALA G 592 -49.67 -22.88 -38.47
C ALA G 592 -49.61 -21.48 -37.91
N VAL G 593 -49.96 -20.51 -38.76
CA VAL G 593 -49.96 -19.13 -38.34
C VAL G 593 -51.18 -18.45 -38.94
N GLN G 594 -51.66 -17.44 -38.25
CA GLN G 594 -52.82 -16.70 -38.72
C GLN G 594 -52.66 -15.23 -38.36
N VAL G 595 -53.02 -14.36 -39.28
CA VAL G 595 -52.97 -12.93 -39.00
C VAL G 595 -54.44 -12.57 -38.89
N VAL G 596 -54.82 -12.06 -37.73
CA VAL G 596 -56.19 -11.71 -37.44
C VAL G 596 -56.36 -10.21 -37.27
N ARG G 597 -57.55 -9.71 -37.59
CA ARG G 597 -57.85 -8.30 -37.43
C ARG G 597 -58.31 -8.08 -35.99
N ILE G 598 -57.95 -6.94 -35.40
CA ILE G 598 -58.39 -6.64 -34.06
C ILE G 598 -59.75 -5.94 -34.23
N GLN H 2 -9.50 29.86 -17.71
CA GLN H 2 -10.83 29.26 -17.43
C GLN H 2 -11.88 29.80 -18.40
N LEU H 3 -12.69 28.89 -18.95
CA LEU H 3 -13.73 29.28 -19.90
C LEU H 3 -14.98 29.75 -19.14
N THR H 4 -15.69 30.73 -19.69
CA THR H 4 -16.87 31.31 -19.03
C THR H 4 -18.22 30.75 -19.46
N ASP H 5 -19.04 30.36 -18.47
CA ASP H 5 -20.34 29.77 -18.75
C ASP H 5 -21.06 30.34 -19.97
N GLU H 6 -20.98 31.65 -20.17
CA GLU H 6 -21.66 32.25 -21.31
C GLU H 6 -21.08 31.85 -22.66
N GLU H 7 -19.76 31.67 -22.72
CA GLU H 7 -19.12 31.29 -23.96
C GLU H 7 -19.12 29.78 -24.16
N LYS H 8 -19.07 29.04 -23.06
CA LYS H 8 -19.05 27.59 -23.13
C LYS H 8 -20.35 27.05 -23.73
N TYR H 9 -21.46 27.72 -23.45
CA TYR H 9 -22.76 27.29 -23.96
C TYR H 9 -23.24 28.23 -25.06
N ARG H 10 -22.32 28.98 -25.64
CA ARG H 10 -22.64 29.95 -26.69
C ARG H 10 -23.31 29.37 -27.92
N ASP H 11 -22.85 28.22 -28.38
CA ASP H 11 -23.41 27.60 -29.58
C ASP H 11 -24.54 26.61 -29.31
N CYS H 12 -24.82 26.33 -28.04
CA CYS H 12 -25.88 25.39 -27.67
C CYS H 12 -27.27 25.91 -28.01
N GLU H 13 -28.18 24.99 -28.29
CA GLU H 13 -29.53 25.36 -28.62
C GLU H 13 -30.26 25.69 -27.32
N ARG H 14 -31.04 26.75 -27.33
CA ARG H 14 -31.79 27.15 -26.13
C ARG H 14 -33.02 26.26 -25.94
N PHE H 15 -33.38 26.02 -24.69
CA PHE H 15 -34.56 25.21 -24.39
C PHE H 15 -35.81 26.04 -24.66
N LYS H 16 -36.67 25.53 -25.53
CA LYS H 16 -37.90 26.22 -25.85
C LYS H 16 -39.08 25.34 -25.50
N CYS H 17 -40.12 25.97 -24.96
CA CYS H 17 -41.33 25.25 -24.57
C CYS H 17 -42.48 26.25 -24.54
N PRO H 18 -43.53 25.96 -25.30
CA PRO H 18 -44.70 26.84 -25.36
C PRO H 18 -45.59 26.74 -24.12
N CYS H 19 -46.09 27.87 -23.67
CA CYS H 19 -46.96 27.92 -22.50
C CYS H 19 -48.19 27.04 -22.77
N PRO H 20 -48.48 26.09 -21.88
CA PRO H 20 -49.63 25.21 -22.07
C PRO H 20 -50.94 25.98 -22.04
N THR H 21 -50.89 27.20 -21.51
CA THR H 21 -52.06 28.04 -21.40
C THR H 21 -52.20 29.03 -22.53
N CYS H 22 -51.38 30.08 -22.56
CA CYS H 22 -51.49 31.08 -23.62
C CYS H 22 -50.95 30.62 -24.96
N GLY H 23 -49.99 29.72 -24.96
CA GLY H 23 -49.44 29.22 -26.21
C GLY H 23 -48.14 29.83 -26.70
N THR H 24 -47.72 30.97 -26.14
CA THR H 24 -46.48 31.60 -26.59
C THR H 24 -45.25 30.78 -26.19
N GLU H 25 -44.26 30.80 -27.08
CA GLU H 25 -43.03 30.07 -26.86
C GLU H 25 -42.10 30.75 -25.87
N ASN H 26 -41.81 30.07 -24.77
CA ASN H 26 -40.88 30.61 -23.77
C ASN H 26 -39.51 30.03 -24.07
N ILE H 27 -38.47 30.83 -23.84
CA ILE H 27 -37.11 30.38 -24.11
C ILE H 27 -36.29 30.44 -22.82
N TYR H 28 -35.55 29.39 -22.53
CA TYR H 28 -34.76 29.35 -21.31
C TYR H 28 -33.27 29.17 -21.59
N ASP H 29 -32.45 29.95 -20.90
CA ASP H 29 -31.00 29.89 -21.10
C ASP H 29 -30.27 29.99 -19.77
N ASN H 30 -31.04 30.22 -18.71
CA ASN H 30 -30.45 30.32 -17.38
C ASN H 30 -31.53 30.08 -16.33
N VAL H 31 -31.09 29.80 -15.10
CA VAL H 31 -32.01 29.58 -13.99
C VAL H 31 -32.78 30.86 -13.74
N PHE H 32 -32.04 31.97 -13.79
CA PHE H 32 -32.59 33.31 -13.55
C PHE H 32 -32.85 34.12 -14.81
N ASP H 33 -33.79 35.04 -14.70
CA ASP H 33 -34.16 35.90 -15.80
C ASP H 33 -33.95 37.34 -15.35
N GLY H 34 -33.20 38.11 -16.13
CA GLY H 34 -32.98 39.49 -15.75
C GLY H 34 -31.76 39.67 -14.87
N SER H 35 -31.59 40.90 -14.40
CA SER H 35 -30.44 41.24 -13.58
C SER H 35 -30.63 41.63 -12.13
N GLY H 36 -29.54 41.51 -11.39
CA GLY H 36 -29.46 41.86 -9.97
C GLY H 36 -30.63 41.86 -9.03
N THR H 37 -31.35 42.97 -8.96
CA THR H 37 -32.48 43.10 -8.04
C THR H 37 -33.83 42.64 -8.57
N ASP H 38 -34.11 42.89 -9.84
CA ASP H 38 -35.38 42.46 -10.40
C ASP H 38 -35.24 41.09 -11.06
N MET H 39 -34.28 40.34 -10.54
CA MET H 39 -33.98 39.01 -11.02
C MET H 39 -35.04 38.04 -10.51
N GLU H 40 -35.68 37.31 -11.42
CA GLU H 40 -36.69 36.33 -11.06
C GLU H 40 -36.34 35.03 -11.75
N PRO H 41 -36.69 33.88 -11.14
CA PRO H 41 -36.37 32.63 -11.82
C PRO H 41 -37.14 32.63 -13.13
N SER H 42 -36.44 32.45 -14.24
CA SER H 42 -37.07 32.46 -15.57
C SER H 42 -38.36 31.65 -15.65
N LEU H 43 -38.43 30.63 -14.82
CA LEU H 43 -39.57 29.72 -14.76
C LEU H 43 -40.72 30.28 -13.91
N TYR H 44 -40.56 31.49 -13.40
CA TYR H 44 -41.60 32.09 -12.57
C TYR H 44 -42.78 32.63 -13.36
N ARG H 45 -42.51 33.33 -14.46
CA ARG H 45 -43.61 33.86 -15.26
C ARG H 45 -43.47 33.56 -16.73
N CYS H 46 -44.61 33.58 -17.40
CA CYS H 46 -44.69 33.35 -18.83
C CYS H 46 -43.98 34.57 -19.44
N SER H 47 -43.64 34.50 -20.72
CA SER H 47 -42.98 35.64 -21.35
C SER H 47 -44.05 36.56 -21.93
N ASN H 48 -45.23 35.99 -22.14
CA ASN H 48 -46.38 36.73 -22.64
C ASN H 48 -46.89 37.42 -21.37
N ILE H 49 -46.98 38.75 -21.37
CA ILE H 49 -47.42 39.45 -20.17
C ILE H 49 -48.93 39.34 -19.89
N ASP H 50 -49.70 38.94 -20.90
CA ASP H 50 -51.15 38.77 -20.74
C ASP H 50 -51.52 37.35 -20.34
N CYS H 51 -50.50 36.58 -19.96
CA CYS H 51 -50.67 35.21 -19.51
C CYS H 51 -50.20 35.26 -18.06
N LYS H 52 -51.05 34.82 -17.14
CA LYS H 52 -50.73 34.83 -15.73
C LYS H 52 -50.39 33.44 -15.22
N ALA H 53 -50.13 32.52 -16.14
CA ALA H 53 -49.78 31.15 -15.77
C ALA H 53 -48.29 31.10 -15.47
N SER H 54 -47.91 30.33 -14.47
CA SER H 54 -46.52 30.18 -14.10
C SER H 54 -46.00 28.87 -14.66
N PRO H 55 -44.87 28.90 -15.38
CA PRO H 55 -44.33 27.66 -15.94
C PRO H 55 -44.05 26.63 -14.86
N LEU H 56 -43.81 27.10 -13.64
CA LEU H 56 -43.54 26.22 -12.50
C LEU H 56 -44.75 25.33 -12.24
N THR H 57 -45.89 25.70 -12.83
CA THR H 57 -47.11 24.93 -12.67
C THR H 57 -47.19 23.79 -13.69
N PHE H 58 -46.38 23.89 -14.75
CA PHE H 58 -46.40 22.88 -15.80
C PHE H 58 -45.09 22.13 -15.90
N THR H 59 -44.49 21.83 -14.75
CA THR H 59 -43.24 21.10 -14.66
C THR H 59 -43.33 19.79 -15.44
N VAL H 60 -44.50 19.17 -15.43
CA VAL H 60 -44.69 17.92 -16.13
C VAL H 60 -44.48 18.12 -17.63
N GLN H 61 -45.12 19.15 -18.19
CA GLN H 61 -44.97 19.41 -19.61
C GLN H 61 -43.54 19.82 -19.99
N LEU H 62 -42.82 20.46 -19.09
CA LEU H 62 -41.45 20.85 -19.40
C LEU H 62 -40.56 19.62 -19.46
N SER H 63 -40.72 18.74 -18.49
CA SER H 63 -39.92 17.54 -18.44
C SER H 63 -40.18 16.73 -19.70
N ASN H 64 -41.43 16.63 -20.11
CA ASN H 64 -41.73 15.86 -21.31
C ASN H 64 -41.04 16.49 -22.50
N LYS H 65 -41.01 17.82 -22.54
CA LYS H 65 -40.38 18.53 -23.66
C LYS H 65 -38.87 18.29 -23.65
N LEU H 66 -38.24 18.36 -22.48
CA LEU H 66 -36.81 18.12 -22.39
C LEU H 66 -36.47 16.76 -22.97
N ILE H 67 -37.27 15.75 -22.64
CA ILE H 67 -37.06 14.40 -23.14
C ILE H 67 -37.11 14.40 -24.67
N MET H 68 -38.13 15.04 -25.23
CA MET H 68 -38.30 15.16 -26.68
C MET H 68 -37.01 15.72 -27.31
N ASP H 69 -36.53 16.84 -26.76
CA ASP H 69 -35.33 17.52 -27.22
C ASP H 69 -34.09 16.66 -27.08
N ILE H 70 -33.88 16.13 -25.88
CA ILE H 70 -32.71 15.30 -25.66
C ILE H 70 -32.68 14.14 -26.67
N ARG H 71 -33.83 13.57 -27.00
CA ARG H 71 -33.85 12.46 -27.95
C ARG H 71 -33.34 12.96 -29.29
N ARG H 72 -33.85 14.13 -29.68
CA ARG H 72 -33.48 14.77 -30.93
C ARG H 72 -31.98 14.96 -31.08
N PHE H 73 -31.32 15.40 -30.00
CA PHE H 73 -29.88 15.62 -30.04
C PHE H 73 -29.09 14.33 -30.12
N ILE H 74 -29.47 13.34 -29.32
CA ILE H 74 -28.76 12.09 -29.34
C ILE H 74 -28.93 11.43 -30.68
N LYS H 75 -30.10 11.59 -31.27
CA LYS H 75 -30.32 10.98 -32.58
C LYS H 75 -29.56 11.72 -33.67
N LYS H 76 -29.37 13.01 -33.47
CA LYS H 76 -28.64 13.84 -34.42
C LYS H 76 -27.17 13.42 -34.35
N TYR H 77 -26.66 13.20 -33.16
CA TYR H 77 -25.28 12.78 -33.00
C TYR H 77 -25.06 11.44 -33.66
N TYR H 78 -25.97 10.49 -33.41
CA TYR H 78 -25.86 9.15 -33.95
C TYR H 78 -26.12 9.02 -35.45
N ASP H 79 -26.69 10.06 -36.07
CA ASP H 79 -26.93 10.00 -37.52
C ASP H 79 -25.60 9.90 -38.23
N GLY H 80 -24.54 10.33 -37.53
CA GLY H 80 -23.20 10.25 -38.05
C GLY H 80 -22.83 11.01 -39.31
N TRP H 81 -23.48 12.15 -39.55
CA TRP H 81 -23.15 12.95 -40.73
C TRP H 81 -21.68 13.37 -40.66
N LEU H 82 -20.95 13.12 -41.74
CA LEU H 82 -19.55 13.49 -41.84
C LEU H 82 -19.39 14.48 -43.00
N ILE H 83 -18.46 15.41 -42.84
CA ILE H 83 -18.24 16.42 -43.87
C ILE H 83 -16.75 16.61 -44.10
N CYS H 84 -16.33 16.65 -45.36
CA CYS H 84 -14.92 16.82 -45.70
C CYS H 84 -14.39 18.18 -45.24
N GLU H 85 -13.18 18.19 -44.70
CA GLU H 85 -12.59 19.43 -44.21
C GLU H 85 -12.05 20.34 -45.33
N GLU H 86 -11.91 19.81 -46.54
CA GLU H 86 -11.42 20.62 -47.65
C GLU H 86 -12.55 21.47 -48.18
N PRO H 87 -12.42 22.80 -48.08
CA PRO H 87 -13.41 23.79 -48.53
C PRO H 87 -13.89 23.63 -49.97
N THR H 88 -13.06 23.02 -50.80
CA THR H 88 -13.40 22.80 -52.19
C THR H 88 -14.14 21.50 -52.43
N CYS H 89 -14.19 20.65 -51.41
CA CYS H 89 -14.86 19.36 -51.50
C CYS H 89 -16.18 19.41 -50.73
N ARG H 90 -16.08 19.50 -49.42
CA ARG H 90 -17.26 19.56 -48.56
C ARG H 90 -18.24 18.41 -48.79
N ASN H 91 -17.69 17.27 -49.17
CA ASN H 91 -18.49 16.08 -49.41
C ASN H 91 -19.17 15.76 -48.08
N ARG H 92 -20.46 15.43 -48.13
CA ARG H 92 -21.23 15.13 -46.93
C ARG H 92 -21.79 13.71 -46.99
N THR H 93 -21.42 12.87 -46.04
CA THR H 93 -21.90 11.50 -46.05
C THR H 93 -22.16 10.93 -44.66
N ARG H 94 -22.99 9.89 -44.60
CA ARG H 94 -23.29 9.21 -43.34
C ARG H 94 -22.60 7.87 -43.37
N HIS H 95 -21.85 7.64 -44.43
CA HIS H 95 -21.13 6.37 -44.62
C HIS H 95 -19.68 6.49 -44.19
N LEU H 96 -19.35 5.97 -43.01
CA LEU H 96 -17.99 6.02 -42.52
C LEU H 96 -17.12 5.10 -43.39
N PRO H 97 -16.09 5.66 -44.05
CA PRO H 97 -15.19 4.88 -44.91
C PRO H 97 -14.19 4.06 -44.08
N LEU H 98 -13.97 2.82 -44.49
CA LEU H 98 -13.05 1.94 -43.77
C LEU H 98 -11.61 2.35 -43.98
N GLN H 99 -11.39 3.20 -44.97
CA GLN H 99 -10.07 3.68 -45.34
C GLN H 99 -9.77 4.94 -44.53
N PHE H 100 -8.89 4.81 -43.54
CA PHE H 100 -8.51 5.91 -42.67
C PHE H 100 -7.13 6.44 -43.04
N SER H 101 -6.93 7.74 -42.82
CA SER H 101 -5.63 8.34 -43.05
C SER H 101 -5.11 8.52 -41.64
N ARG H 102 -4.04 9.26 -41.48
CA ARG H 102 -3.49 9.45 -40.15
C ARG H 102 -4.42 10.21 -39.20
N THR H 103 -5.26 11.10 -39.73
CA THR H 103 -6.15 11.87 -38.88
C THR H 103 -7.63 11.49 -38.92
N GLY H 104 -7.94 10.33 -39.51
CA GLY H 104 -9.32 9.89 -39.55
C GLY H 104 -9.81 9.41 -40.88
N PRO H 105 -11.12 9.23 -41.03
CA PRO H 105 -11.70 8.76 -42.30
C PRO H 105 -11.24 9.62 -43.48
N LEU H 106 -10.90 8.96 -44.58
CA LEU H 106 -10.44 9.63 -45.78
C LEU H 106 -11.63 9.88 -46.72
N CYS H 107 -11.85 11.15 -47.06
CA CYS H 107 -12.94 11.52 -47.95
C CYS H 107 -12.85 10.70 -49.24
N PRO H 108 -13.93 10.02 -49.63
CA PRO H 108 -13.86 9.24 -50.87
C PRO H 108 -14.05 10.08 -52.14
N ALA H 109 -14.53 11.32 -51.99
CA ALA H 109 -14.73 12.22 -53.12
C ALA H 109 -13.34 12.68 -53.55
N CYS H 110 -12.77 13.62 -52.81
CA CYS H 110 -11.41 14.05 -53.06
C CYS H 110 -10.73 12.95 -52.25
N MET H 111 -9.54 12.51 -52.60
CA MET H 111 -8.97 11.46 -51.78
C MET H 111 -7.82 11.99 -50.95
N LYS H 112 -7.88 13.25 -50.57
CA LYS H 112 -6.78 13.84 -49.80
C LYS H 112 -7.21 14.68 -48.62
N ALA H 113 -8.43 14.46 -48.13
CA ALA H 113 -8.92 15.22 -46.99
C ALA H 113 -9.63 14.30 -46.00
N THR H 114 -9.66 14.72 -44.74
CA THR H 114 -10.29 13.92 -43.69
C THR H 114 -11.74 14.37 -43.47
N LEU H 115 -12.61 13.40 -43.21
CA LEU H 115 -14.02 13.67 -42.95
C LEU H 115 -14.17 14.01 -41.47
N GLN H 116 -14.93 15.06 -41.18
CA GLN H 116 -15.16 15.47 -39.80
C GLN H 116 -16.62 15.33 -39.41
N PRO H 117 -16.91 14.91 -38.16
CA PRO H 117 -18.29 14.77 -37.72
C PRO H 117 -18.99 16.12 -37.81
N GLU H 118 -20.18 16.15 -38.41
CA GLU H 118 -20.92 17.39 -38.54
C GLU H 118 -21.38 17.87 -37.17
N TYR H 119 -21.81 16.93 -36.33
CA TYR H 119 -22.26 17.23 -34.97
C TYR H 119 -21.40 16.36 -34.06
N SER H 120 -20.31 16.94 -33.58
CA SER H 120 -19.34 16.24 -32.75
C SER H 120 -19.84 15.80 -31.41
N ASP H 121 -19.13 14.85 -30.81
CA ASP H 121 -19.52 14.36 -29.50
C ASP H 121 -19.30 15.43 -28.44
N LYS H 122 -18.38 16.36 -28.71
CA LYS H 122 -18.16 17.40 -27.74
C LYS H 122 -19.33 18.39 -27.81
N SER H 123 -19.93 18.55 -28.98
CA SER H 123 -21.06 19.47 -29.11
C SER H 123 -22.28 18.90 -28.39
N LEU H 124 -22.51 17.59 -28.55
CA LEU H 124 -23.64 16.93 -27.91
C LEU H 124 -23.50 16.99 -26.40
N TYR H 125 -22.30 16.68 -25.93
CA TYR H 125 -22.02 16.70 -24.50
C TYR H 125 -22.23 18.10 -23.92
N THR H 126 -21.80 19.12 -24.64
CA THR H 126 -21.98 20.50 -24.16
C THR H 126 -23.46 20.83 -24.11
N GLN H 127 -24.20 20.38 -25.12
CA GLN H 127 -25.65 20.63 -25.20
C GLN H 127 -26.39 20.07 -24.02
N LEU H 128 -26.00 18.86 -23.60
CA LEU H 128 -26.66 18.22 -22.48
C LEU H 128 -26.28 18.92 -21.19
N CYS H 129 -25.03 19.37 -21.10
CA CYS H 129 -24.60 20.08 -19.91
C CYS H 129 -25.34 21.42 -19.79
N PHE H 130 -25.68 22.00 -20.93
CA PHE H 130 -26.40 23.25 -20.95
C PHE H 130 -27.81 23.02 -20.40
N TYR H 131 -28.48 21.97 -20.90
CA TYR H 131 -29.83 21.64 -20.46
C TYR H 131 -29.87 21.31 -18.97
N ARG H 132 -28.71 21.00 -18.42
CA ARG H 132 -28.59 20.66 -17.03
C ARG H 132 -28.29 21.95 -16.25
N TYR H 133 -27.51 22.84 -16.87
CA TYR H 133 -27.14 24.13 -16.27
C TYR H 133 -28.30 25.12 -16.14
N ILE H 134 -29.23 25.11 -17.08
CA ILE H 134 -30.35 26.03 -17.00
C ILE H 134 -31.38 25.66 -15.94
N PHE H 135 -31.15 24.54 -15.25
CA PHE H 135 -32.07 24.08 -14.22
C PHE H 135 -31.33 23.74 -12.94
N ASP H 136 -30.02 23.97 -12.91
CA ASP H 136 -29.25 23.72 -11.71
C ASP H 136 -29.39 24.95 -10.83
N ALA H 137 -30.48 25.01 -10.08
CA ALA H 137 -30.75 26.16 -9.23
C ALA H 137 -29.74 26.32 -8.10
N GLU H 138 -29.33 25.22 -7.49
CA GLU H 138 -28.37 25.29 -6.39
C GLU H 138 -27.09 25.98 -6.85
N CYS H 139 -26.67 25.65 -8.07
CA CYS H 139 -25.45 26.21 -8.65
C CYS H 139 -25.61 27.69 -9.03
N ALA H 140 -26.75 28.05 -9.62
CA ALA H 140 -27.00 29.43 -10.01
C ALA H 140 -27.07 30.33 -8.79
N LEU H 141 -27.34 29.72 -7.63
CA LEU H 141 -27.44 30.44 -6.36
C LEU H 141 -26.05 30.59 -5.71
N GLU H 142 -25.23 29.56 -5.83
CA GLU H 142 -23.87 29.58 -5.26
C GLU H 142 -23.02 30.55 -6.06
N LYS H 143 -23.53 30.97 -7.23
CA LYS H 143 -22.84 31.90 -8.10
C LYS H 143 -23.20 33.33 -7.75
N LEU H 144 -23.80 33.50 -6.58
CA LEU H 144 -24.16 34.82 -6.08
C LEU H 144 -23.19 35.11 -4.94
N THR H 145 -22.57 36.28 -4.99
CA THR H 145 -21.58 36.71 -4.01
C THR H 145 -22.03 36.85 -2.56
N THR H 146 -23.03 37.69 -2.35
CA THR H 146 -23.54 37.96 -1.01
C THR H 146 -24.67 37.03 -0.59
N ASP H 147 -24.52 36.42 0.59
CA ASP H 147 -25.53 35.52 1.11
C ASP H 147 -26.87 36.22 1.33
N HIS H 148 -26.88 37.55 1.31
CA HIS H 148 -28.11 38.33 1.49
C HIS H 148 -28.90 38.19 0.18
N GLU H 149 -28.28 38.59 -0.94
CA GLU H 149 -28.93 38.50 -2.24
C GLU H 149 -29.53 37.11 -2.45
N LYS H 150 -28.74 36.09 -2.13
CA LYS H 150 -29.17 34.72 -2.30
C LYS H 150 -30.39 34.36 -1.45
N ASP H 151 -30.26 34.45 -0.14
CA ASP H 151 -31.36 34.08 0.74
C ASP H 151 -32.66 34.88 0.61
N LYS H 152 -32.58 36.12 0.14
CA LYS H 152 -33.82 36.90 -0.03
C LYS H 152 -34.55 36.18 -1.15
N LEU H 153 -33.77 35.78 -2.14
CA LEU H 153 -34.23 35.08 -3.33
C LEU H 153 -34.64 33.64 -2.98
N LYS H 154 -33.81 33.00 -2.17
CA LYS H 154 -34.05 31.62 -1.73
C LYS H 154 -35.34 31.54 -0.91
N LYS H 155 -35.61 32.59 -0.15
CA LYS H 155 -36.80 32.64 0.68
C LYS H 155 -38.03 33.04 -0.12
N GLN H 156 -37.82 33.86 -1.14
CA GLN H 156 -38.90 34.35 -1.98
C GLN H 156 -39.44 33.32 -3.00
N PHE H 157 -38.54 32.65 -3.71
CA PHE H 157 -38.97 31.69 -4.73
C PHE H 157 -38.60 30.23 -4.56
N PHE H 158 -37.40 29.96 -4.05
CA PHE H 158 -36.94 28.58 -3.93
C PHE H 158 -37.32 27.80 -2.67
N THR H 159 -38.59 27.41 -2.60
CA THR H 159 -39.11 26.63 -1.47
C THR H 159 -38.54 25.23 -1.69
N PRO H 160 -38.60 24.37 -0.66
CA PRO H 160 -38.06 23.02 -0.84
C PRO H 160 -38.70 22.28 -2.02
N LYS H 161 -39.98 22.58 -2.28
CA LYS H 161 -40.72 21.96 -3.36
C LYS H 161 -40.25 22.45 -4.72
N VAL H 162 -40.03 23.76 -4.82
CA VAL H 162 -39.56 24.32 -6.09
C VAL H 162 -38.16 23.79 -6.37
N LEU H 163 -37.33 23.73 -5.35
CA LEU H 163 -35.98 23.22 -5.54
C LEU H 163 -36.08 21.78 -6.05
N GLN H 164 -37.09 21.05 -5.60
CA GLN H 164 -37.25 19.68 -6.06
C GLN H 164 -37.60 19.66 -7.54
N ASP H 165 -38.50 20.56 -7.94
CA ASP H 165 -38.92 20.65 -9.33
C ASP H 165 -37.71 20.88 -10.23
N TYR H 166 -36.82 21.77 -9.79
CA TYR H 166 -35.63 22.08 -10.56
C TYR H 166 -34.72 20.86 -10.63
N ARG H 167 -34.50 20.21 -9.50
CA ARG H 167 -33.64 19.02 -9.46
C ARG H 167 -34.15 17.99 -10.45
N LYS H 168 -35.46 17.86 -10.52
CA LYS H 168 -36.11 16.91 -11.41
C LYS H 168 -35.77 17.23 -12.86
N LEU H 169 -36.06 18.46 -13.29
CA LEU H 169 -35.79 18.88 -14.66
C LEU H 169 -34.31 18.75 -14.96
N LYS H 170 -33.48 19.19 -14.02
CA LYS H 170 -32.03 19.13 -14.15
C LYS H 170 -31.51 17.72 -14.40
N ASN H 171 -32.16 16.71 -13.83
CA ASN H 171 -31.70 15.36 -14.03
C ASN H 171 -32.48 14.60 -15.08
N THR H 172 -33.32 15.31 -15.83
CA THR H 172 -34.09 14.66 -16.87
C THR H 172 -33.07 14.06 -17.83
N ALA H 173 -31.91 14.69 -17.87
CA ALA H 173 -30.81 14.25 -18.71
C ALA H 173 -30.51 12.75 -18.52
N GLU H 174 -30.01 12.38 -17.35
CA GLU H 174 -29.64 10.99 -17.07
C GLU H 174 -30.76 10.16 -16.41
N GLN H 175 -31.99 10.65 -16.45
CA GLN H 175 -33.12 9.96 -15.82
C GLN H 175 -33.88 9.00 -16.74
N PHE H 176 -33.67 9.12 -18.05
CA PHE H 176 -34.35 8.22 -18.98
C PHE H 176 -33.40 7.53 -19.97
N LEU H 177 -32.11 7.85 -19.90
CA LEU H 177 -31.10 7.29 -20.80
C LEU H 177 -30.25 6.16 -20.17
N SER H 178 -29.99 5.11 -20.95
CA SER H 178 -29.18 3.97 -20.48
C SER H 178 -27.70 4.21 -20.83
N ARG H 179 -27.48 4.88 -21.95
CA ARG H 179 -26.15 5.20 -22.45
C ARG H 179 -25.49 6.33 -21.63
N SER H 180 -24.28 6.07 -21.11
CA SER H 180 -23.51 7.03 -20.30
C SER H 180 -24.24 7.59 -19.09
ZN ZN I . -12.55 2.93 46.99
ZN ZN J . 25.46 -8.89 19.58
ZN ZN K . 40.30 3.57 11.33
ZN ZN L . 27.23 38.55 41.63
ZN ZN M . 25.82 -16.49 1.39
ZN ZN N . 8.38 -22.27 -42.99
ZN ZN O . -48.49 31.73 -21.27
ZN ZN P . -13.20 15.82 -49.65
#